data_8BRD
#
_entry.id   8BRD
#
_cell.length_a   1.00
_cell.length_b   1.00
_cell.length_c   1.00
_cell.angle_alpha   90.00
_cell.angle_beta   90.00
_cell.angle_gamma   90.00
#
_symmetry.space_group_name_H-M   'P 1'
#
loop_
_entity.id
_entity.type
_entity.pdbx_description
1 polymer 'Chemotaxis protein PomA'
2 polymer 'Chemotaxis protein PomA'
3 polymer 'Flagellar motor protein,VaPomB'
4 non-polymer 'SODIUM ION'
5 water water
#
loop_
_entity_poly.entity_id
_entity_poly.type
_entity_poly.pdbx_seq_one_letter_code
_entity_poly.pdbx_strand_id
1 'polypeptide(L)'
;LATLLGLIGGFAFVIMAMVLGGSIGMFVDVTSILIVVGGSIFVVLMKFTMGQFFGATKIAGKAFMFKADEPEDLIAKIVE
MADAARKGGFLALEEMEINNTFMQKGIDLLVDGHDADVVRAALKKDIALTDERHTQGTGVFRAFGDVAPAMGMIGTLVGL
VAMLSNMDDPKAIGPAMAVALLTTLYGAILSNMVFFPIADKLSLRRDQETLNRRLIMDGVLAIQDGQNPRVIDSYLKNYL
NEGKRALEID
;
A,E,B
2 'polypeptide(L)'
;MDLATLLGLIGGFAFVIMAMVLGGSIGMFVDVTSILIVVGGSIFVVLMKFTMGQFFGATKIAGKAFMFKADEPEDLIAKI
VEMADAARKGGFLALEEMEINNTFMQKGIDLLVDGHDADVVRAALKKDIALTDERHTQGTGVFRAFGDVAPAMGMIGTLV
GLVAMLSNMDDPKAIGPAMAVALLTTLYGAILSNMVFFPIADKLSLRRDQETLNRRLIMDGVLAIQDGQNPRVIDSYLKN
YLNEGKRALEI
;
D,C
3 'polypeptide(L)' PPPGLPLWMGTFADLMSLLMCFFVLLLSFSEMDVLKFKQIAGSMKFAFGVQ F,G
#
# COMPACT_ATOMS: atom_id res chain seq x y z
N LEU A 1 16.03 -14.70 -27.40
CA LEU A 1 15.33 -13.43 -27.56
C LEU A 1 16.31 -12.27 -27.69
N ALA A 2 15.91 -11.24 -28.46
CA ALA A 2 16.74 -10.05 -28.58
C ALA A 2 16.92 -9.36 -27.23
N THR A 3 15.86 -9.31 -26.42
CA THR A 3 15.99 -8.77 -25.07
C THR A 3 16.92 -9.64 -24.23
N LEU A 4 17.02 -10.94 -24.54
CA LEU A 4 17.94 -11.79 -23.81
C LEU A 4 19.40 -11.58 -24.22
N LEU A 5 19.65 -11.36 -25.50
CA LEU A 5 21.01 -10.96 -25.90
C LEU A 5 21.38 -9.62 -25.28
N GLY A 6 20.44 -8.68 -25.25
CA GLY A 6 20.66 -7.44 -24.53
C GLY A 6 20.89 -7.66 -23.05
N LEU A 7 20.20 -8.66 -22.47
CA LEU A 7 20.41 -9.03 -21.08
C LEU A 7 21.84 -9.47 -20.83
N ILE A 8 22.37 -10.34 -21.71
CA ILE A 8 23.74 -10.82 -21.54
C ILE A 8 24.72 -9.68 -21.69
N GLY A 9 24.53 -8.85 -22.72
CA GLY A 9 25.41 -7.71 -22.92
C GLY A 9 25.39 -6.74 -21.74
N GLY A 10 24.19 -6.47 -21.23
CA GLY A 10 24.08 -5.57 -20.09
C GLY A 10 24.72 -6.14 -18.84
N PHE A 11 24.51 -7.44 -18.58
CA PHE A 11 25.18 -8.09 -17.46
C PHE A 11 26.68 -7.91 -17.55
N ALA A 12 27.26 -8.24 -18.71
CA ALA A 12 28.71 -8.13 -18.87
C ALA A 12 29.17 -6.69 -18.66
N PHE A 13 28.49 -5.74 -19.31
CA PHE A 13 28.92 -4.34 -19.25
C PHE A 13 28.83 -3.80 -17.83
N VAL A 14 27.74 -4.11 -17.13
CA VAL A 14 27.56 -3.57 -15.78
C VAL A 14 28.55 -4.19 -14.80
N ILE A 15 28.84 -5.48 -14.94
CA ILE A 15 29.85 -6.09 -14.07
C ILE A 15 31.22 -5.46 -14.32
N MET A 16 31.58 -5.29 -15.60
CA MET A 16 32.87 -4.70 -15.93
C MET A 16 32.97 -3.26 -15.43
N ALA A 17 31.88 -2.51 -15.52
CA ALA A 17 31.86 -1.13 -15.04
C ALA A 17 31.94 -1.08 -13.53
N MET A 18 31.27 -2.03 -12.85
CA MET A 18 31.25 -2.05 -11.39
C MET A 18 32.62 -2.40 -10.80
N VAL A 19 33.33 -3.34 -11.42
CA VAL A 19 34.54 -3.88 -10.79
C VAL A 19 35.82 -3.15 -11.21
N LEU A 20 35.70 -1.96 -11.83
CA LEU A 20 36.92 -1.28 -12.30
C LEU A 20 37.70 -0.66 -11.16
N GLY A 21 37.02 -0.23 -10.10
CA GLY A 21 37.68 0.52 -9.05
C GLY A 21 38.70 -0.29 -8.29
N GLY A 22 38.34 -1.52 -7.93
CA GLY A 22 39.21 -2.43 -7.24
C GLY A 22 39.34 -3.75 -7.97
N SER A 23 39.21 -4.84 -7.23
CA SER A 23 39.25 -6.19 -7.78
C SER A 23 37.84 -6.74 -7.79
N ILE A 24 37.59 -7.72 -8.66
CA ILE A 24 36.30 -8.38 -8.76
C ILE A 24 35.99 -9.11 -7.45
N GLY A 25 37.03 -9.40 -6.67
CA GLY A 25 36.88 -10.12 -5.43
C GLY A 25 36.12 -9.37 -4.36
N MET A 26 36.07 -8.04 -4.47
CA MET A 26 35.36 -7.24 -3.48
C MET A 26 33.85 -7.44 -3.57
N PHE A 27 33.31 -7.54 -4.79
CA PHE A 27 31.89 -7.69 -5.01
C PHE A 27 31.49 -9.15 -5.25
N VAL A 28 32.44 -10.07 -5.15
CA VAL A 28 32.15 -11.47 -5.41
C VAL A 28 32.40 -12.28 -4.15
N ASP A 29 31.37 -12.96 -3.67
CA ASP A 29 31.47 -13.86 -2.54
C ASP A 29 30.39 -14.92 -2.65
N VAL A 30 30.81 -16.19 -2.64
CA VAL A 30 29.90 -17.31 -2.73
C VAL A 30 29.12 -17.50 -1.44
N THR A 31 29.74 -17.18 -0.30
CA THR A 31 29.04 -17.32 0.98
C THR A 31 27.87 -16.35 1.07
N SER A 32 28.04 -15.11 0.61
CA SER A 32 26.96 -14.12 0.71
C SER A 32 25.79 -14.49 -0.19
N ILE A 33 26.08 -14.85 -1.44
CA ILE A 33 25.01 -15.22 -2.35
C ILE A 33 24.34 -16.50 -1.89
N LEU A 34 25.11 -17.43 -1.31
CA LEU A 34 24.53 -18.65 -0.75
C LEU A 34 23.61 -18.32 0.42
N ILE A 35 24.03 -17.39 1.28
CA ILE A 35 23.18 -17.01 2.40
C ILE A 35 21.86 -16.43 1.90
N VAL A 36 21.94 -15.49 0.97
CA VAL A 36 20.72 -14.83 0.47
C VAL A 36 19.79 -15.85 -0.19
N VAL A 37 20.34 -16.65 -1.10
CA VAL A 37 19.51 -17.59 -1.85
C VAL A 37 18.95 -18.67 -0.93
N GLY A 38 19.77 -19.20 -0.01
CA GLY A 38 19.29 -20.24 0.89
C GLY A 38 18.22 -19.76 1.84
N GLY A 39 18.41 -18.58 2.44
CA GLY A 39 17.38 -18.03 3.30
C GLY A 39 16.10 -17.73 2.56
N SER A 40 16.21 -17.18 1.35
CA SER A 40 15.04 -16.92 0.54
C SER A 40 14.32 -18.22 0.19
N ILE A 41 15.09 -19.27 -0.13
CA ILE A 41 14.50 -20.56 -0.46
C ILE A 41 13.76 -21.12 0.74
N PHE A 42 14.35 -21.03 1.93
CA PHE A 42 13.71 -21.55 3.14
C PHE A 42 12.41 -20.81 3.43
N VAL A 43 12.44 -19.48 3.36
CA VAL A 43 11.22 -18.71 3.61
C VAL A 43 10.15 -19.02 2.57
N VAL A 44 10.53 -19.10 1.29
CA VAL A 44 9.55 -19.36 0.24
C VAL A 44 9.02 -20.79 0.34
N LEU A 45 9.87 -21.73 0.75
CA LEU A 45 9.45 -23.11 0.91
C LEU A 45 8.47 -23.29 2.06
N MET A 46 8.50 -22.39 3.04
CA MET A 46 7.37 -22.54 3.97
C MET A 46 6.03 -22.16 3.35
N LYS A 47 6.00 -21.49 2.20
CA LYS A 47 4.73 -21.12 1.59
C LYS A 47 4.57 -21.70 0.19
N PHE A 48 5.52 -22.50 -0.29
CA PHE A 48 5.40 -23.24 -1.53
C PHE A 48 6.12 -24.55 -1.34
N THR A 49 5.56 -25.63 -1.88
CA THR A 49 6.22 -26.92 -1.71
C THR A 49 7.32 -27.08 -2.76
N MET A 50 8.09 -28.17 -2.63
CA MET A 50 9.16 -28.45 -3.58
C MET A 50 8.62 -28.60 -5.00
N GLY A 51 7.53 -29.35 -5.17
CA GLY A 51 6.93 -29.47 -6.49
C GLY A 51 6.43 -28.14 -7.02
N GLN A 52 5.74 -27.33 -6.25
CA GLN A 52 5.31 -26.00 -6.73
C GLN A 52 6.45 -25.00 -6.95
N PHE A 53 7.56 -25.02 -6.22
CA PHE A 53 8.70 -24.18 -6.55
C PHE A 53 9.39 -24.66 -7.82
N PHE A 54 9.56 -25.98 -7.97
CA PHE A 54 10.15 -26.51 -9.18
C PHE A 54 9.26 -26.27 -10.40
N GLY A 55 7.94 -26.28 -10.20
CA GLY A 55 7.04 -25.92 -11.29
C GLY A 55 7.22 -24.47 -11.72
N ALA A 56 7.31 -23.56 -10.75
CA ALA A 56 7.54 -22.16 -11.09
C ALA A 56 8.87 -21.99 -11.81
N THR A 57 9.90 -22.71 -11.37
CA THR A 57 11.20 -22.63 -12.04
C THR A 57 11.13 -23.16 -13.47
N LYS A 58 10.41 -24.25 -13.68
CA LYS A 58 10.34 -24.82 -15.04
C LYS A 58 9.50 -23.95 -15.96
N ILE A 59 8.44 -23.32 -15.45
CA ILE A 59 7.69 -22.36 -16.26
C ILE A 59 8.51 -21.12 -16.55
N ALA A 60 9.34 -20.68 -15.60
CA ALA A 60 10.27 -19.59 -15.88
C ALA A 60 11.25 -19.99 -16.98
N GLY A 61 11.74 -21.22 -16.94
CA GLY A 61 12.61 -21.73 -17.99
C GLY A 61 11.94 -21.76 -19.35
N LYS A 62 10.68 -22.19 -19.39
CA LYS A 62 9.94 -22.16 -20.65
C LYS A 62 9.73 -20.73 -21.13
N ALA A 63 9.46 -19.81 -20.22
CA ALA A 63 9.22 -18.42 -20.60
C ALA A 63 10.48 -17.72 -21.06
N PHE A 64 11.66 -18.19 -20.64
CA PHE A 64 12.91 -17.56 -21.03
C PHE A 64 13.56 -18.24 -22.23
N MET A 65 13.85 -19.54 -22.12
CA MET A 65 14.52 -20.25 -23.20
C MET A 65 13.70 -20.28 -24.47
N PHE A 66 12.40 -20.53 -24.35
CA PHE A 66 11.51 -20.61 -25.50
C PHE A 66 10.87 -19.24 -25.75
N LYS A 67 10.17 -19.14 -26.87
CA LYS A 67 9.49 -17.91 -27.25
C LYS A 67 8.06 -18.24 -27.67
N ALA A 68 7.10 -17.45 -27.19
CA ALA A 68 5.71 -17.69 -27.52
C ALA A 68 5.48 -17.51 -29.01
N ASP A 69 4.60 -18.35 -29.56
CA ASP A 69 4.24 -18.24 -30.97
C ASP A 69 3.59 -16.90 -31.25
N GLU A 70 3.97 -16.30 -32.38
CA GLU A 70 3.47 -14.98 -32.72
C GLU A 70 1.98 -15.06 -33.07
N PRO A 71 1.20 -14.05 -32.68
CA PRO A 71 -0.23 -14.04 -32.99
C PRO A 71 -0.56 -13.63 -34.42
N GLU A 72 0.40 -13.61 -35.33
CA GLU A 72 0.15 -13.46 -36.76
C GLU A 72 0.29 -14.78 -37.50
N ASP A 73 1.33 -15.55 -37.16
CA ASP A 73 1.44 -16.92 -37.64
C ASP A 73 0.21 -17.72 -37.21
N LEU A 74 -0.32 -17.41 -36.02
CA LEU A 74 -1.53 -18.07 -35.56
C LEU A 74 -2.71 -17.77 -36.47
N ILE A 75 -2.87 -16.50 -36.87
CA ILE A 75 -3.95 -16.15 -37.79
C ILE A 75 -3.76 -16.85 -39.13
N ALA A 76 -2.53 -16.85 -39.63
CA ALA A 76 -2.26 -17.50 -40.91
C ALA A 76 -2.64 -18.98 -40.85
N LYS A 77 -2.19 -19.68 -39.81
CA LYS A 77 -2.50 -21.10 -39.69
C LYS A 77 -4.00 -21.31 -39.54
N ILE A 78 -4.66 -20.50 -38.70
CA ILE A 78 -6.08 -20.68 -38.43
C ILE A 78 -6.89 -20.52 -39.72
N VAL A 79 -6.58 -19.48 -40.50
CA VAL A 79 -7.30 -19.32 -41.76
C VAL A 79 -6.93 -20.42 -42.73
N GLU A 80 -5.75 -21.01 -42.59
CA GLU A 80 -5.40 -22.15 -43.44
C GLU A 80 -6.29 -23.36 -43.16
N MET A 81 -6.44 -23.74 -41.88
CA MET A 81 -7.36 -24.86 -41.67
C MET A 81 -8.81 -24.43 -41.87
N ALA A 82 -9.11 -23.13 -41.80
CA ALA A 82 -10.46 -22.68 -42.16
C ALA A 82 -10.74 -22.94 -43.63
N ASP A 83 -9.78 -22.62 -44.50
CA ASP A 83 -9.90 -22.97 -45.92
C ASP A 83 -10.00 -24.48 -46.10
N ALA A 84 -9.19 -25.23 -45.34
CA ALA A 84 -9.22 -26.69 -45.45
C ALA A 84 -10.61 -27.23 -45.08
N ALA A 85 -11.21 -26.71 -44.02
CA ALA A 85 -12.54 -27.15 -43.61
C ALA A 85 -13.60 -26.72 -44.63
N ARG A 86 -13.47 -25.51 -45.18
CA ARG A 86 -14.43 -25.04 -46.16
C ARG A 86 -14.37 -25.87 -47.44
N LYS A 87 -13.19 -26.37 -47.78
CA LYS A 87 -13.03 -27.18 -48.99
C LYS A 87 -13.37 -28.65 -48.79
N GLY A 88 -13.03 -29.23 -47.63
CA GLY A 88 -13.25 -30.64 -47.43
C GLY A 88 -13.72 -31.04 -46.04
N GLY A 89 -14.33 -30.10 -45.31
CA GLY A 89 -14.85 -30.41 -43.99
C GLY A 89 -13.74 -30.60 -42.96
N PHE A 90 -14.16 -31.04 -41.78
CA PHE A 90 -13.21 -31.32 -40.71
C PHE A 90 -12.28 -32.49 -41.01
N LEU A 91 -12.60 -33.30 -42.02
CA LEU A 91 -11.75 -34.42 -42.38
C LEU A 91 -10.41 -33.97 -42.96
N ALA A 92 -10.28 -32.71 -43.35
CA ALA A 92 -9.01 -32.20 -43.84
C ALA A 92 -8.15 -31.59 -42.74
N LEU A 93 -8.66 -31.49 -41.51
CA LEU A 93 -7.92 -30.82 -40.45
C LEU A 93 -6.80 -31.70 -39.90
N GLU A 94 -7.03 -33.01 -39.83
CA GLU A 94 -6.06 -33.90 -39.18
C GLU A 94 -4.77 -34.00 -39.97
N GLU A 95 -4.85 -34.01 -41.30
CA GLU A 95 -3.66 -34.14 -42.14
C GLU A 95 -2.79 -32.89 -42.13
N MET A 96 -3.27 -31.80 -41.54
CA MET A 96 -2.50 -30.56 -41.50
C MET A 96 -1.28 -30.71 -40.59
N GLU A 97 -0.34 -29.79 -40.75
CA GLU A 97 0.86 -29.74 -39.93
C GLU A 97 0.69 -28.65 -38.88
N ILE A 98 0.85 -29.03 -37.61
CA ILE A 98 0.59 -28.13 -36.48
C ILE A 98 1.78 -28.18 -35.54
N ASN A 99 2.31 -27.01 -35.19
CA ASN A 99 3.40 -26.90 -34.21
C ASN A 99 2.94 -26.30 -32.89
N ASN A 100 1.64 -26.13 -32.69
CA ASN A 100 1.10 -25.57 -31.45
C ASN A 100 0.32 -26.64 -30.71
N THR A 101 0.69 -26.88 -29.46
CA THR A 101 0.04 -27.94 -28.68
C THR A 101 -1.43 -27.62 -28.42
N PHE A 102 -1.74 -26.36 -28.10
CA PHE A 102 -3.12 -25.98 -27.77
C PHE A 102 -4.01 -26.10 -29.00
N MET A 103 -3.56 -25.60 -30.15
CA MET A 103 -4.33 -25.73 -31.38
C MET A 103 -4.47 -27.18 -31.79
N GLN A 104 -3.41 -27.97 -31.61
CA GLN A 104 -3.49 -29.40 -31.92
C GLN A 104 -4.53 -30.08 -31.06
N LYS A 105 -4.55 -29.77 -29.76
CA LYS A 105 -5.56 -30.36 -28.88
C LYS A 105 -6.96 -29.92 -29.29
N GLY A 106 -7.12 -28.64 -29.63
CA GLY A 106 -8.43 -28.15 -30.04
C GLY A 106 -8.95 -28.87 -31.27
N ILE A 107 -8.12 -29.00 -32.30
CA ILE A 107 -8.57 -29.63 -33.53
C ILE A 107 -8.75 -31.13 -33.34
N ASP A 108 -7.92 -31.75 -32.49
CA ASP A 108 -8.08 -33.16 -32.19
C ASP A 108 -9.35 -33.44 -31.39
N LEU A 109 -9.80 -32.49 -30.59
CA LEU A 109 -11.11 -32.61 -29.97
C LEU A 109 -12.23 -32.33 -30.97
N LEU A 110 -11.97 -31.45 -31.94
CA LEU A 110 -12.99 -31.10 -32.92
C LEU A 110 -13.29 -32.26 -33.87
N VAL A 111 -12.27 -32.99 -34.30
CA VAL A 111 -12.47 -34.04 -35.30
C VAL A 111 -13.38 -35.12 -34.74
N ASP A 112 -13.16 -35.50 -33.48
CA ASP A 112 -13.92 -36.57 -32.82
C ASP A 112 -15.42 -36.32 -32.95
N GLY A 113 -15.83 -35.06 -32.80
CA GLY A 113 -17.24 -34.72 -32.92
C GLY A 113 -17.82 -34.25 -31.61
N HIS A 114 -17.94 -32.94 -31.44
CA HIS A 114 -18.44 -32.35 -30.21
C HIS A 114 -19.05 -30.99 -30.54
N ASP A 115 -20.05 -30.58 -29.76
CA ASP A 115 -20.70 -29.32 -30.03
C ASP A 115 -19.86 -28.16 -29.50
N ALA A 116 -20.37 -26.94 -29.71
CA ALA A 116 -19.62 -25.75 -29.35
C ALA A 116 -19.40 -25.66 -27.84
N ASP A 117 -20.41 -26.03 -27.05
CA ASP A 117 -20.34 -25.80 -25.61
C ASP A 117 -19.22 -26.61 -24.96
N VAL A 118 -19.13 -27.91 -25.28
CA VAL A 118 -18.15 -28.75 -24.59
C VAL A 118 -16.72 -28.40 -25.01
N VAL A 119 -16.50 -28.14 -26.30
CA VAL A 119 -15.15 -27.77 -26.74
C VAL A 119 -14.77 -26.42 -26.18
N ARG A 120 -15.72 -25.47 -26.12
CA ARG A 120 -15.43 -24.18 -25.52
C ARG A 120 -15.10 -24.32 -24.05
N ALA A 121 -15.84 -25.16 -23.32
CA ALA A 121 -15.55 -25.37 -21.91
C ALA A 121 -14.17 -25.99 -21.71
N ALA A 122 -13.81 -26.98 -22.54
CA ALA A 122 -12.50 -27.62 -22.41
C ALA A 122 -11.38 -26.63 -22.70
N LEU A 123 -11.53 -25.84 -23.77
CA LEU A 123 -10.50 -24.87 -24.11
C LEU A 123 -10.38 -23.80 -23.03
N LYS A 124 -11.51 -23.33 -22.48
CA LYS A 124 -11.46 -22.35 -21.41
C LYS A 124 -10.84 -22.93 -20.15
N LYS A 125 -11.09 -24.21 -19.87
CA LYS A 125 -10.45 -24.86 -18.73
C LYS A 125 -8.94 -24.91 -18.91
N ASP A 126 -8.48 -25.25 -20.13
CA ASP A 126 -7.04 -25.27 -20.39
C ASP A 126 -6.44 -23.87 -20.28
N ILE A 127 -7.15 -22.86 -20.79
CA ILE A 127 -6.67 -21.49 -20.71
C ILE A 127 -6.54 -21.06 -19.25
N ALA A 128 -7.56 -21.35 -18.45
CA ALA A 128 -7.52 -21.03 -17.03
C ALA A 128 -6.41 -21.79 -16.32
N LEU A 129 -6.17 -23.04 -16.72
CA LEU A 129 -5.08 -23.81 -16.11
C LEU A 129 -3.73 -23.13 -16.36
N THR A 130 -3.46 -22.77 -17.62
CA THR A 130 -2.16 -22.16 -17.92
C THR A 130 -2.06 -20.77 -17.30
N ASP A 131 -3.17 -20.05 -17.22
CA ASP A 131 -3.17 -18.72 -16.61
C ASP A 131 -2.86 -18.81 -15.12
N GLU A 132 -3.53 -19.73 -14.43
CA GLU A 132 -3.28 -19.92 -13.00
C GLU A 132 -1.86 -20.41 -12.77
N ARG A 133 -1.36 -21.28 -13.63
CA ARG A 133 0.01 -21.78 -13.45
C ARG A 133 1.03 -20.66 -13.57
N HIS A 134 0.89 -19.82 -14.59
CA HIS A 134 1.79 -18.67 -14.73
C HIS A 134 1.62 -17.68 -13.59
N THR A 135 0.39 -17.47 -13.12
CA THR A 135 0.14 -16.56 -12.01
C THR A 135 0.81 -17.05 -10.74
N GLN A 136 0.75 -18.37 -10.48
CA GLN A 136 1.40 -18.90 -9.29
C GLN A 136 2.92 -18.88 -9.41
N GLY A 137 3.46 -19.09 -10.61
CA GLY A 137 4.89 -18.90 -10.79
C GLY A 137 5.32 -17.47 -10.55
N THR A 138 4.53 -16.51 -11.03
CA THR A 138 4.78 -15.11 -10.74
C THR A 138 4.72 -14.85 -9.24
N GLY A 139 3.78 -15.49 -8.55
CA GLY A 139 3.72 -15.37 -7.10
C GLY A 139 4.95 -15.91 -6.41
N VAL A 140 5.46 -17.05 -6.89
CA VAL A 140 6.67 -17.63 -6.32
C VAL A 140 7.84 -16.66 -6.45
N PHE A 141 8.01 -16.09 -7.63
CA PHE A 141 9.15 -15.20 -7.83
C PHE A 141 8.96 -13.84 -7.18
N ARG A 142 7.72 -13.39 -7.04
CA ARG A 142 7.46 -12.20 -6.23
C ARG A 142 7.80 -12.45 -4.77
N ALA A 143 7.50 -13.65 -4.25
CA ALA A 143 7.87 -13.98 -2.89
C ALA A 143 9.39 -14.00 -2.72
N PHE A 144 10.09 -14.60 -3.68
CA PHE A 144 11.55 -14.58 -3.65
C PHE A 144 12.09 -13.15 -3.63
N GLY A 145 11.55 -12.29 -4.49
CA GLY A 145 11.99 -10.91 -4.54
C GLY A 145 11.65 -10.13 -3.29
N ASP A 146 10.50 -10.40 -2.69
CA ASP A 146 10.11 -9.74 -1.46
C ASP A 146 11.02 -10.14 -0.29
N VAL A 147 11.46 -11.40 -0.25
CA VAL A 147 12.23 -11.84 0.90
C VAL A 147 13.73 -11.73 0.73
N ALA A 148 14.23 -11.57 -0.51
CA ALA A 148 15.67 -11.52 -0.72
C ALA A 148 16.37 -10.37 -0.02
N PRO A 149 15.88 -9.12 -0.08
CA PRO A 149 16.57 -8.05 0.66
C PRO A 149 16.56 -8.25 2.16
N ALA A 150 15.48 -8.81 2.70
CA ALA A 150 15.43 -9.10 4.13
C ALA A 150 16.45 -10.15 4.52
N MET A 151 16.58 -11.21 3.72
CA MET A 151 17.59 -12.22 3.99
C MET A 151 19.01 -11.67 3.84
N GLY A 152 19.23 -10.80 2.85
CA GLY A 152 20.53 -10.17 2.72
C GLY A 152 20.87 -9.30 3.91
N MET A 153 19.89 -8.58 4.43
CA MET A 153 20.13 -7.76 5.62
C MET A 153 20.34 -8.61 6.87
N ILE A 154 19.64 -9.75 6.98
CA ILE A 154 19.90 -10.66 8.08
C ILE A 154 21.33 -11.19 8.01
N GLY A 155 21.78 -11.55 6.80
CA GLY A 155 23.16 -11.96 6.63
C GLY A 155 24.15 -10.86 6.96
N THR A 156 23.82 -9.62 6.60
CA THR A 156 24.68 -8.49 6.95
C THR A 156 24.75 -8.31 8.45
N LEU A 157 23.62 -8.42 9.14
CA LEU A 157 23.60 -8.28 10.60
C LEU A 157 24.42 -9.36 11.27
N VAL A 158 24.31 -10.60 10.79
CA VAL A 158 25.11 -11.69 11.32
C VAL A 158 26.59 -11.44 11.07
N GLY A 159 26.93 -10.97 9.87
CA GLY A 159 28.31 -10.63 9.59
C GLY A 159 28.83 -9.50 10.45
N LEU A 160 27.98 -8.54 10.77
CA LEU A 160 28.40 -7.41 11.60
C LEU A 160 28.64 -7.85 13.04
N VAL A 161 27.79 -8.70 13.59
CA VAL A 161 28.06 -9.20 14.93
C VAL A 161 29.28 -10.12 14.93
N ALA A 162 29.52 -10.85 13.85
CA ALA A 162 30.76 -11.62 13.74
C ALA A 162 31.99 -10.72 13.66
N MET A 163 31.86 -9.55 13.04
CA MET A 163 32.97 -8.60 12.95
C MET A 163 33.21 -7.91 14.28
N LEU A 164 32.14 -7.57 15.00
CA LEU A 164 32.30 -6.90 16.29
C LEU A 164 32.75 -7.88 17.36
N SER A 165 32.68 -9.17 17.10
CA SER A 165 33.26 -10.19 17.98
C SER A 165 34.69 -10.53 17.63
N ASN A 166 35.19 -10.06 16.48
CA ASN A 166 36.54 -10.35 16.03
C ASN A 166 37.14 -9.07 15.48
N MET A 167 37.70 -8.23 16.38
CA MET A 167 38.20 -6.87 16.01
C MET A 167 39.68 -6.60 16.41
N ASP A 168 40.58 -6.89 15.52
CA ASP A 168 41.96 -6.61 15.99
C ASP A 168 42.52 -5.38 15.30
N ASP A 169 42.78 -5.44 14.01
CA ASP A 169 43.44 -4.33 13.31
C ASP A 169 42.45 -3.24 12.98
N PRO A 170 42.72 -2.00 13.36
CA PRO A 170 41.87 -0.96 12.91
C PRO A 170 41.64 -0.93 11.37
N LYS A 171 42.49 -1.51 10.49
CA LYS A 171 42.43 -1.44 9.03
C LYS A 171 41.62 -2.58 8.42
N ALA A 172 41.26 -3.60 9.19
CA ALA A 172 40.45 -4.71 8.68
C ALA A 172 38.96 -4.49 8.90
N ILE A 173 38.58 -3.49 9.70
CA ILE A 173 37.17 -3.27 10.00
C ILE A 173 36.41 -2.84 8.74
N GLY A 174 37.06 -2.05 7.88
CA GLY A 174 36.46 -1.62 6.65
C GLY A 174 36.17 -2.75 5.68
N PRO A 175 37.17 -3.57 5.36
CA PRO A 175 36.90 -4.75 4.54
C PRO A 175 35.90 -5.71 5.16
N ALA A 176 35.92 -5.88 6.49
CA ALA A 176 34.95 -6.75 7.13
C ALA A 176 33.53 -6.21 6.95
N MET A 177 33.36 -4.89 7.12
CA MET A 177 32.05 -4.30 6.90
C MET A 177 31.61 -4.39 5.45
N ALA A 178 32.55 -4.24 4.51
CA ALA A 178 32.22 -4.39 3.10
C ALA A 178 31.74 -5.81 2.79
N VAL A 179 32.42 -6.81 3.34
CA VAL A 179 32.00 -8.20 3.12
C VAL A 179 30.64 -8.46 3.76
N ALA A 180 30.41 -7.90 4.94
CA ALA A 180 29.09 -8.05 5.58
C ALA A 180 27.99 -7.39 4.75
N LEU A 181 28.25 -6.19 4.22
CA LEU A 181 27.27 -5.48 3.41
C LEU A 181 27.06 -6.11 2.04
N LEU A 182 28.00 -6.95 1.61
CA LEU A 182 27.85 -7.63 0.32
C LEU A 182 26.57 -8.44 0.27
N THR A 183 26.14 -8.99 1.41
CA THR A 183 24.89 -9.75 1.46
C THR A 183 23.68 -8.84 1.17
N THR A 184 23.67 -7.63 1.74
CA THR A 184 22.60 -6.68 1.45
C THR A 184 22.62 -6.25 -0.01
N LEU A 185 23.82 -6.06 -0.56
CA LEU A 185 23.94 -5.73 -1.98
C LEU A 185 23.37 -6.86 -2.84
N TYR A 186 23.70 -8.11 -2.51
CA TYR A 186 23.18 -9.25 -3.26
C TYR A 186 21.68 -9.38 -3.12
N GLY A 187 21.14 -9.13 -1.93
CA GLY A 187 19.70 -9.17 -1.76
C GLY A 187 19.00 -8.14 -2.61
N ALA A 188 19.52 -6.92 -2.64
CA ALA A 188 18.94 -5.88 -3.49
C ALA A 188 19.05 -6.22 -4.97
N ILE A 189 20.21 -6.72 -5.39
CA ILE A 189 20.41 -7.05 -6.80
C ILE A 189 19.50 -8.21 -7.21
N LEU A 190 19.41 -9.26 -6.39
CA LEU A 190 18.56 -10.39 -6.71
C LEU A 190 17.10 -9.99 -6.72
N SER A 191 16.69 -9.13 -5.79
CA SER A 191 15.31 -8.65 -5.78
C SER A 191 15.00 -7.88 -7.05
N ASN A 192 15.81 -6.89 -7.38
CA ASN A 192 15.42 -5.92 -8.39
C ASN A 192 15.80 -6.32 -9.82
N MET A 193 16.84 -7.13 -9.99
CA MET A 193 17.34 -7.46 -11.31
C MET A 193 17.23 -8.95 -11.65
N VAL A 194 16.78 -9.79 -10.72
CA VAL A 194 16.58 -11.20 -11.06
C VAL A 194 15.14 -11.63 -10.77
N PHE A 195 14.74 -11.61 -9.50
CA PHE A 195 13.48 -12.25 -9.12
C PHE A 195 12.27 -11.47 -9.61
N PHE A 196 12.23 -10.17 -9.36
CA PHE A 196 11.15 -9.32 -9.84
C PHE A 196 11.11 -9.27 -11.36
N PRO A 197 12.26 -9.14 -12.05
CA PRO A 197 12.22 -9.27 -13.52
C PRO A 197 11.71 -10.62 -14.00
N ILE A 198 12.05 -11.72 -13.31
CA ILE A 198 11.54 -13.02 -13.70
C ILE A 198 10.03 -13.08 -13.52
N ALA A 199 9.53 -12.49 -12.42
CA ALA A 199 8.09 -12.43 -12.22
C ALA A 199 7.40 -11.61 -13.30
N ASP A 200 8.02 -10.48 -13.69
CA ASP A 200 7.45 -9.65 -14.75
C ASP A 200 7.45 -10.38 -16.08
N LYS A 201 8.49 -11.05 -16.50
CA LYS A 201 8.50 -11.87 -17.73
C LYS A 201 7.56 -13.05 -17.65
N LEU A 202 7.34 -13.63 -16.45
CA LEU A 202 6.31 -14.65 -16.33
C LEU A 202 4.92 -14.07 -16.54
N SER A 203 4.65 -12.88 -16.00
CA SER A 203 3.36 -12.23 -16.23
C SER A 203 3.18 -11.85 -17.70
N LEU A 204 4.26 -11.38 -18.33
CA LEU A 204 4.22 -11.05 -19.75
C LEU A 204 3.91 -12.29 -20.59
N ARG A 205 4.57 -13.41 -20.28
CA ARG A 205 4.29 -14.65 -20.98
C ARG A 205 2.90 -15.17 -20.69
N ARG A 206 2.38 -14.91 -19.48
CA ARG A 206 0.99 -15.25 -19.19
C ARG A 206 0.04 -14.49 -20.09
N ASP A 207 0.26 -13.18 -20.25
CA ASP A 207 -0.59 -12.40 -21.13
C ASP A 207 -0.48 -12.87 -22.57
N GLN A 208 0.74 -13.15 -23.03
CA GLN A 208 0.93 -13.62 -24.40
C GLN A 208 0.26 -14.97 -24.62
N GLU A 209 0.39 -15.90 -23.66
CA GLU A 209 -0.22 -17.21 -23.81
C GLU A 209 -1.74 -17.13 -23.74
N THR A 210 -2.27 -16.27 -22.87
CA THR A 210 -3.72 -16.08 -22.83
C THR A 210 -4.25 -15.51 -24.14
N LEU A 211 -3.54 -14.53 -24.71
CA LEU A 211 -3.96 -13.98 -26.00
C LEU A 211 -3.90 -15.04 -27.10
N ASN A 212 -2.81 -15.80 -27.14
CA ASN A 212 -2.67 -16.84 -28.16
C ASN A 212 -3.76 -17.91 -28.01
N ARG A 213 -4.06 -18.30 -26.77
CA ARG A 213 -5.05 -19.33 -26.54
C ARG A 213 -6.47 -18.84 -26.82
N ARG A 214 -6.78 -17.58 -26.50
CA ARG A 214 -8.07 -17.03 -26.89
C ARG A 214 -8.18 -16.94 -28.41
N LEU A 215 -7.09 -16.56 -29.07
CA LEU A 215 -7.06 -16.54 -30.52
C LEU A 215 -7.36 -17.92 -31.09
N ILE A 216 -6.70 -18.95 -30.57
CA ILE A 216 -6.90 -20.30 -31.05
C ILE A 216 -8.32 -20.79 -30.77
N MET A 217 -8.84 -20.48 -29.58
CA MET A 217 -10.19 -20.91 -29.24
C MET A 217 -11.22 -20.27 -30.15
N ASP A 218 -11.09 -18.97 -30.42
CA ASP A 218 -12.00 -18.32 -31.34
C ASP A 218 -11.87 -18.88 -32.75
N GLY A 219 -10.63 -19.17 -33.19
CA GLY A 219 -10.46 -19.76 -34.50
C GLY A 219 -11.13 -21.11 -34.62
N VAL A 220 -10.96 -21.97 -33.61
CA VAL A 220 -11.58 -23.29 -33.65
C VAL A 220 -13.09 -23.19 -33.56
N LEU A 221 -13.61 -22.27 -32.75
CA LEU A 221 -15.06 -22.09 -32.69
C LEU A 221 -15.62 -21.62 -34.03
N ALA A 222 -14.90 -20.71 -34.71
CA ALA A 222 -15.33 -20.26 -36.02
C ALA A 222 -15.28 -21.39 -37.04
N ILE A 223 -14.22 -22.21 -36.98
CA ILE A 223 -14.11 -23.35 -37.89
C ILE A 223 -15.24 -24.33 -37.68
N GLN A 224 -15.56 -24.62 -36.42
CA GLN A 224 -16.70 -25.50 -36.12
C GLN A 224 -18.00 -24.88 -36.62
N ASP A 225 -18.16 -23.58 -36.45
CA ASP A 225 -19.30 -22.87 -37.01
C ASP A 225 -19.28 -22.89 -38.54
N GLY A 226 -18.11 -23.09 -39.14
CA GLY A 226 -18.00 -23.11 -40.59
C GLY A 226 -17.92 -21.76 -41.24
N GLN A 227 -17.54 -20.73 -40.50
CA GLN A 227 -17.47 -19.38 -41.06
C GLN A 227 -16.33 -19.28 -42.07
N ASN A 228 -16.51 -18.37 -43.02
CA ASN A 228 -15.51 -18.11 -44.04
C ASN A 228 -14.30 -17.38 -43.45
N PRO A 229 -13.13 -17.51 -44.06
CA PRO A 229 -11.95 -16.79 -43.54
C PRO A 229 -12.07 -15.28 -43.60
N ARG A 230 -13.08 -14.77 -44.30
CA ARG A 230 -13.08 -13.30 -44.38
C ARG A 230 -13.36 -12.76 -42.98
N VAL A 231 -14.57 -12.95 -42.49
CA VAL A 231 -14.87 -12.36 -41.20
C VAL A 231 -13.92 -12.85 -40.12
N ILE A 232 -13.36 -14.05 -40.30
CA ILE A 232 -12.38 -14.57 -39.36
C ILE A 232 -11.14 -13.67 -39.33
N ASP A 233 -10.72 -13.18 -40.49
CA ASP A 233 -9.57 -12.28 -40.55
C ASP A 233 -9.77 -11.08 -39.65
N SER A 234 -10.93 -10.41 -39.77
CA SER A 234 -11.18 -9.23 -38.96
C SER A 234 -11.33 -9.58 -37.49
N TYR A 235 -12.13 -10.62 -37.19
CA TYR A 235 -12.40 -10.98 -35.81
C TYR A 235 -11.19 -11.57 -35.11
N LEU A 236 -10.12 -11.89 -35.83
CA LEU A 236 -8.88 -12.33 -35.23
C LEU A 236 -7.81 -11.25 -35.21
N LYS A 237 -7.79 -10.36 -36.22
CA LYS A 237 -6.83 -9.26 -36.21
C LYS A 237 -7.21 -8.19 -35.21
N ASN A 238 -8.50 -8.08 -34.87
CA ASN A 238 -8.91 -7.09 -33.88
C ASN A 238 -8.30 -7.34 -32.51
N TYR A 239 -7.89 -8.58 -32.22
CA TYR A 239 -7.23 -8.92 -30.97
C TYR A 239 -5.77 -8.48 -30.92
N LEU A 240 -5.20 -8.07 -32.05
CA LEU A 240 -3.80 -7.68 -32.11
C LEU A 240 -3.56 -6.23 -31.70
N ASN A 241 -4.63 -5.48 -31.43
CA ASN A 241 -4.53 -4.09 -31.00
C ASN A 241 -4.88 -3.91 -29.53
N GLU A 242 -4.54 -4.87 -28.69
CA GLU A 242 -4.75 -4.79 -27.25
C GLU A 242 -3.44 -5.03 -26.51
N GLY A 243 -3.44 -4.68 -25.23
CA GLY A 243 -2.26 -4.87 -24.42
C GLY A 243 -1.15 -3.91 -24.81
N LYS A 244 0.07 -4.44 -24.91
CA LYS A 244 1.25 -3.64 -25.21
C LYS A 244 1.57 -3.58 -26.70
N ARG A 245 1.24 -4.63 -27.46
CA ARG A 245 1.32 -4.51 -28.90
C ARG A 245 0.42 -3.39 -29.43
N ALA A 246 -0.67 -3.09 -28.73
CA ALA A 246 -1.47 -1.91 -29.04
C ALA A 246 -0.62 -0.64 -28.95
N LEU A 247 0.24 -0.57 -27.94
CA LEU A 247 1.17 0.54 -27.83
C LEU A 247 2.28 0.46 -28.87
N GLU A 248 2.50 -0.71 -29.48
CA GLU A 248 3.48 -0.82 -30.55
C GLU A 248 3.01 -0.34 -31.91
N ILE A 249 1.71 -0.39 -32.22
CA ILE A 249 1.26 0.00 -33.54
C ILE A 249 1.32 1.52 -33.67
N ASP A 250 1.73 1.99 -34.85
CA ASP A 250 1.77 3.42 -35.15
C ASP A 250 0.85 3.76 -36.32
N MET B 18 23.17 23.35 -9.20
CA MET B 18 23.87 22.78 -10.35
C MET B 18 24.83 23.80 -10.95
N VAL B 19 24.33 24.60 -11.90
CA VAL B 19 25.13 25.63 -12.54
C VAL B 19 25.48 26.70 -11.52
N LEU B 20 24.57 26.96 -10.58
CA LEU B 20 24.85 27.89 -9.49
C LEU B 20 25.72 27.23 -8.42
N GLY B 21 25.51 25.95 -8.17
CA GLY B 21 26.32 25.20 -7.23
C GLY B 21 27.75 25.05 -7.71
N GLY B 22 27.93 24.84 -9.00
CA GLY B 22 29.24 24.70 -9.59
C GLY B 22 28.58 24.53 -10.95
N SER B 23 28.83 23.39 -11.60
CA SER B 23 28.57 23.16 -13.01
C SER B 23 27.79 21.87 -13.26
N ILE B 24 27.34 21.67 -14.49
CA ILE B 24 26.77 20.37 -14.87
C ILE B 24 27.87 19.33 -15.02
N GLY B 25 29.09 19.79 -15.24
CA GLY B 25 30.20 18.85 -15.40
C GLY B 25 30.47 18.01 -14.17
N MET B 26 30.07 18.50 -12.99
CA MET B 26 30.34 17.72 -11.79
C MET B 26 29.33 16.60 -11.58
N PHE B 27 28.35 16.40 -12.46
CA PHE B 27 27.51 15.20 -12.41
C PHE B 27 27.66 14.50 -13.75
N VAL B 28 28.77 13.77 -13.91
CA VAL B 28 29.03 12.92 -15.06
C VAL B 28 29.87 11.74 -14.58
N ASP B 29 29.39 10.53 -14.81
CA ASP B 29 30.14 9.33 -14.42
C ASP B 29 29.63 8.16 -15.25
N VAL B 30 30.55 7.48 -15.94
CA VAL B 30 30.15 6.34 -16.76
C VAL B 30 29.65 5.21 -15.89
N THR B 31 30.26 4.97 -14.74
CA THR B 31 29.80 3.89 -13.86
C THR B 31 28.41 4.17 -13.32
N SER B 32 28.16 5.40 -12.86
CA SER B 32 26.84 5.73 -12.32
C SER B 32 25.76 5.68 -13.38
N ILE B 33 26.05 6.21 -14.57
CA ILE B 33 25.10 6.14 -15.67
C ILE B 33 24.85 4.69 -16.05
N LEU B 34 25.91 3.89 -16.12
CA LEU B 34 25.74 2.48 -16.43
C LEU B 34 24.83 1.81 -15.42
N ILE B 35 25.14 1.93 -14.13
CA ILE B 35 24.33 1.32 -13.09
C ILE B 35 22.88 1.76 -13.23
N VAL B 36 22.61 3.06 -13.07
CA VAL B 36 21.22 3.52 -13.02
C VAL B 36 20.52 3.25 -14.35
N VAL B 37 20.99 3.86 -15.44
CA VAL B 37 20.31 3.75 -16.72
C VAL B 37 20.30 2.34 -17.29
N GLY B 38 21.43 1.65 -17.31
CA GLY B 38 21.45 0.29 -17.81
C GLY B 38 20.64 -0.69 -16.99
N GLY B 39 20.69 -0.61 -15.66
CA GLY B 39 19.86 -1.48 -14.85
C GLY B 39 18.39 -1.20 -15.04
N SER B 40 18.04 0.08 -15.14
CA SER B 40 16.64 0.44 -15.39
C SER B 40 16.19 -0.08 -16.75
N ILE B 41 17.03 0.06 -17.77
CA ILE B 41 16.69 -0.41 -19.11
C ILE B 41 16.54 -1.92 -19.11
N PHE B 42 17.45 -2.63 -18.44
CA PHE B 42 17.36 -4.09 -18.35
C PHE B 42 16.06 -4.52 -17.68
N VAL B 43 15.74 -3.90 -16.53
CA VAL B 43 14.53 -4.28 -15.80
C VAL B 43 13.29 -3.98 -16.65
N VAL B 44 13.27 -2.84 -17.32
CA VAL B 44 12.09 -2.46 -18.10
C VAL B 44 11.94 -3.35 -19.34
N LEU B 45 13.05 -3.62 -20.04
CA LEU B 45 12.99 -4.53 -21.17
C LEU B 45 12.63 -5.94 -20.78
N MET B 46 12.84 -6.31 -19.51
CA MET B 46 12.35 -7.61 -19.05
C MET B 46 10.82 -7.66 -18.97
N LYS B 47 10.12 -6.52 -19.11
CA LYS B 47 8.67 -6.53 -19.11
C LYS B 47 8.09 -5.70 -20.25
N PHE B 48 8.93 -5.20 -21.16
CA PHE B 48 8.46 -4.44 -22.31
C PHE B 48 9.36 -4.77 -23.49
N THR B 49 8.78 -4.68 -24.69
CA THR B 49 9.53 -4.96 -25.91
C THR B 49 10.33 -3.73 -26.33
N MET B 50 11.49 -3.98 -26.95
CA MET B 50 12.32 -2.86 -27.41
C MET B 50 11.60 -2.01 -28.44
N GLY B 51 10.94 -2.66 -29.40
CA GLY B 51 10.11 -1.92 -30.34
C GLY B 51 8.93 -1.25 -29.65
N GLN B 52 8.33 -1.95 -28.69
CA GLN B 52 7.24 -1.35 -27.93
C GLN B 52 7.73 -0.18 -27.08
N PHE B 53 8.91 -0.30 -26.48
CA PHE B 53 9.47 0.83 -25.75
C PHE B 53 9.73 2.01 -26.67
N PHE B 54 10.19 1.73 -27.90
CA PHE B 54 10.35 2.80 -28.88
C PHE B 54 9.01 3.43 -29.24
N GLY B 55 7.95 2.63 -29.31
CA GLY B 55 6.62 3.19 -29.56
C GLY B 55 6.15 4.08 -28.42
N ALA B 56 6.43 3.67 -27.19
CA ALA B 56 6.12 4.53 -26.04
C ALA B 56 6.90 5.83 -26.10
N THR B 57 8.18 5.76 -26.48
CA THR B 57 8.97 6.96 -26.68
C THR B 57 8.37 7.84 -27.76
N LYS B 58 7.88 7.23 -28.83
CA LYS B 58 7.25 7.97 -29.92
C LYS B 58 6.01 8.72 -29.44
N ILE B 59 5.16 8.04 -28.66
CA ILE B 59 3.94 8.71 -28.21
C ILE B 59 4.28 9.79 -27.18
N ALA B 60 5.30 9.58 -26.34
CA ALA B 60 5.71 10.62 -25.41
C ALA B 60 6.24 11.84 -26.16
N GLY B 61 7.04 11.62 -27.19
CA GLY B 61 7.52 12.74 -27.99
C GLY B 61 6.39 13.46 -28.70
N LYS B 62 5.39 12.79 -29.22
CA LYS B 62 4.26 13.51 -29.84
C LYS B 62 3.42 14.22 -28.80
N ALA B 63 3.32 13.66 -27.62
CA ALA B 63 2.60 14.40 -26.59
C ALA B 63 3.35 15.64 -26.12
N PHE B 64 4.67 15.62 -26.16
CA PHE B 64 5.45 16.77 -25.70
C PHE B 64 5.68 17.81 -26.79
N MET B 65 5.72 17.41 -28.06
CA MET B 65 6.00 18.32 -29.15
C MET B 65 4.75 18.80 -29.88
N PHE B 66 3.56 18.38 -29.44
CA PHE B 66 2.33 18.80 -30.10
C PHE B 66 1.25 18.97 -29.05
N LYS B 67 0.74 20.20 -28.91
CA LYS B 67 -0.34 20.45 -27.98
C LYS B 67 -1.65 19.84 -28.48
N ALA B 68 -2.45 19.36 -27.54
CA ALA B 68 -3.76 18.82 -27.89
C ALA B 68 -4.68 19.94 -28.36
N ASP B 69 -5.55 19.61 -29.32
CA ASP B 69 -6.46 20.60 -29.87
C ASP B 69 -7.42 21.10 -28.80
N GLU B 70 -7.69 22.40 -28.83
CA GLU B 70 -8.57 22.99 -27.84
C GLU B 70 -9.98 22.43 -28.00
N PRO B 71 -10.61 21.97 -26.91
CA PRO B 71 -11.98 21.46 -27.04
C PRO B 71 -12.97 22.48 -27.57
N GLU B 72 -12.79 23.76 -27.21
CA GLU B 72 -13.67 24.81 -27.73
C GLU B 72 -13.51 24.96 -29.23
N ASP B 73 -12.27 24.94 -29.71
CA ASP B 73 -12.03 25.03 -31.15
C ASP B 73 -12.63 23.83 -31.88
N LEU B 74 -12.48 22.64 -31.30
CA LEU B 74 -13.09 21.45 -31.90
C LEU B 74 -14.61 21.58 -31.96
N ILE B 75 -15.23 22.07 -30.88
CA ILE B 75 -16.68 22.24 -30.87
C ILE B 75 -17.10 23.23 -31.95
N ALA B 76 -16.40 24.36 -32.05
CA ALA B 76 -16.76 25.37 -33.04
C ALA B 76 -16.62 24.82 -34.45
N LYS B 77 -15.55 24.09 -34.72
CA LYS B 77 -15.34 23.59 -36.08
C LYS B 77 -16.31 22.47 -36.41
N ILE B 78 -16.70 21.68 -35.40
CA ILE B 78 -17.74 20.68 -35.61
C ILE B 78 -19.06 21.34 -35.94
N VAL B 79 -19.37 22.46 -35.25
CA VAL B 79 -20.60 23.19 -35.57
C VAL B 79 -20.54 23.74 -36.99
N GLU B 80 -19.38 24.24 -37.41
CA GLU B 80 -19.23 24.73 -38.78
C GLU B 80 -19.42 23.60 -39.79
N MET B 81 -18.86 22.43 -39.50
CA MET B 81 -19.04 21.27 -40.37
C MET B 81 -20.51 20.88 -40.45
N ALA B 82 -21.22 20.94 -39.31
CA ALA B 82 -22.65 20.65 -39.30
C ALA B 82 -23.42 21.65 -40.14
N ASP B 83 -23.07 22.93 -40.06
CA ASP B 83 -23.70 23.94 -40.91
C ASP B 83 -23.49 23.60 -42.39
N ALA B 84 -22.25 23.27 -42.75
CA ALA B 84 -21.96 22.94 -44.15
C ALA B 84 -22.75 21.71 -44.60
N ALA B 85 -22.84 20.70 -43.74
CA ALA B 85 -23.58 19.48 -44.09
C ALA B 85 -25.06 19.78 -44.26
N ARG B 86 -25.64 20.58 -43.37
CA ARG B 86 -27.06 20.89 -43.46
C ARG B 86 -27.36 21.73 -44.68
N LYS B 87 -26.45 22.61 -45.08
CA LYS B 87 -26.66 23.41 -46.28
C LYS B 87 -26.44 22.62 -47.57
N GLY B 88 -25.48 21.71 -47.60
CA GLY B 88 -25.15 21.03 -48.84
C GLY B 88 -25.17 19.52 -48.79
N GLY B 89 -26.03 18.94 -47.96
CA GLY B 89 -26.15 17.50 -47.88
C GLY B 89 -24.99 16.84 -47.15
N PHE B 90 -25.00 15.52 -47.18
CA PHE B 90 -24.01 14.71 -46.46
C PHE B 90 -22.65 14.69 -47.12
N LEU B 91 -22.49 15.31 -48.30
CA LEU B 91 -21.20 15.41 -48.97
C LEU B 91 -20.93 16.90 -49.20
N ALA B 92 -20.45 17.57 -48.16
CA ALA B 92 -20.05 18.98 -48.27
C ALA B 92 -18.83 19.29 -47.40
N LEU B 93 -18.12 18.28 -46.91
CA LEU B 93 -17.05 18.48 -45.94
C LEU B 93 -15.68 18.09 -46.49
N GLU B 94 -15.52 18.00 -47.80
CA GLU B 94 -14.30 17.51 -48.43
C GLU B 94 -13.56 18.58 -49.20
N GLU B 95 -13.93 19.86 -49.03
CA GLU B 95 -13.33 20.95 -49.79
C GLU B 95 -12.56 21.92 -48.92
N MET B 96 -12.53 21.71 -47.61
CA MET B 96 -11.85 22.61 -46.67
C MET B 96 -11.08 21.79 -45.65
N GLU B 97 -10.08 22.44 -45.05
CA GLU B 97 -9.05 21.74 -44.31
C GLU B 97 -9.59 21.05 -43.06
N ILE B 98 -8.93 19.97 -42.68
CA ILE B 98 -9.24 19.21 -41.47
C ILE B 98 -8.07 19.34 -40.51
N ASN B 99 -8.36 19.50 -39.21
CA ASN B 99 -7.30 19.73 -38.24
C ASN B 99 -6.57 18.45 -37.89
N ASN B 100 -7.28 17.47 -37.35
CA ASN B 100 -6.67 16.28 -36.78
C ASN B 100 -7.01 15.05 -37.62
N THR B 101 -6.26 13.97 -37.40
CA THR B 101 -6.42 12.75 -38.18
C THR B 101 -7.68 11.99 -37.79
N PHE B 102 -8.07 12.00 -36.52
CA PHE B 102 -9.29 11.32 -36.09
C PHE B 102 -10.51 11.94 -36.75
N MET B 103 -10.57 13.27 -36.76
CA MET B 103 -11.67 13.94 -37.44
C MET B 103 -11.62 13.73 -38.95
N GLN B 104 -10.41 13.65 -39.50
CA GLN B 104 -10.27 13.36 -40.93
C GLN B 104 -10.83 11.98 -41.26
N LYS B 105 -10.54 10.99 -40.41
CA LYS B 105 -11.10 9.65 -40.60
C LYS B 105 -12.61 9.66 -40.45
N GLY B 106 -13.13 10.44 -39.49
CA GLY B 106 -14.58 10.59 -39.38
C GLY B 106 -15.19 11.16 -40.65
N ILE B 107 -14.55 12.17 -41.23
CA ILE B 107 -15.06 12.80 -42.45
C ILE B 107 -15.02 11.83 -43.62
N ASP B 108 -13.92 11.09 -43.77
CA ASP B 108 -13.82 10.18 -44.90
C ASP B 108 -14.63 8.90 -44.71
N LEU B 109 -15.10 8.63 -43.48
CA LEU B 109 -16.11 7.59 -43.31
C LEU B 109 -17.50 8.12 -43.57
N LEU B 110 -17.77 9.39 -43.22
CA LEU B 110 -19.07 9.97 -43.51
C LEU B 110 -19.27 10.16 -45.01
N VAL B 111 -18.21 10.46 -45.74
CA VAL B 111 -18.30 10.63 -47.19
C VAL B 111 -18.62 9.33 -47.91
N ASP B 112 -18.45 8.18 -47.24
CA ASP B 112 -18.74 6.88 -47.81
C ASP B 112 -20.19 6.45 -47.58
N GLY B 113 -20.98 7.29 -46.91
CA GLY B 113 -22.37 7.00 -46.69
C GLY B 113 -22.63 5.84 -45.75
N HIS B 114 -21.64 5.54 -44.90
CA HIS B 114 -21.78 4.47 -43.94
C HIS B 114 -22.86 4.80 -42.90
N ASP B 115 -23.52 3.76 -42.40
CA ASP B 115 -24.55 3.94 -41.39
C ASP B 115 -23.93 4.40 -40.08
N ALA B 116 -24.80 4.83 -39.16
CA ALA B 116 -24.33 5.37 -37.89
C ALA B 116 -23.62 4.31 -37.05
N ASP B 117 -24.14 3.09 -37.06
CA ASP B 117 -23.58 2.05 -36.19
C ASP B 117 -22.14 1.71 -36.53
N VAL B 118 -21.83 1.58 -37.82
CA VAL B 118 -20.48 1.14 -38.20
C VAL B 118 -19.46 2.24 -37.91
N VAL B 119 -19.78 3.49 -38.24
CA VAL B 119 -18.85 4.57 -37.96
C VAL B 119 -18.71 4.78 -36.45
N ARG B 120 -19.79 4.60 -35.70
CA ARG B 120 -19.70 4.69 -34.24
C ARG B 120 -18.79 3.60 -33.69
N ALA B 121 -18.93 2.37 -34.20
CA ALA B 121 -18.07 1.28 -33.74
C ALA B 121 -16.61 1.55 -34.08
N ALA B 122 -16.36 2.05 -35.29
CA ALA B 122 -14.98 2.36 -35.68
C ALA B 122 -14.38 3.46 -34.80
N LEU B 123 -15.16 4.50 -34.52
CA LEU B 123 -14.66 5.59 -33.69
C LEU B 123 -14.43 5.12 -32.26
N LYS B 124 -15.34 4.27 -31.76
CA LYS B 124 -15.18 3.72 -30.37
C LYS B 124 -13.98 2.78 -30.31
N LYS B 125 -13.65 2.06 -31.40
CA LYS B 125 -12.44 1.26 -31.47
C LYS B 125 -11.19 2.14 -31.46
N ASP B 126 -11.22 3.22 -32.23
CA ASP B 126 -10.07 4.14 -32.23
C ASP B 126 -9.88 4.78 -30.85
N ILE B 127 -10.98 5.14 -30.19
CA ILE B 127 -10.88 5.74 -28.86
C ILE B 127 -10.22 4.77 -27.89
N ALA B 128 -10.69 3.51 -27.90
CA ALA B 128 -10.11 2.51 -27.01
C ALA B 128 -8.64 2.27 -27.34
N LEU B 129 -8.30 2.24 -28.63
CA LEU B 129 -6.92 2.02 -29.03
C LEU B 129 -6.01 3.14 -28.53
N THR B 130 -6.43 4.40 -28.72
CA THR B 130 -5.61 5.53 -28.27
C THR B 130 -5.49 5.55 -26.74
N ASP B 131 -6.59 5.26 -26.05
CA ASP B 131 -6.54 5.18 -24.59
C ASP B 131 -5.56 4.11 -24.13
N GLU B 132 -5.59 2.94 -24.79
CA GLU B 132 -4.66 1.87 -24.44
C GLU B 132 -3.22 2.27 -24.72
N ARG B 133 -2.96 2.93 -25.85
CA ARG B 133 -1.60 3.34 -26.16
C ARG B 133 -1.07 4.32 -25.12
N HIS B 134 -1.89 5.31 -24.74
CA HIS B 134 -1.43 6.26 -23.74
C HIS B 134 -1.24 5.59 -22.38
N THR B 135 -2.14 4.69 -22.01
CA THR B 135 -1.99 3.99 -20.74
C THR B 135 -0.73 3.14 -20.72
N GLN B 136 -0.42 2.50 -21.84
CA GLN B 136 0.77 1.64 -21.88
C GLN B 136 2.05 2.46 -21.88
N GLY B 137 2.05 3.61 -22.56
CA GLY B 137 3.20 4.51 -22.45
C GLY B 137 3.40 5.02 -21.04
N THR B 138 2.30 5.38 -20.37
CA THR B 138 2.37 5.76 -18.97
C THR B 138 2.93 4.63 -18.12
N GLY B 139 2.52 3.40 -18.41
CA GLY B 139 3.06 2.25 -17.68
C GLY B 139 4.54 2.06 -17.91
N VAL B 140 5.00 2.24 -19.15
CA VAL B 140 6.43 2.10 -19.45
C VAL B 140 7.24 3.12 -18.67
N PHE B 141 6.81 4.38 -18.70
CA PHE B 141 7.59 5.42 -18.03
C PHE B 141 7.46 5.35 -16.52
N ARG B 142 6.38 4.88 -16.00
CA ARG B 142 6.24 4.64 -14.57
C ARG B 142 7.05 3.42 -14.16
N ALA B 143 7.25 2.42 -14.99
CA ALA B 143 8.19 1.36 -14.69
C ALA B 143 9.62 1.89 -14.61
N PHE B 144 9.99 2.76 -15.56
CA PHE B 144 11.30 3.39 -15.53
C PHE B 144 11.50 4.20 -14.24
N GLY B 145 10.49 4.99 -13.88
CA GLY B 145 10.58 5.80 -12.68
C GLY B 145 10.57 4.99 -11.40
N ASP B 146 9.98 3.79 -11.45
CA ASP B 146 10.01 2.89 -10.30
C ASP B 146 11.36 2.21 -10.15
N VAL B 147 12.01 1.85 -11.25
CA VAL B 147 13.27 1.13 -11.15
C VAL B 147 14.49 2.04 -10.97
N ALA B 148 14.40 3.30 -11.38
CA ALA B 148 15.57 4.18 -11.24
C ALA B 148 16.02 4.38 -9.80
N PRO B 149 15.15 4.65 -8.82
CA PRO B 149 15.65 4.77 -7.43
C PRO B 149 16.13 3.46 -6.84
N ALA B 150 15.57 2.32 -7.24
CA ALA B 150 16.12 1.05 -6.80
C ALA B 150 17.55 0.86 -7.30
N MET B 151 17.81 1.24 -8.56
CA MET B 151 19.16 1.19 -9.09
C MET B 151 20.07 2.20 -8.39
N GLY B 152 19.53 3.35 -7.99
CA GLY B 152 20.31 4.30 -7.22
C GLY B 152 20.72 3.77 -5.86
N MET B 153 19.80 3.06 -5.19
CA MET B 153 20.14 2.42 -3.93
C MET B 153 21.17 1.30 -4.12
N ILE B 154 21.02 0.51 -5.19
CA ILE B 154 22.02 -0.49 -5.50
C ILE B 154 23.38 0.16 -5.73
N GLY B 155 23.40 1.32 -6.40
CA GLY B 155 24.65 2.03 -6.60
C GLY B 155 25.24 2.56 -5.31
N THR B 156 24.39 2.98 -4.39
CA THR B 156 24.88 3.37 -3.06
C THR B 156 25.53 2.19 -2.34
N LEU B 157 24.90 1.02 -2.41
CA LEU B 157 25.49 -0.17 -1.82
C LEU B 157 26.82 -0.52 -2.48
N VAL B 158 26.89 -0.42 -3.81
CA VAL B 158 28.12 -0.71 -4.54
C VAL B 158 29.23 0.26 -4.14
N GLY B 159 28.90 1.55 -4.06
CA GLY B 159 29.89 2.53 -3.67
C GLY B 159 30.35 2.37 -2.24
N LEU B 160 29.43 2.00 -1.34
CA LEU B 160 29.81 1.75 0.04
C LEU B 160 30.74 0.56 0.16
N VAL B 161 30.44 -0.52 -0.55
CA VAL B 161 31.32 -1.68 -0.54
C VAL B 161 32.71 -1.30 -1.08
N ALA B 162 32.74 -0.52 -2.16
CA ALA B 162 34.01 -0.13 -2.75
C ALA B 162 34.80 0.82 -1.86
N MET B 163 34.12 1.72 -1.14
CA MET B 163 34.80 2.60 -0.20
C MET B 163 35.38 1.83 0.97
N LEU B 164 34.55 0.99 1.60
CA LEU B 164 35.01 0.24 2.76
C LEU B 164 36.12 -0.73 2.40
N SER B 165 36.12 -1.25 1.18
CA SER B 165 37.18 -2.14 0.75
C SER B 165 38.49 -1.41 0.49
N ASN B 166 38.46 -0.10 0.27
CA ASN B 166 39.62 0.65 -0.20
C ASN B 166 39.79 1.94 0.60
N MET B 167 39.70 1.86 1.92
CA MET B 167 39.87 3.06 2.72
C MET B 167 41.31 3.54 2.78
N ASP B 168 42.28 2.72 2.39
CA ASP B 168 43.67 3.14 2.35
C ASP B 168 44.05 3.84 1.06
N ASP B 169 43.22 3.73 0.02
CA ASP B 169 43.55 4.28 -1.29
C ASP B 169 42.60 5.43 -1.64
N PRO B 170 43.03 6.68 -1.55
CA PRO B 170 42.17 7.79 -1.97
C PRO B 170 41.76 7.72 -3.44
N LYS B 171 42.65 7.22 -4.30
CA LYS B 171 42.34 7.11 -5.72
C LYS B 171 41.17 6.17 -5.99
N ALA B 172 40.87 5.28 -5.05
CA ALA B 172 39.67 4.46 -5.11
C ALA B 172 38.54 5.03 -4.28
N ILE B 173 38.86 5.78 -3.22
CA ILE B 173 37.84 6.39 -2.38
C ILE B 173 37.01 7.40 -3.18
N GLY B 174 37.69 8.22 -3.97
CA GLY B 174 37.02 9.23 -4.76
C GLY B 174 35.95 8.70 -5.69
N PRO B 175 36.36 7.86 -6.66
CA PRO B 175 35.37 7.29 -7.58
C PRO B 175 34.28 6.46 -6.91
N ALA B 176 34.60 5.75 -5.83
CA ALA B 176 33.59 4.94 -5.15
C ALA B 176 32.50 5.81 -4.54
N MET B 177 32.89 6.89 -3.86
CA MET B 177 31.89 7.80 -3.32
C MET B 177 31.16 8.55 -4.43
N ALA B 178 31.86 8.87 -5.51
CA ALA B 178 31.20 9.51 -6.65
C ALA B 178 30.12 8.60 -7.21
N VAL B 179 30.41 7.30 -7.34
CA VAL B 179 29.40 6.35 -7.80
C VAL B 179 28.24 6.28 -6.83
N ALA B 180 28.55 6.17 -5.53
CA ALA B 180 27.49 6.05 -4.53
C ALA B 180 26.57 7.26 -4.53
N LEU B 181 27.14 8.46 -4.62
CA LEU B 181 26.32 9.67 -4.60
C LEU B 181 25.58 9.87 -5.92
N LEU B 182 26.28 9.73 -7.04
CA LEU B 182 25.71 10.08 -8.32
C LEU B 182 24.69 9.05 -8.80
N THR B 183 24.80 7.81 -8.35
CA THR B 183 23.74 6.85 -8.66
C THR B 183 22.43 7.27 -8.01
N THR B 184 22.48 7.70 -6.75
CA THR B 184 21.27 8.20 -6.08
C THR B 184 20.78 9.48 -6.72
N LEU B 185 21.69 10.40 -7.05
CA LEU B 185 21.28 11.65 -7.68
C LEU B 185 20.62 11.40 -9.03
N TYR B 186 21.22 10.55 -9.86
CA TYR B 186 20.65 10.21 -11.16
C TYR B 186 19.32 9.49 -11.03
N GLY B 187 19.23 8.54 -10.12
CA GLY B 187 17.98 7.84 -9.91
C GLY B 187 16.87 8.79 -9.49
N ALA B 188 17.18 9.69 -8.54
CA ALA B 188 16.18 10.65 -8.08
C ALA B 188 15.76 11.61 -9.19
N ILE B 189 16.74 12.14 -9.94
CA ILE B 189 16.42 13.11 -10.98
C ILE B 189 15.61 12.44 -12.09
N LEU B 190 16.06 11.28 -12.56
CA LEU B 190 15.34 10.58 -13.61
C LEU B 190 13.95 10.18 -13.16
N SER B 191 13.82 9.70 -11.93
CA SER B 191 12.52 9.26 -11.44
C SER B 191 11.55 10.42 -11.30
N ASN B 192 11.98 11.50 -10.63
CA ASN B 192 11.04 12.52 -10.20
C ASN B 192 10.94 13.72 -11.13
N MET B 193 11.91 13.91 -12.03
CA MET B 193 11.89 15.04 -12.93
C MET B 193 11.83 14.64 -14.40
N VAL B 194 11.96 13.36 -14.72
CA VAL B 194 11.93 12.91 -16.11
C VAL B 194 10.84 11.87 -16.31
N PHE B 195 10.95 10.73 -15.62
CA PHE B 195 10.11 9.58 -15.95
C PHE B 195 8.69 9.74 -15.41
N PHE B 196 8.55 10.01 -14.12
CA PHE B 196 7.23 10.30 -13.56
C PHE B 196 6.58 11.52 -14.19
N PRO B 197 7.29 12.64 -14.42
CA PRO B 197 6.67 13.72 -15.20
C PRO B 197 6.23 13.32 -16.60
N ILE B 198 6.98 12.46 -17.29
CA ILE B 198 6.56 12.03 -18.62
C ILE B 198 5.30 11.18 -18.52
N ALA B 199 5.23 10.30 -17.51
CA ALA B 199 4.03 9.50 -17.32
C ALA B 199 2.83 10.38 -16.99
N ASP B 200 3.04 11.41 -16.16
CA ASP B 200 1.95 12.33 -15.82
C ASP B 200 1.50 13.13 -17.03
N LYS B 201 2.46 13.59 -17.86
CA LYS B 201 2.09 14.28 -19.09
C LYS B 201 1.36 13.36 -20.05
N LEU B 202 1.73 12.08 -20.08
CA LEU B 202 1.02 11.11 -20.92
C LEU B 202 -0.40 10.88 -20.40
N SER B 203 -0.59 10.85 -19.08
CA SER B 203 -1.93 10.74 -18.52
C SER B 203 -2.76 11.97 -18.85
N LEU B 204 -2.16 13.16 -18.75
CA LEU B 204 -2.87 14.39 -19.11
C LEU B 204 -3.25 14.38 -20.58
N ARG B 205 -2.32 13.94 -21.44
CA ARG B 205 -2.57 13.90 -22.87
C ARG B 205 -3.63 12.86 -23.19
N ARG B 206 -3.67 11.76 -22.42
CA ARG B 206 -4.72 10.76 -22.56
C ARG B 206 -6.09 11.33 -22.20
N ASP B 207 -6.16 12.11 -21.12
CA ASP B 207 -7.42 12.72 -20.74
C ASP B 207 -7.89 13.72 -21.81
N GLN B 208 -6.96 14.53 -22.32
CA GLN B 208 -7.30 15.44 -23.41
C GLN B 208 -7.76 14.68 -24.65
N GLU B 209 -7.09 13.56 -24.95
CA GLU B 209 -7.51 12.72 -26.07
C GLU B 209 -8.91 12.18 -25.85
N THR B 210 -9.21 11.69 -24.64
CA THR B 210 -10.54 11.16 -24.37
C THR B 210 -11.60 12.24 -24.58
N LEU B 211 -11.34 13.44 -24.06
CA LEU B 211 -12.30 14.53 -24.23
C LEU B 211 -12.50 14.86 -25.70
N ASN B 212 -11.40 15.02 -26.44
CA ASN B 212 -11.50 15.38 -27.85
C ASN B 212 -12.19 14.30 -28.67
N ARG B 213 -11.85 13.03 -28.42
CA ARG B 213 -12.48 11.95 -29.16
C ARG B 213 -13.96 11.84 -28.86
N ARG B 214 -14.36 12.01 -27.59
CA ARG B 214 -15.77 12.01 -27.25
C ARG B 214 -16.50 13.14 -27.98
N LEU B 215 -15.91 14.33 -27.97
CA LEU B 215 -16.52 15.47 -28.65
C LEU B 215 -16.67 15.21 -30.14
N ILE B 216 -15.62 14.67 -30.78
CA ILE B 216 -15.65 14.45 -32.22
C ILE B 216 -16.66 13.36 -32.57
N MET B 217 -16.70 12.29 -31.77
CA MET B 217 -17.65 11.22 -32.02
C MET B 217 -19.10 11.72 -31.89
N ASP B 218 -19.36 12.52 -30.86
CA ASP B 218 -20.70 13.07 -30.71
C ASP B 218 -21.04 14.02 -31.85
N GLY B 219 -20.06 14.79 -32.32
CA GLY B 219 -20.31 15.67 -33.47
C GLY B 219 -20.65 14.89 -34.73
N VAL B 220 -19.89 13.82 -35.00
CA VAL B 220 -20.17 12.98 -36.16
C VAL B 220 -21.53 12.33 -36.03
N LEU B 221 -21.87 11.87 -34.82
CA LEU B 221 -23.17 11.26 -34.57
C LEU B 221 -24.30 12.26 -34.85
N ALA B 222 -24.12 13.51 -34.39
CA ALA B 222 -25.12 14.54 -34.63
C ALA B 222 -25.23 14.89 -36.11
N ILE B 223 -24.10 14.92 -36.82
CA ILE B 223 -24.12 15.21 -38.25
C ILE B 223 -24.88 14.12 -39.00
N GLN B 224 -24.63 12.86 -38.66
CA GLN B 224 -25.32 11.76 -39.31
C GLN B 224 -26.82 11.80 -39.07
N ASP B 225 -27.24 12.25 -37.88
CA ASP B 225 -28.65 12.31 -37.54
C ASP B 225 -29.37 13.49 -38.20
N GLY B 226 -28.63 14.39 -38.85
CA GLY B 226 -29.25 15.56 -39.45
C GLY B 226 -29.71 16.59 -38.44
N GLN B 227 -29.17 16.56 -37.23
CA GLN B 227 -29.58 17.50 -36.20
C GLN B 227 -29.07 18.90 -36.52
N ASN B 228 -29.91 19.90 -36.24
CA ASN B 228 -29.49 21.28 -36.44
C ASN B 228 -28.36 21.62 -35.46
N PRO B 229 -27.37 22.41 -35.90
CA PRO B 229 -26.19 22.66 -35.05
C PRO B 229 -26.50 23.41 -33.77
N ARG B 230 -27.65 24.09 -33.68
CA ARG B 230 -28.00 24.80 -32.45
C ARG B 230 -28.11 23.85 -31.27
N VAL B 231 -28.77 22.71 -31.48
CA VAL B 231 -28.81 21.68 -30.43
C VAL B 231 -27.44 21.02 -30.28
N ILE B 232 -26.70 20.90 -31.38
CA ILE B 232 -25.42 20.19 -31.36
C ILE B 232 -24.43 20.89 -30.43
N ASP B 233 -24.33 22.21 -30.54
CA ASP B 233 -23.37 22.95 -29.71
C ASP B 233 -23.74 22.85 -28.24
N SER B 234 -25.03 22.95 -27.93
CA SER B 234 -25.48 22.82 -26.54
C SER B 234 -25.16 21.44 -26.00
N TYR B 235 -25.36 20.41 -26.81
CA TYR B 235 -25.07 19.05 -26.36
C TYR B 235 -23.57 18.85 -26.16
N LEU B 236 -22.75 19.40 -27.05
CA LEU B 236 -21.30 19.24 -26.93
C LEU B 236 -20.75 20.02 -25.74
N LYS B 237 -21.39 21.14 -25.39
CA LYS B 237 -20.92 21.93 -24.25
C LYS B 237 -21.08 21.18 -22.93
N ASN B 238 -21.83 20.08 -22.90
CA ASN B 238 -22.08 19.35 -21.67
C ASN B 238 -20.84 18.62 -21.15
N TYR B 239 -19.78 18.52 -21.95
CA TYR B 239 -18.60 17.77 -21.53
C TYR B 239 -17.56 18.67 -20.90
N LEU B 240 -17.35 19.86 -21.46
CA LEU B 240 -16.26 20.72 -21.02
C LEU B 240 -16.45 21.25 -19.61
N ASN B 241 -17.69 21.27 -19.11
CA ASN B 241 -18.00 21.83 -17.80
C ASN B 241 -17.87 20.82 -16.67
N GLU B 242 -17.06 19.79 -16.83
CA GLU B 242 -16.88 18.77 -15.81
C GLU B 242 -15.50 18.14 -16.00
N GLY B 243 -15.16 17.20 -15.12
CA GLY B 243 -13.93 16.44 -15.26
C GLY B 243 -12.78 16.98 -14.42
N LYS B 244 -11.58 16.79 -14.96
CA LYS B 244 -10.36 17.22 -14.27
C LYS B 244 -10.29 18.73 -14.11
N ARG B 245 -11.01 19.48 -14.94
CA ARG B 245 -11.00 20.94 -14.89
C ARG B 245 -11.93 21.50 -13.83
N ALA B 246 -12.53 20.65 -12.98
CA ALA B 246 -13.53 21.12 -12.03
C ALA B 246 -12.94 22.09 -11.01
N LEU B 247 -11.63 22.02 -10.75
CA LEU B 247 -11.01 22.95 -9.83
C LEU B 247 -11.04 24.39 -10.33
N GLU B 248 -11.22 24.59 -11.64
CA GLU B 248 -11.39 25.93 -12.19
C GLU B 248 -12.85 26.37 -12.21
N ILE B 249 -13.79 25.42 -12.24
CA ILE B 249 -15.21 25.72 -12.28
C ILE B 249 -15.72 25.85 -10.86
N ASP B 250 -16.45 26.93 -10.60
CA ASP B 250 -16.99 27.20 -9.27
C ASP B 250 -18.05 26.18 -8.87
N MET C 1 -11.89 28.19 11.65
CA MET C 1 -11.97 27.12 12.63
C MET C 1 -12.25 27.67 14.02
N ASP C 2 -12.36 26.78 14.99
CA ASP C 2 -12.66 27.19 16.35
C ASP C 2 -11.49 27.94 16.97
N LEU C 3 -11.79 28.80 17.94
CA LEU C 3 -10.73 29.54 18.63
C LEU C 3 -9.81 28.60 19.39
N ALA C 4 -10.38 27.58 20.05
CA ALA C 4 -9.55 26.63 20.78
C ALA C 4 -8.63 25.85 19.84
N THR C 5 -9.15 25.41 18.70
CA THR C 5 -8.33 24.69 17.73
C THR C 5 -7.22 25.59 17.19
N LEU C 6 -7.54 26.85 16.90
CA LEU C 6 -6.54 27.79 16.41
C LEU C 6 -5.45 28.04 17.44
N LEU C 7 -5.84 28.21 18.71
CA LEU C 7 -4.85 28.40 19.77
C LEU C 7 -3.98 27.17 19.92
N GLY C 8 -4.57 25.97 19.80
CA GLY C 8 -3.75 24.76 19.83
C GLY C 8 -2.78 24.68 18.67
N LEU C 9 -3.22 25.10 17.48
CA LEU C 9 -2.33 25.12 16.32
C LEU C 9 -1.17 26.07 16.53
N ILE C 10 -1.46 27.27 17.02
CA ILE C 10 -0.41 28.24 17.29
C ILE C 10 0.51 27.76 18.40
N GLY C 11 -0.05 27.06 19.40
CA GLY C 11 0.79 26.54 20.47
C GLY C 11 1.74 25.46 19.99
N GLY C 12 1.25 24.55 19.14
CA GLY C 12 2.13 23.55 18.57
C GLY C 12 3.21 24.16 17.69
N PHE C 13 2.82 25.12 16.85
CA PHE C 13 3.80 25.80 16.00
C PHE C 13 4.84 26.52 16.84
N ALA C 14 4.40 27.21 17.88
CA ALA C 14 5.32 27.93 18.76
C ALA C 14 6.21 26.98 19.53
N PHE C 15 5.71 25.81 19.92
CA PHE C 15 6.57 24.82 20.56
C PHE C 15 7.66 24.36 19.62
N VAL C 16 7.31 24.10 18.35
CA VAL C 16 8.34 23.72 17.38
C VAL C 16 9.36 24.83 17.20
N ILE C 17 8.89 26.07 17.06
CA ILE C 17 9.80 27.19 16.82
C ILE C 17 10.70 27.43 18.03
N MET C 18 10.14 27.34 19.24
CA MET C 18 10.92 27.54 20.45
C MET C 18 11.93 26.40 20.63
N ALA C 19 11.57 25.18 20.24
CA ALA C 19 12.53 24.09 20.27
C ALA C 19 13.69 24.36 19.31
N MET C 20 13.39 24.85 18.11
CA MET C 20 14.45 25.20 17.17
C MET C 20 15.33 26.32 17.72
N VAL C 21 14.71 27.30 18.36
CA VAL C 21 15.46 28.43 18.92
C VAL C 21 16.38 27.95 20.04
N LEU C 22 15.87 27.07 20.90
CA LEU C 22 16.65 26.60 22.04
C LEU C 22 17.81 25.70 21.64
N GLY C 23 17.83 25.22 20.40
CA GLY C 23 18.88 24.33 19.95
C GLY C 23 20.02 25.05 19.26
N GLY C 24 20.11 26.35 19.42
CA GLY C 24 21.14 27.17 18.80
C GLY C 24 20.55 28.27 17.96
N SER C 25 21.40 28.82 17.09
CA SER C 25 21.00 29.92 16.23
C SER C 25 19.90 29.47 15.27
N ILE C 26 18.99 30.39 14.96
CA ILE C 26 17.92 30.11 14.01
C ILE C 26 18.34 30.40 12.57
N GLY C 27 19.42 31.16 12.36
CA GLY C 27 19.92 31.37 11.01
C GLY C 27 20.67 30.17 10.48
N MET C 28 20.95 29.20 11.34
CA MET C 28 21.52 27.93 10.89
C MET C 28 20.51 27.12 10.09
N PHE C 29 19.21 27.29 10.38
CA PHE C 29 18.16 26.53 9.73
C PHE C 29 17.44 27.33 8.66
N VAL C 30 17.98 28.48 8.26
CA VAL C 30 17.36 29.35 7.27
C VAL C 30 18.28 29.44 6.07
N ASP C 31 17.76 29.12 4.89
CA ASP C 31 18.50 29.25 3.65
C ASP C 31 17.51 29.52 2.52
N VAL C 32 17.68 30.65 1.84
CA VAL C 32 16.76 31.03 0.77
C VAL C 32 16.92 30.11 -0.44
N THR C 33 18.16 29.73 -0.76
CA THR C 33 18.38 28.86 -1.89
C THR C 33 17.74 27.49 -1.68
N SER C 34 17.81 26.96 -0.46
CA SER C 34 17.26 25.63 -0.19
C SER C 34 15.74 25.63 -0.30
N ILE C 35 15.08 26.62 0.29
CA ILE C 35 13.63 26.70 0.20
C ILE C 35 13.20 26.96 -1.24
N LEU C 36 13.97 27.77 -1.97
CA LEU C 36 13.68 27.96 -3.38
C LEU C 36 13.82 26.65 -4.16
N ILE C 37 14.85 25.86 -3.85
CA ILE C 37 15.01 24.57 -4.52
C ILE C 37 13.81 23.68 -4.26
N VAL C 38 13.44 23.51 -2.99
CA VAL C 38 12.34 22.59 -2.67
C VAL C 38 11.04 23.08 -3.29
N VAL C 39 10.70 24.35 -3.08
CA VAL C 39 9.42 24.88 -3.53
C VAL C 39 9.36 24.91 -5.05
N GLY C 40 10.42 25.40 -5.71
CA GLY C 40 10.42 25.47 -7.15
C GLY C 40 10.39 24.12 -7.81
N GLY C 41 11.16 23.16 -7.29
CA GLY C 41 11.10 21.81 -7.84
C GLY C 41 9.75 21.17 -7.65
N SER C 42 9.15 21.34 -6.46
CA SER C 42 7.83 20.78 -6.22
C SER C 42 6.80 21.41 -7.16
N ILE C 43 6.88 22.73 -7.35
CA ILE C 43 5.97 23.41 -8.26
C ILE C 43 6.16 22.92 -9.69
N PHE C 44 7.42 22.76 -10.11
CA PHE C 44 7.71 22.28 -11.46
C PHE C 44 7.14 20.89 -11.68
N VAL C 45 7.33 19.99 -10.73
CA VAL C 45 6.84 18.62 -10.89
C VAL C 45 5.31 18.59 -10.83
N VAL C 46 4.71 19.35 -9.92
CA VAL C 46 3.26 19.32 -9.76
C VAL C 46 2.56 19.97 -10.95
N LEU C 47 3.15 21.02 -11.54
CA LEU C 47 2.55 21.68 -12.70
C LEU C 47 2.58 20.81 -13.95
N MET C 48 3.28 19.68 -13.94
CA MET C 48 3.21 18.73 -15.04
C MET C 48 2.10 17.70 -14.85
N LYS C 49 1.37 17.76 -13.74
CA LYS C 49 0.17 16.99 -13.54
C LYS C 49 -1.07 17.84 -13.35
N PHE C 50 -0.92 19.11 -12.98
CA PHE C 50 -2.04 20.00 -12.72
C PHE C 50 -1.75 21.36 -13.36
N THR C 51 -2.76 21.96 -13.97
CA THR C 51 -2.58 23.28 -14.53
C THR C 51 -2.62 24.33 -13.42
N MET C 52 -2.22 25.55 -13.77
CA MET C 52 -2.22 26.63 -12.78
C MET C 52 -3.63 26.88 -12.24
N GLY C 53 -4.63 26.79 -13.11
CA GLY C 53 -6.00 26.91 -12.65
C GLY C 53 -6.37 25.81 -11.65
N GLN C 54 -5.96 24.58 -11.93
CA GLN C 54 -6.25 23.48 -11.00
C GLN C 54 -5.51 23.67 -9.67
N PHE C 55 -4.26 24.10 -9.73
CA PHE C 55 -3.50 24.32 -8.50
C PHE C 55 -4.15 25.42 -7.66
N PHE C 56 -4.58 26.51 -8.30
CA PHE C 56 -5.20 27.59 -7.57
C PHE C 56 -6.58 27.19 -7.03
N GLY C 57 -7.32 26.38 -7.78
CA GLY C 57 -8.58 25.87 -7.27
C GLY C 57 -8.40 24.99 -6.06
N ALA C 58 -7.39 24.11 -6.10
CA ALA C 58 -7.08 23.30 -4.93
C ALA C 58 -6.66 24.16 -3.75
N THR C 59 -5.87 25.20 -4.01
CA THR C 59 -5.47 26.12 -2.94
C THR C 59 -6.68 26.79 -2.32
N LYS C 60 -7.63 27.25 -3.14
CA LYS C 60 -8.82 27.91 -2.62
C LYS C 60 -9.69 26.94 -1.83
N ILE C 61 -9.87 25.71 -2.32
CA ILE C 61 -10.72 24.76 -1.61
C ILE C 61 -10.07 24.30 -0.30
N ALA C 62 -8.74 24.22 -0.25
CA ALA C 62 -8.07 23.95 1.02
C ALA C 62 -8.12 25.13 1.97
N GLY C 63 -8.05 26.36 1.44
CA GLY C 63 -8.11 27.52 2.29
C GLY C 63 -9.48 27.70 2.92
N LYS C 64 -10.54 27.43 2.17
CA LYS C 64 -11.89 27.57 2.71
C LYS C 64 -12.30 26.40 3.58
N ALA C 65 -11.46 25.37 3.70
CA ALA C 65 -11.66 24.32 4.68
C ALA C 65 -10.99 24.62 6.01
N PHE C 66 -10.17 25.66 6.08
CA PHE C 66 -9.53 26.10 7.31
C PHE C 66 -10.24 27.28 7.96
N MET C 67 -11.05 28.02 7.21
CA MET C 67 -11.77 29.17 7.75
C MET C 67 -13.27 28.95 7.79
N PHE C 68 -13.75 27.81 7.29
CA PHE C 68 -15.16 27.46 7.38
C PHE C 68 -15.27 26.01 7.85
N LYS C 69 -16.17 25.77 8.78
CA LYS C 69 -16.39 24.44 9.33
C LYS C 69 -17.62 23.82 8.68
N ALA C 70 -17.55 22.52 8.44
CA ALA C 70 -18.67 21.80 7.87
C ALA C 70 -19.87 21.89 8.80
N ASP C 71 -21.04 22.17 8.23
CA ASP C 71 -22.25 22.30 9.04
C ASP C 71 -22.56 20.98 9.73
N GLU C 72 -22.95 21.07 10.99
CA GLU C 72 -23.23 19.87 11.77
C GLU C 72 -24.45 19.15 11.21
N PRO C 73 -24.42 17.82 11.13
CA PRO C 73 -25.59 17.10 10.59
C PRO C 73 -26.87 17.35 11.37
N GLU C 74 -26.78 17.40 12.71
CA GLU C 74 -27.98 17.58 13.53
C GLU C 74 -28.65 18.91 13.23
N ASP C 75 -27.87 19.97 13.07
CA ASP C 75 -28.43 21.26 12.67
C ASP C 75 -29.13 21.15 11.33
N LEU C 76 -28.56 20.37 10.40
CA LEU C 76 -29.17 20.20 9.09
C LEU C 76 -30.52 19.50 9.18
N ILE C 77 -30.60 18.41 9.95
CA ILE C 77 -31.88 17.72 10.10
C ILE C 77 -32.91 18.62 10.79
N ALA C 78 -32.48 19.34 11.84
CA ALA C 78 -33.40 20.23 12.52
C ALA C 78 -33.93 21.29 11.58
N LYS C 79 -33.04 21.87 10.76
CA LYS C 79 -33.48 22.93 9.87
C LYS C 79 -34.38 22.39 8.75
N ILE C 80 -34.03 21.21 8.21
CA ILE C 80 -34.84 20.67 7.12
C ILE C 80 -36.23 20.30 7.60
N VAL C 81 -36.35 19.75 8.82
CA VAL C 81 -37.70 19.53 9.34
C VAL C 81 -38.36 20.85 9.69
N GLU C 82 -37.56 21.90 9.96
CA GLU C 82 -38.15 23.22 10.19
C GLU C 82 -38.85 23.74 8.94
N MET C 83 -38.17 23.75 7.79
CA MET C 83 -38.89 24.19 6.60
C MET C 83 -39.90 23.15 6.13
N ALA C 84 -39.77 21.89 6.56
CA ALA C 84 -40.84 20.93 6.32
C ALA C 84 -42.12 21.36 7.02
N ASP C 85 -42.01 21.73 8.31
CA ASP C 85 -43.16 22.26 9.03
C ASP C 85 -43.66 23.53 8.38
N ALA C 86 -42.75 24.39 7.93
CA ALA C 86 -43.14 25.63 7.26
C ALA C 86 -43.95 25.35 6.01
N ALA C 87 -43.52 24.38 5.21
CA ALA C 87 -44.26 24.00 4.01
C ALA C 87 -45.60 23.38 4.34
N ARG C 88 -45.67 22.55 5.38
CA ARG C 88 -46.95 21.93 5.75
C ARG C 88 -47.96 22.98 6.22
N LYS C 89 -47.53 23.86 7.13
CA LYS C 89 -48.45 24.90 7.59
C LYS C 89 -48.63 26.00 6.54
N GLY C 90 -47.67 26.13 5.62
CA GLY C 90 -47.78 27.06 4.53
C GLY C 90 -47.80 26.37 3.19
N GLY C 91 -46.88 26.76 2.30
CA GLY C 91 -46.75 26.12 1.01
C GLY C 91 -45.31 26.05 0.56
N PHE C 92 -45.09 25.85 -0.74
CA PHE C 92 -43.73 25.90 -1.27
C PHE C 92 -43.21 27.33 -1.32
N LEU C 93 -44.12 28.31 -1.48
CA LEU C 93 -43.69 29.70 -1.46
C LEU C 93 -43.25 30.13 -0.07
N ALA C 94 -43.68 29.42 0.96
CA ALA C 94 -43.24 29.74 2.32
C ALA C 94 -41.74 29.50 2.49
N LEU C 95 -41.15 28.66 1.64
CA LEU C 95 -39.72 28.40 1.73
C LEU C 95 -38.88 29.62 1.39
N GLU C 96 -39.44 30.57 0.63
CA GLU C 96 -38.68 31.73 0.20
C GLU C 96 -38.31 32.62 1.38
N GLU C 97 -39.16 32.63 2.42
CA GLU C 97 -38.96 33.49 3.58
C GLU C 97 -37.93 32.94 4.57
N MET C 98 -37.22 31.87 4.20
CA MET C 98 -36.28 31.23 5.09
C MET C 98 -34.86 31.63 4.67
N GLU C 99 -34.10 32.14 5.64
CA GLU C 99 -32.82 32.78 5.34
C GLU C 99 -31.67 31.77 5.30
N ILE C 100 -30.54 32.23 4.76
CA ILE C 100 -29.48 31.46 4.11
C ILE C 100 -28.59 30.81 5.18
N ASN C 101 -28.47 29.49 5.12
CA ASN C 101 -27.53 28.75 5.97
C ASN C 101 -26.52 27.95 5.19
N ASN C 102 -26.93 27.30 4.10
CA ASN C 102 -26.00 26.53 3.26
C ASN C 102 -26.31 26.83 1.80
N THR C 103 -25.27 27.09 1.02
CA THR C 103 -25.47 27.44 -0.39
C THR C 103 -26.09 26.28 -1.17
N PHE C 104 -25.64 25.06 -0.91
CA PHE C 104 -26.23 23.90 -1.57
C PHE C 104 -27.70 23.77 -1.23
N MET C 105 -28.04 23.90 0.05
CA MET C 105 -29.43 23.84 0.48
C MET C 105 -30.23 25.00 -0.11
N GLN C 106 -29.64 26.19 -0.15
CA GLN C 106 -30.34 27.36 -0.69
C GLN C 106 -30.68 27.17 -2.16
N LYS C 107 -29.70 26.74 -2.96
CA LYS C 107 -29.95 26.53 -4.38
C LYS C 107 -30.89 25.35 -4.60
N GLY C 108 -30.84 24.34 -3.75
CA GLY C 108 -31.79 23.24 -3.87
C GLY C 108 -33.21 23.67 -3.63
N ILE C 109 -33.45 24.45 -2.57
CA ILE C 109 -34.81 24.91 -2.30
C ILE C 109 -35.26 25.92 -3.35
N ASP C 110 -34.35 26.72 -3.91
CA ASP C 110 -34.72 27.62 -4.99
C ASP C 110 -35.14 26.85 -6.24
N LEU C 111 -34.37 25.82 -6.60
CA LEU C 111 -34.73 25.00 -7.75
C LEU C 111 -36.00 24.19 -7.49
N LEU C 112 -36.31 23.93 -6.22
CA LEU C 112 -37.56 23.26 -5.90
C LEU C 112 -38.75 24.20 -5.99
N VAL C 113 -38.56 25.46 -5.58
CA VAL C 113 -39.67 26.40 -5.53
C VAL C 113 -39.93 27.06 -6.88
N ASP C 114 -38.94 27.15 -7.75
CA ASP C 114 -39.15 27.80 -9.04
C ASP C 114 -39.98 26.96 -10.02
N GLY C 115 -40.47 25.80 -9.58
CA GLY C 115 -41.38 25.01 -10.40
C GLY C 115 -40.73 23.95 -11.24
N HIS C 116 -39.92 23.07 -10.65
CA HIS C 116 -39.27 21.98 -11.36
C HIS C 116 -39.69 20.64 -10.79
N ASP C 117 -39.56 19.60 -11.62
CA ASP C 117 -39.95 18.25 -11.23
C ASP C 117 -39.00 17.72 -10.16
N ALA C 118 -39.48 16.70 -9.43
CA ALA C 118 -38.65 16.08 -8.40
C ALA C 118 -37.40 15.45 -8.98
N ASP C 119 -37.54 14.74 -10.11
CA ASP C 119 -36.41 14.02 -10.68
C ASP C 119 -35.35 14.96 -11.24
N VAL C 120 -35.74 16.06 -11.88
CA VAL C 120 -34.74 16.98 -12.43
C VAL C 120 -33.99 17.69 -11.31
N VAL C 121 -34.69 18.06 -10.24
CA VAL C 121 -34.02 18.65 -9.09
C VAL C 121 -33.07 17.65 -8.44
N ARG C 122 -33.51 16.39 -8.33
CA ARG C 122 -32.63 15.35 -7.79
C ARG C 122 -31.38 15.19 -8.66
N ALA C 123 -31.55 15.20 -9.98
CA ALA C 123 -30.41 15.05 -10.88
C ALA C 123 -29.44 16.23 -10.74
N ALA C 124 -29.98 17.45 -10.67
CA ALA C 124 -29.11 18.61 -10.51
C ALA C 124 -28.35 18.57 -9.18
N LEU C 125 -29.03 18.20 -8.10
CA LEU C 125 -28.36 18.12 -6.81
C LEU C 125 -27.33 17.00 -6.79
N LYS C 126 -27.63 15.87 -7.44
CA LYS C 126 -26.65 14.79 -7.53
C LYS C 126 -25.42 15.24 -8.32
N LYS C 127 -25.64 15.99 -9.40
CA LYS C 127 -24.52 16.51 -10.18
C LYS C 127 -23.67 17.45 -9.33
N ASP C 128 -24.32 18.32 -8.55
CA ASP C 128 -23.56 19.23 -7.69
C ASP C 128 -22.79 18.47 -6.62
N ILE C 129 -23.40 17.44 -6.04
CA ILE C 129 -22.72 16.64 -5.03
C ILE C 129 -21.49 15.97 -5.63
N ALA C 130 -21.64 15.38 -6.82
CA ALA C 130 -20.51 14.74 -7.48
C ALA C 130 -19.42 15.74 -7.82
N LEU C 131 -19.81 16.94 -8.27
CA LEU C 131 -18.82 17.96 -8.59
C LEU C 131 -18.02 18.36 -7.36
N THR C 132 -18.70 18.57 -6.22
CA THR C 132 -17.99 18.95 -5.01
C THR C 132 -17.10 17.81 -4.51
N ASP C 133 -17.59 16.58 -4.57
CA ASP C 133 -16.79 15.43 -4.17
C ASP C 133 -15.53 15.32 -5.01
N GLU C 134 -15.67 15.47 -6.33
CA GLU C 134 -14.50 15.36 -7.19
C GLU C 134 -13.57 16.55 -7.01
N ARG C 135 -14.11 17.73 -6.70
CA ARG C 135 -13.27 18.88 -6.40
C ARG C 135 -12.42 18.63 -5.16
N HIS C 136 -13.02 18.07 -4.12
CA HIS C 136 -12.27 17.74 -2.92
C HIS C 136 -11.23 16.66 -3.20
N THR C 137 -11.58 15.66 -4.01
CA THR C 137 -10.61 14.63 -4.37
C THR C 137 -9.45 15.21 -5.18
N GLN C 138 -9.73 16.16 -6.06
CA GLN C 138 -8.67 16.79 -6.86
C GLN C 138 -7.76 17.65 -5.99
N GLY C 139 -8.34 18.40 -5.04
CA GLY C 139 -7.51 19.16 -4.11
C GLY C 139 -6.64 18.25 -3.26
N THR C 140 -7.21 17.15 -2.77
CA THR C 140 -6.42 16.17 -2.04
C THR C 140 -5.31 15.61 -2.91
N GLY C 141 -5.59 15.39 -4.20
CA GLY C 141 -4.55 14.91 -5.10
C GLY C 141 -3.44 15.92 -5.31
N VAL C 142 -3.79 17.19 -5.45
CA VAL C 142 -2.78 18.23 -5.61
C VAL C 142 -1.86 18.28 -4.40
N PHE C 143 -2.45 18.28 -3.20
CA PHE C 143 -1.62 18.42 -2.00
C PHE C 143 -0.88 17.12 -1.68
N ARG C 144 -1.45 15.98 -2.03
CA ARG C 144 -0.73 14.72 -1.92
C ARG C 144 0.47 14.69 -2.86
N ALA C 145 0.30 15.20 -4.08
CA ALA C 145 1.41 15.28 -5.02
C ALA C 145 2.50 16.20 -4.50
N PHE C 146 2.13 17.34 -3.92
CA PHE C 146 3.11 18.23 -3.33
C PHE C 146 3.87 17.53 -2.19
N GLY C 147 3.14 16.81 -1.33
CA GLY C 147 3.79 16.10 -0.25
C GLY C 147 4.63 14.93 -0.71
N ASP C 148 4.31 14.36 -1.88
CA ASP C 148 5.12 13.29 -2.43
C ASP C 148 6.40 13.81 -3.09
N VAL C 149 6.34 14.99 -3.71
CA VAL C 149 7.50 15.47 -4.43
C VAL C 149 8.43 16.29 -3.53
N ALA C 150 7.91 16.90 -2.45
CA ALA C 150 8.75 17.73 -1.60
C ALA C 150 9.94 16.97 -1.01
N PRO C 151 9.77 15.78 -0.43
CA PRO C 151 10.96 15.03 0.01
C PRO C 151 11.88 14.64 -1.13
N ALA C 152 11.34 14.32 -2.31
CA ALA C 152 12.18 13.98 -3.45
C ALA C 152 13.05 15.16 -3.86
N MET C 153 12.45 16.35 -3.98
CA MET C 153 13.22 17.54 -4.32
C MET C 153 14.19 17.92 -3.21
N GLY C 154 13.81 17.70 -1.94
CA GLY C 154 14.73 17.96 -0.86
C GLY C 154 15.95 17.07 -0.90
N MET C 155 15.75 15.78 -1.18
CA MET C 155 16.89 14.87 -1.32
C MET C 155 17.72 15.20 -2.54
N ILE C 156 17.08 15.61 -3.65
CA ILE C 156 17.83 16.03 -4.83
C ILE C 156 18.71 17.23 -4.49
N GLY C 157 18.15 18.20 -3.78
CA GLY C 157 18.94 19.36 -3.38
C GLY C 157 20.06 19.01 -2.43
N THR C 158 19.81 18.09 -1.49
CA THR C 158 20.86 17.66 -0.58
C THR C 158 21.98 16.97 -1.33
N LEU C 159 21.64 16.10 -2.27
CA LEU C 159 22.65 15.40 -3.07
C LEU C 159 23.45 16.38 -3.91
N VAL C 160 22.78 17.37 -4.52
CA VAL C 160 23.49 18.36 -5.32
C VAL C 160 24.42 19.19 -4.45
N GLY C 161 23.96 19.61 -3.27
CA GLY C 161 24.82 20.38 -2.39
C GLY C 161 26.02 19.59 -1.91
N LEU C 162 25.82 18.31 -1.62
CA LEU C 162 26.94 17.49 -1.16
C LEU C 162 27.93 17.19 -2.29
N VAL C 163 27.43 16.98 -3.50
CA VAL C 163 28.32 16.82 -4.65
C VAL C 163 29.12 18.09 -4.88
N ALA C 164 28.47 19.26 -4.75
CA ALA C 164 29.18 20.52 -4.88
C ALA C 164 30.23 20.70 -3.78
N MET C 165 29.92 20.25 -2.57
CA MET C 165 30.89 20.37 -1.48
C MET C 165 32.08 19.45 -1.71
N LEU C 166 31.84 18.23 -2.19
CA LEU C 166 32.93 17.31 -2.47
C LEU C 166 33.72 17.69 -3.70
N SER C 167 33.13 18.46 -4.62
CA SER C 167 33.84 18.88 -5.82
C SER C 167 35.01 19.80 -5.49
N ASN C 168 34.90 20.59 -4.42
CA ASN C 168 35.99 21.47 -4.01
C ASN C 168 35.97 21.55 -2.49
N MET C 169 36.75 20.71 -1.83
CA MET C 169 36.76 20.66 -0.36
C MET C 169 37.65 21.77 0.19
N ASP C 170 38.96 21.66 -0.05
CA ASP C 170 39.93 22.73 0.19
C ASP C 170 40.07 23.04 1.68
N ASP C 171 39.17 22.51 2.51
CA ASP C 171 39.17 22.81 3.93
C ASP C 171 38.38 21.75 4.67
N PRO C 172 38.98 21.08 5.65
CA PRO C 172 38.22 20.05 6.38
C PRO C 172 37.27 20.61 7.42
N LYS C 173 37.61 21.74 8.04
CA LYS C 173 36.72 22.34 9.03
C LYS C 173 35.45 22.93 8.42
N ALA C 174 35.40 23.07 7.10
CA ALA C 174 34.21 23.54 6.41
C ALA C 174 33.34 22.41 5.90
N ILE C 175 33.70 21.15 6.16
CA ILE C 175 32.92 20.02 5.68
C ILE C 175 31.56 19.98 6.35
N GLY C 176 31.54 20.06 7.68
CA GLY C 176 30.33 19.95 8.45
C GLY C 176 29.26 20.98 8.13
N PRO C 177 29.63 22.26 8.16
CA PRO C 177 28.64 23.30 7.79
C PRO C 177 28.09 23.14 6.39
N ALA C 178 28.92 22.69 5.44
CA ALA C 178 28.44 22.48 4.09
C ALA C 178 27.37 21.39 4.05
N MET C 179 27.58 20.29 4.78
CA MET C 179 26.57 19.24 4.82
C MET C 179 25.33 19.70 5.58
N ALA C 180 25.50 20.57 6.58
CA ALA C 180 24.33 21.13 7.26
C ALA C 180 23.46 21.93 6.29
N VAL C 181 24.10 22.80 5.50
CA VAL C 181 23.36 23.58 4.52
C VAL C 181 22.72 22.66 3.48
N ALA C 182 23.45 21.64 3.04
CA ALA C 182 22.90 20.70 2.07
C ALA C 182 21.70 19.95 2.63
N LEU C 183 21.75 19.60 3.92
CA LEU C 183 20.65 18.91 4.59
C LEU C 183 19.45 19.81 4.83
N LEU C 184 19.65 21.13 4.81
CA LEU C 184 18.52 22.03 4.98
C LEU C 184 17.43 21.77 3.94
N THR C 185 17.82 21.39 2.73
CA THR C 185 16.85 21.09 1.69
C THR C 185 15.98 19.89 2.07
N THR C 186 16.62 18.85 2.61
CA THR C 186 15.89 17.68 3.09
C THR C 186 14.99 18.04 4.26
N LEU C 187 15.47 18.90 5.15
CA LEU C 187 14.65 19.35 6.28
C LEU C 187 13.40 20.08 5.79
N TYR C 188 13.56 21.01 4.84
CA TYR C 188 12.41 21.74 4.31
C TYR C 188 11.44 20.81 3.60
N GLY C 189 11.97 19.88 2.80
CA GLY C 189 11.10 18.93 2.13
C GLY C 189 10.31 18.09 3.10
N ALA C 190 10.94 17.62 4.18
CA ALA C 190 10.25 16.83 5.18
C ALA C 190 9.20 17.65 5.92
N ILE C 191 9.54 18.89 6.29
CA ILE C 191 8.59 19.73 6.99
C ILE C 191 7.38 20.02 6.13
N LEU C 192 7.61 20.39 4.87
CA LEU C 192 6.50 20.69 3.97
C LEU C 192 5.67 19.45 3.70
N SER C 193 6.31 18.29 3.55
CA SER C 193 5.58 17.06 3.29
C SER C 193 4.71 16.67 4.47
N ASN C 194 5.28 16.62 5.68
CA ASN C 194 4.60 15.99 6.81
C ASN C 194 3.84 16.96 7.69
N MET C 195 4.08 18.26 7.58
CA MET C 195 3.42 19.24 8.41
C MET C 195 2.48 20.16 7.65
N VAL C 196 2.58 20.21 6.31
CA VAL C 196 1.76 21.14 5.53
C VAL C 196 0.92 20.38 4.51
N PHE C 197 1.59 19.67 3.60
CA PHE C 197 0.89 19.14 2.43
C PHE C 197 0.08 17.89 2.76
N PHE C 198 0.71 16.90 3.38
CA PHE C 198 -0.02 15.70 3.78
C PHE C 198 -1.13 15.99 4.80
N PRO C 199 -0.91 16.80 5.84
CA PRO C 199 -2.05 17.18 6.69
C PRO C 199 -3.19 17.87 5.94
N ILE C 200 -2.89 18.73 4.97
CA ILE C 200 -3.96 19.38 4.23
C ILE C 200 -4.69 18.39 3.34
N ALA C 201 -3.97 17.43 2.75
CA ALA C 201 -4.62 16.40 1.96
C ALA C 201 -5.55 15.56 2.83
N ASP C 202 -5.09 15.17 4.03
CA ASP C 202 -5.92 14.39 4.92
C ASP C 202 -7.13 15.19 5.38
N LYS C 203 -6.94 16.48 5.69
CA LYS C 203 -8.05 17.33 6.09
C LYS C 203 -9.07 17.47 4.97
N LEU C 204 -8.59 17.60 3.73
CA LEU C 204 -9.50 17.70 2.60
C LEU C 204 -10.26 16.41 2.38
N SER C 205 -9.62 15.26 2.61
CA SER C 205 -10.35 13.99 2.52
C SER C 205 -11.43 13.89 3.61
N LEU C 206 -11.10 14.30 4.83
CA LEU C 206 -12.09 14.29 5.90
C LEU C 206 -13.26 15.22 5.57
N ARG C 207 -12.96 16.42 5.06
CA ARG C 207 -14.03 17.33 4.68
C ARG C 207 -14.80 16.81 3.47
N ARG C 208 -14.17 16.03 2.60
CA ARG C 208 -14.89 15.40 1.51
C ARG C 208 -15.94 14.45 2.06
N ASP C 209 -15.56 13.61 3.02
CA ASP C 209 -16.53 12.70 3.63
C ASP C 209 -17.65 13.48 4.30
N GLN C 210 -17.30 14.51 5.08
CA GLN C 210 -18.31 15.30 5.77
C GLN C 210 -19.25 16.00 4.80
N GLU C 211 -18.70 16.57 3.72
CA GLU C 211 -19.53 17.28 2.75
C GLU C 211 -20.44 16.32 1.99
N THR C 212 -19.95 15.13 1.64
CA THR C 212 -20.82 14.16 1.00
C THR C 212 -21.97 13.77 1.92
N LEU C 213 -21.68 13.53 3.20
CA LEU C 213 -22.74 13.20 4.14
C LEU C 213 -23.76 14.33 4.25
N ASN C 214 -23.28 15.56 4.44
CA ASN C 214 -24.19 16.69 4.61
C ASN C 214 -25.03 16.92 3.37
N ARG C 215 -24.42 16.85 2.19
CA ARG C 215 -25.17 17.09 0.96
C ARG C 215 -26.13 15.97 0.63
N ARG C 216 -25.79 14.72 0.96
CA ARG C 216 -26.75 13.64 0.81
C ARG C 216 -27.95 13.86 1.72
N LEU C 217 -27.70 14.28 2.97
CA LEU C 217 -28.79 14.57 3.89
C LEU C 217 -29.67 15.70 3.35
N ILE C 218 -29.04 16.76 2.84
CA ILE C 218 -29.80 17.90 2.32
C ILE C 218 -30.63 17.47 1.11
N MET C 219 -30.04 16.66 0.23
CA MET C 219 -30.76 16.19 -0.95
C MET C 219 -31.96 15.33 -0.57
N ASP C 220 -31.78 14.41 0.38
CA ASP C 220 -32.91 13.60 0.83
C ASP C 220 -33.98 14.47 1.47
N GLY C 221 -33.58 15.46 2.26
CA GLY C 221 -34.55 16.33 2.90
C GLY C 221 -35.37 17.12 1.89
N VAL C 222 -34.70 17.70 0.89
CA VAL C 222 -35.45 18.50 -0.08
C VAL C 222 -36.30 17.60 -0.98
N LEU C 223 -35.83 16.39 -1.29
CA LEU C 223 -36.65 15.46 -2.05
C LEU C 223 -37.92 15.10 -1.28
N ALA C 224 -37.79 14.89 0.03
CA ALA C 224 -38.97 14.67 0.85
C ALA C 224 -39.86 15.90 0.89
N ILE C 225 -39.27 17.09 0.88
CA ILE C 225 -40.05 18.33 0.87
C ILE C 225 -40.91 18.41 -0.39
N GLN C 226 -40.32 18.13 -1.55
CA GLN C 226 -41.10 18.09 -2.77
C GLN C 226 -42.13 16.97 -2.74
N ASP C 227 -41.80 15.87 -2.06
CA ASP C 227 -42.77 14.79 -1.89
C ASP C 227 -43.94 15.22 -1.01
N GLY C 228 -43.71 16.14 -0.07
CA GLY C 228 -44.75 16.52 0.86
C GLY C 228 -44.96 15.54 1.99
N GLN C 229 -43.92 14.81 2.38
CA GLN C 229 -44.06 13.79 3.40
C GLN C 229 -44.26 14.42 4.77
N ASN C 230 -44.63 13.58 5.73
CA ASN C 230 -44.76 14.01 7.12
C ASN C 230 -43.39 14.37 7.67
N PRO C 231 -43.20 15.58 8.22
CA PRO C 231 -41.87 15.98 8.70
C PRO C 231 -41.30 15.03 9.76
N ARG C 232 -42.17 14.43 10.57
CA ARG C 232 -41.70 13.43 11.53
C ARG C 232 -41.10 12.22 10.82
N VAL C 233 -41.72 11.78 9.72
CA VAL C 233 -41.18 10.68 8.94
C VAL C 233 -39.82 11.06 8.36
N ILE C 234 -39.70 12.30 7.87
CA ILE C 234 -38.43 12.77 7.33
C ILE C 234 -37.36 12.75 8.41
N ASP C 235 -37.70 13.25 9.60
CA ASP C 235 -36.74 13.29 10.70
C ASP C 235 -36.30 11.90 11.10
N SER C 236 -37.25 10.96 11.21
CA SER C 236 -36.90 9.60 11.58
C SER C 236 -36.01 8.95 10.54
N TYR C 237 -36.34 9.15 9.25
CA TYR C 237 -35.52 8.57 8.19
C TYR C 237 -34.10 9.13 8.20
N LEU C 238 -33.97 10.45 8.38
CA LEU C 238 -32.65 11.06 8.38
C LEU C 238 -31.83 10.61 9.59
N LYS C 239 -32.47 10.54 10.76
CA LYS C 239 -31.77 10.07 11.96
C LYS C 239 -31.33 8.62 11.80
N ASN C 240 -32.18 7.80 11.18
CA ASN C 240 -31.77 6.42 10.90
C ASN C 240 -30.58 6.39 9.93
N TYR C 241 -30.60 7.26 8.92
CA TYR C 241 -29.49 7.29 7.97
C TYR C 241 -28.20 7.78 8.63
N LEU C 242 -28.30 8.55 9.72
CA LEU C 242 -27.09 8.93 10.45
C LEU C 242 -26.34 7.71 10.96
N ASN C 243 -27.04 6.78 11.58
CA ASN C 243 -26.41 5.61 12.19
C ASN C 243 -26.20 4.50 11.16
N MET D 1 -7.98 -2.45 34.35
CA MET D 1 -6.55 -2.75 34.17
C MET D 1 -6.35 -4.20 33.75
N ASP D 2 -6.35 -4.45 32.44
CA ASP D 2 -6.13 -5.78 31.92
C ASP D 2 -4.64 -6.13 31.98
N LEU D 3 -4.31 -7.37 31.60
CA LEU D 3 -2.91 -7.80 31.65
C LEU D 3 -2.07 -7.06 30.62
N ALA D 4 -2.65 -6.75 29.46
CA ALA D 4 -1.92 -6.05 28.41
C ALA D 4 -1.44 -4.69 28.91
N THR D 5 -2.31 -3.94 29.56
CA THR D 5 -1.90 -2.67 30.16
C THR D 5 -0.88 -2.88 31.26
N LEU D 6 -1.10 -3.89 32.11
CA LEU D 6 -0.17 -4.20 33.19
C LEU D 6 1.19 -4.62 32.63
N LEU D 7 1.18 -5.48 31.61
CA LEU D 7 2.41 -5.90 30.95
C LEU D 7 3.11 -4.71 30.34
N GLY D 8 2.35 -3.78 29.75
CA GLY D 8 2.94 -2.59 29.17
C GLY D 8 3.60 -1.69 30.21
N LEU D 9 2.95 -1.51 31.35
CA LEU D 9 3.52 -0.68 32.40
C LEU D 9 4.81 -1.29 32.96
N ILE D 10 4.79 -2.58 33.26
CA ILE D 10 6.02 -3.23 33.74
C ILE D 10 7.09 -3.24 32.66
N GLY D 11 6.69 -3.44 31.40
CA GLY D 11 7.66 -3.40 30.32
C GLY D 11 8.30 -2.03 30.16
N GLY D 12 7.49 -0.97 30.28
CA GLY D 12 8.04 0.37 30.22
C GLY D 12 8.95 0.69 31.39
N PHE D 13 8.58 0.23 32.59
CA PHE D 13 9.44 0.43 33.76
C PHE D 13 10.78 -0.30 33.57
N ALA D 14 10.74 -1.56 33.16
CA ALA D 14 11.96 -2.30 32.90
C ALA D 14 12.75 -1.69 31.75
N PHE D 15 12.06 -1.11 30.76
CA PHE D 15 12.73 -0.44 29.66
C PHE D 15 13.47 0.80 30.13
N VAL D 16 12.85 1.59 31.01
CA VAL D 16 13.52 2.75 31.56
C VAL D 16 14.74 2.33 32.38
N ILE D 17 14.59 1.31 33.23
CA ILE D 17 15.71 0.84 34.03
C ILE D 17 16.82 0.31 33.13
N MET D 18 16.44 -0.41 32.07
CA MET D 18 17.38 -0.92 31.08
C MET D 18 18.13 0.19 30.36
N ALA D 19 17.41 1.23 29.94
CA ALA D 19 18.04 2.37 29.29
C ALA D 19 19.01 3.08 30.23
N MET D 20 18.61 3.27 31.48
CA MET D 20 19.47 3.87 32.48
C MET D 20 20.71 3.04 32.77
N VAL D 21 20.58 1.72 32.85
CA VAL D 21 21.74 0.86 33.09
C VAL D 21 22.69 0.88 31.90
N LEU D 22 22.16 0.77 30.68
CA LEU D 22 23.01 0.81 29.50
C LEU D 22 23.74 2.14 29.40
N GLY D 23 23.03 3.23 29.61
CA GLY D 23 23.63 4.54 29.45
C GLY D 23 24.18 5.19 30.69
N GLY D 24 24.23 4.45 31.80
CA GLY D 24 24.73 4.99 33.04
C GLY D 24 23.74 5.90 33.75
N SER D 25 23.19 6.87 33.03
CA SER D 25 22.22 7.79 33.60
C SER D 25 20.91 7.76 32.81
N ILE D 26 19.97 8.63 33.17
CA ILE D 26 18.68 8.71 32.51
C ILE D 26 18.52 10.11 31.93
N GLY D 27 19.30 11.05 32.47
CA GLY D 27 19.19 12.43 32.03
C GLY D 27 19.64 12.68 30.62
N MET D 28 20.24 11.68 29.97
CA MET D 28 20.66 11.83 28.58
C MET D 28 19.63 11.30 27.60
N PHE D 29 18.64 10.53 28.06
CA PHE D 29 17.48 10.19 27.26
C PHE D 29 16.40 11.26 27.35
N VAL D 30 16.64 12.33 28.10
CA VAL D 30 15.68 13.41 28.29
C VAL D 30 16.28 14.66 27.67
N ASP D 31 15.61 15.19 26.64
CA ASP D 31 16.05 16.42 25.99
C ASP D 31 14.82 17.27 25.75
N VAL D 32 14.83 18.48 26.31
CA VAL D 32 13.64 19.34 26.24
C VAL D 32 13.31 19.72 24.81
N THR D 33 14.33 20.02 24.00
CA THR D 33 14.09 20.37 22.60
C THR D 33 13.47 19.21 21.82
N SER D 34 13.95 17.99 22.05
CA SER D 34 13.41 16.84 21.34
C SER D 34 11.95 16.59 21.71
N ILE D 35 11.64 16.63 23.00
CA ILE D 35 10.26 16.48 23.45
C ILE D 35 9.39 17.58 22.85
N LEU D 36 9.89 18.81 22.86
CA LEU D 36 9.13 19.93 22.31
C LEU D 36 8.84 19.71 20.84
N ILE D 37 9.84 19.31 20.07
CA ILE D 37 9.65 19.09 18.64
C ILE D 37 8.60 18.01 18.42
N VAL D 38 8.79 16.84 19.02
CA VAL D 38 7.89 15.73 18.74
C VAL D 38 6.47 16.07 19.17
N VAL D 39 6.30 16.52 20.41
CA VAL D 39 4.97 16.74 20.95
C VAL D 39 4.30 17.92 20.25
N GLY D 40 5.00 19.04 20.11
CA GLY D 40 4.40 20.21 19.49
C GLY D 40 4.07 20.00 18.03
N GLY D 41 4.96 19.37 17.26
CA GLY D 41 4.66 19.09 15.88
C GLY D 41 3.53 18.10 15.71
N SER D 42 3.50 17.07 16.55
CA SER D 42 2.41 16.10 16.49
C SER D 42 1.08 16.77 16.82
N ILE D 43 1.05 17.61 17.84
CA ILE D 43 -0.17 18.33 18.19
C ILE D 43 -0.57 19.27 17.06
N PHE D 44 0.40 19.97 16.47
CA PHE D 44 0.11 20.85 15.34
C PHE D 44 -0.55 20.09 14.20
N VAL D 45 0.03 18.96 13.80
CA VAL D 45 -0.49 18.22 12.66
C VAL D 45 -1.85 17.61 12.98
N VAL D 46 -2.00 17.04 14.19
CA VAL D 46 -3.25 16.40 14.55
C VAL D 46 -4.37 17.43 14.66
N LEU D 47 -4.06 18.62 15.17
CA LEU D 47 -5.02 19.71 15.22
C LEU D 47 -5.25 20.36 13.85
N MET D 48 -4.38 20.12 12.87
CA MET D 48 -4.73 20.45 11.49
C MET D 48 -5.85 19.55 10.96
N LYS D 49 -6.08 18.40 11.59
CA LYS D 49 -7.06 17.43 11.13
C LYS D 49 -8.21 17.22 12.09
N PHE D 50 -8.01 17.47 13.37
CA PHE D 50 -9.06 17.37 14.38
C PHE D 50 -9.16 18.68 15.14
N THR D 51 -10.32 18.90 15.75
CA THR D 51 -10.51 20.09 16.57
C THR D 51 -9.96 19.85 17.97
N MET D 52 -9.77 20.87 18.77
CA MET D 52 -9.37 20.70 20.19
C MET D 52 -10.48 19.96 20.91
N GLY D 53 -11.74 20.21 20.61
CA GLY D 53 -12.77 19.42 21.28
C GLY D 53 -12.65 17.95 20.98
N GLN D 54 -12.35 17.60 19.73
CA GLN D 54 -12.14 16.20 19.37
C GLN D 54 -10.93 15.61 20.06
N PHE D 55 -9.83 16.38 20.17
CA PHE D 55 -8.65 15.91 20.88
C PHE D 55 -8.96 15.68 22.36
N PHE D 56 -9.66 16.61 22.99
CA PHE D 56 -10.03 16.44 24.39
C PHE D 56 -10.95 15.25 24.59
N GLY D 57 -11.91 15.06 23.68
CA GLY D 57 -12.79 13.91 23.78
C GLY D 57 -12.05 12.59 23.63
N ALA D 58 -11.10 12.54 22.69
CA ALA D 58 -10.28 11.35 22.54
C ALA D 58 -9.47 11.08 23.80
N THR D 59 -8.89 12.12 24.39
CA THR D 59 -8.14 11.95 25.62
C THR D 59 -9.02 11.41 26.75
N LYS D 60 -10.23 11.98 26.88
CA LYS D 60 -11.13 11.53 27.92
C LYS D 60 -11.55 10.08 27.71
N ILE D 61 -11.86 9.70 26.46
CA ILE D 61 -12.29 8.33 26.21
C ILE D 61 -11.14 7.35 26.43
N ALA D 62 -9.90 7.74 26.08
CA ALA D 62 -8.76 6.88 26.37
C ALA D 62 -8.56 6.71 27.88
N GLY D 63 -8.70 7.80 28.64
CA GLY D 63 -8.58 7.69 30.08
C GLY D 63 -9.65 6.80 30.68
N LYS D 64 -10.88 6.91 30.18
CA LYS D 64 -11.96 6.05 30.67
C LYS D 64 -11.71 4.60 30.29
N ALA D 65 -11.16 4.35 29.11
CA ALA D 65 -10.87 2.97 28.71
C ALA D 65 -9.75 2.35 29.54
N PHE D 66 -8.75 3.14 29.92
CA PHE D 66 -7.61 2.62 30.67
C PHE D 66 -7.81 2.65 32.17
N MET D 67 -8.91 3.21 32.66
CA MET D 67 -9.19 3.28 34.09
C MET D 67 -10.38 2.45 34.52
N PHE D 68 -11.42 2.34 33.69
CA PHE D 68 -12.60 1.57 34.01
C PHE D 68 -12.68 0.36 33.08
N LYS D 69 -12.73 -0.83 33.66
CA LYS D 69 -12.83 -2.06 32.90
C LYS D 69 -14.27 -2.25 32.44
N ALA D 70 -14.44 -2.67 31.19
CA ALA D 70 -15.78 -2.89 30.66
C ALA D 70 -16.46 -4.04 31.38
N ASP D 71 -17.78 -3.91 31.55
CA ASP D 71 -18.54 -4.96 32.21
C ASP D 71 -18.53 -6.24 31.37
N GLU D 72 -18.42 -7.36 32.06
CA GLU D 72 -18.43 -8.65 31.37
C GLU D 72 -19.84 -8.95 30.87
N PRO D 73 -19.97 -9.43 29.63
CA PRO D 73 -21.31 -9.69 29.09
C PRO D 73 -22.12 -10.71 29.88
N GLU D 74 -21.45 -11.70 30.48
CA GLU D 74 -22.17 -12.70 31.27
C GLU D 74 -22.80 -12.07 32.51
N ASP D 75 -22.08 -11.19 33.18
CA ASP D 75 -22.64 -10.50 34.34
C ASP D 75 -23.83 -9.64 33.94
N LEU D 76 -23.72 -8.96 32.81
CA LEU D 76 -24.84 -8.16 32.31
C LEU D 76 -26.05 -9.04 32.02
N ILE D 77 -25.84 -10.20 31.39
CA ILE D 77 -26.95 -11.09 31.08
C ILE D 77 -27.59 -11.60 32.37
N ALA D 78 -26.78 -11.93 33.37
CA ALA D 78 -27.33 -12.34 34.66
C ALA D 78 -28.16 -11.24 35.29
N LYS D 79 -27.67 -10.00 35.19
CA LYS D 79 -28.43 -8.87 35.73
C LYS D 79 -29.75 -8.69 34.99
N ILE D 80 -29.73 -8.81 33.66
CA ILE D 80 -30.97 -8.66 32.90
C ILE D 80 -31.97 -9.76 33.25
N VAL D 81 -31.52 -11.00 33.42
CA VAL D 81 -32.48 -12.05 33.74
C VAL D 81 -32.99 -11.91 35.17
N GLU D 82 -32.16 -11.44 36.10
CA GLU D 82 -32.63 -11.15 37.44
C GLU D 82 -33.68 -10.05 37.42
N MET D 83 -33.44 -9.01 36.63
CA MET D 83 -34.44 -7.96 36.46
C MET D 83 -35.69 -8.48 35.78
N ALA D 84 -35.54 -9.47 34.90
CA ALA D 84 -36.69 -10.09 34.26
C ALA D 84 -37.57 -10.80 35.29
N ASP D 85 -36.93 -11.55 36.19
CA ASP D 85 -37.70 -12.17 37.27
C ASP D 85 -38.37 -11.11 38.15
N ALA D 86 -37.64 -10.04 38.48
CA ALA D 86 -38.18 -9.00 39.34
C ALA D 86 -39.39 -8.33 38.69
N ALA D 87 -39.30 -8.01 37.40
CA ALA D 87 -40.43 -7.41 36.70
C ALA D 87 -41.56 -8.39 36.47
N ARG D 88 -41.26 -9.67 36.30
CA ARG D 88 -42.31 -10.68 36.11
C ARG D 88 -43.13 -10.84 37.38
N LYS D 89 -42.48 -10.79 38.54
CA LYS D 89 -43.17 -11.00 39.81
C LYS D 89 -43.29 -9.71 40.62
N GLY D 90 -42.94 -8.57 40.04
CA GLY D 90 -43.09 -7.30 40.75
C GLY D 90 -43.52 -6.14 39.88
N GLY D 91 -43.71 -6.38 38.59
CA GLY D 91 -44.11 -5.33 37.69
C GLY D 91 -42.96 -4.40 37.32
N PHE D 92 -43.27 -3.42 36.47
CA PHE D 92 -42.26 -2.46 36.04
C PHE D 92 -41.79 -1.60 37.20
N LEU D 93 -42.68 -1.30 38.15
CA LEU D 93 -42.32 -0.46 39.28
C LEU D 93 -41.28 -1.11 40.18
N ALA D 94 -41.07 -2.42 40.06
CA ALA D 94 -40.07 -3.12 40.86
C ALA D 94 -38.65 -2.86 40.39
N LEU D 95 -38.47 -2.19 39.25
CA LEU D 95 -37.14 -2.00 38.70
C LEU D 95 -36.36 -0.87 39.35
N GLU D 96 -36.98 -0.10 40.24
CA GLU D 96 -36.31 1.01 40.91
C GLU D 96 -35.88 0.66 42.34
N GLU D 97 -35.96 -0.61 42.73
CA GLU D 97 -35.66 -1.01 44.10
C GLU D 97 -34.37 -1.82 44.22
N MET D 98 -33.62 -2.00 43.14
CA MET D 98 -32.32 -2.64 43.21
C MET D 98 -31.28 -1.79 42.50
N GLU D 99 -30.04 -1.88 42.96
CA GLU D 99 -28.96 -1.12 42.37
C GLU D 99 -28.56 -1.70 41.01
N ILE D 100 -28.16 -0.81 40.11
CA ILE D 100 -27.63 -1.19 38.80
C ILE D 100 -26.30 -0.47 38.62
N ASN D 101 -25.24 -1.23 38.36
CA ASN D 101 -23.89 -0.68 38.24
C ASN D 101 -23.58 -0.18 36.83
N ASN D 102 -24.53 -0.32 35.89
CA ASN D 102 -24.30 0.04 34.50
C ASN D 102 -25.17 1.26 34.17
N THR D 103 -24.53 2.33 33.70
CA THR D 103 -25.26 3.56 33.41
C THR D 103 -26.19 3.39 32.22
N PHE D 104 -25.77 2.66 31.18
CA PHE D 104 -26.64 2.41 30.04
C PHE D 104 -27.87 1.60 30.44
N MET D 105 -27.66 0.60 31.30
CA MET D 105 -28.79 -0.17 31.82
C MET D 105 -29.72 0.70 32.65
N GLN D 106 -29.16 1.60 33.47
CA GLN D 106 -29.99 2.49 34.27
C GLN D 106 -30.81 3.42 33.37
N LYS D 107 -30.18 3.93 32.31
CA LYS D 107 -30.91 4.80 31.38
C LYS D 107 -32.04 4.03 30.70
N GLY D 108 -31.77 2.80 30.26
CA GLY D 108 -32.82 2.00 29.67
C GLY D 108 -33.94 1.68 30.65
N ILE D 109 -33.58 1.42 31.91
CA ILE D 109 -34.58 1.11 32.93
C ILE D 109 -35.47 2.32 33.19
N ASP D 110 -34.86 3.51 33.28
CA ASP D 110 -35.65 4.72 33.49
C ASP D 110 -36.57 4.97 32.31
N LEU D 111 -36.07 4.81 31.08
CA LEU D 111 -36.93 4.99 29.92
C LEU D 111 -38.05 3.97 29.89
N LEU D 112 -37.80 2.75 30.38
CA LEU D 112 -38.83 1.72 30.41
C LEU D 112 -39.90 2.03 31.45
N VAL D 113 -39.49 2.46 32.65
CA VAL D 113 -40.44 2.66 33.74
C VAL D 113 -41.16 4.00 33.61
N ASP D 114 -40.64 4.94 32.84
CA ASP D 114 -41.30 6.23 32.68
C ASP D 114 -42.44 6.19 31.67
N GLY D 115 -42.89 5.00 31.27
CA GLY D 115 -44.04 4.86 30.41
C GLY D 115 -43.78 5.03 28.92
N HIS D 116 -42.52 5.26 28.52
CA HIS D 116 -42.21 5.39 27.11
C HIS D 116 -42.47 4.07 26.38
N ASP D 117 -42.98 4.18 25.15
CA ASP D 117 -43.25 3.01 24.35
C ASP D 117 -41.94 2.38 23.87
N ALA D 118 -42.05 1.18 23.30
CA ALA D 118 -40.87 0.45 22.86
C ALA D 118 -40.13 1.18 21.76
N ASP D 119 -40.85 1.88 20.88
CA ASP D 119 -40.21 2.53 19.73
C ASP D 119 -39.26 3.63 20.18
N VAL D 120 -39.73 4.54 21.04
CA VAL D 120 -38.90 5.65 21.48
C VAL D 120 -37.75 5.16 22.36
N VAL D 121 -38.01 4.15 23.20
CA VAL D 121 -36.95 3.60 24.04
C VAL D 121 -35.86 3.00 23.18
N ARG D 122 -36.25 2.22 22.17
CA ARG D 122 -35.28 1.62 21.27
C ARG D 122 -34.51 2.70 20.51
N ALA D 123 -35.20 3.74 20.05
CA ALA D 123 -34.54 4.81 19.31
C ALA D 123 -33.51 5.52 20.19
N ALA D 124 -33.86 5.83 21.43
CA ALA D 124 -32.93 6.51 22.32
C ALA D 124 -31.74 5.64 22.66
N LEU D 125 -31.98 4.35 22.92
CA LEU D 125 -30.86 3.45 23.21
C LEU D 125 -29.95 3.29 22.02
N LYS D 126 -30.53 3.20 20.81
CA LYS D 126 -29.70 3.13 19.61
C LYS D 126 -28.91 4.41 19.40
N LYS D 127 -29.50 5.56 19.72
CA LYS D 127 -28.77 6.82 19.63
C LYS D 127 -27.60 6.83 20.61
N ASP D 128 -27.81 6.35 21.83
CA ASP D 128 -26.71 6.28 22.80
C ASP D 128 -25.61 5.35 22.31
N ILE D 129 -25.98 4.19 21.76
CA ILE D 129 -24.99 3.25 21.27
C ILE D 129 -24.21 3.85 20.11
N ALA D 130 -24.90 4.54 19.20
CA ALA D 130 -24.23 5.18 18.07
C ALA D 130 -23.30 6.29 18.53
N LEU D 131 -23.72 7.05 19.54
CA LEU D 131 -22.86 8.10 20.08
C LEU D 131 -21.60 7.51 20.71
N THR D 132 -21.75 6.43 21.47
CA THR D 132 -20.60 5.78 22.09
C THR D 132 -19.65 5.24 21.01
N ASP D 133 -20.21 4.60 19.99
CA ASP D 133 -19.40 4.07 18.90
C ASP D 133 -18.66 5.19 18.17
N GLU D 134 -19.34 6.32 17.94
CA GLU D 134 -18.71 7.45 17.28
C GLU D 134 -17.60 8.04 18.13
N ARG D 135 -17.81 8.13 19.44
CA ARG D 135 -16.77 8.63 20.33
C ARG D 135 -15.55 7.73 20.30
N HIS D 136 -15.76 6.41 20.33
CA HIS D 136 -14.63 5.49 20.27
C HIS D 136 -13.91 5.57 18.94
N THR D 137 -14.66 5.67 17.84
CA THR D 137 -14.04 5.78 16.53
C THR D 137 -13.24 7.08 16.41
N GLN D 138 -13.78 8.18 16.94
CA GLN D 138 -13.06 9.46 16.92
C GLN D 138 -11.80 9.40 17.75
N GLY D 139 -11.86 8.78 18.93
CA GLY D 139 -10.65 8.62 19.73
C GLY D 139 -9.60 7.77 19.05
N THR D 140 -10.04 6.67 18.43
CA THR D 140 -9.12 5.83 17.68
C THR D 140 -8.50 6.61 16.52
N GLY D 141 -9.29 7.44 15.84
CA GLY D 141 -8.75 8.25 14.76
C GLY D 141 -7.73 9.26 15.24
N VAL D 142 -8.00 9.92 16.37
CA VAL D 142 -7.06 10.90 16.90
C VAL D 142 -5.75 10.24 17.29
N PHE D 143 -5.82 9.10 17.98
CA PHE D 143 -4.58 8.44 18.40
C PHE D 143 -3.86 7.76 17.23
N ARG D 144 -4.61 7.31 16.23
CA ARG D 144 -4.00 6.82 15.00
C ARG D 144 -3.25 7.93 14.29
N ALA D 145 -3.83 9.14 14.25
CA ALA D 145 -3.16 10.28 13.65
C ALA D 145 -1.91 10.67 14.43
N PHE D 146 -1.98 10.61 15.76
CA PHE D 146 -0.81 10.85 16.58
C PHE D 146 0.29 9.84 16.30
N GLY D 147 -0.08 8.56 16.18
CA GLY D 147 0.88 7.54 15.85
C GLY D 147 1.48 7.70 14.47
N ASP D 148 0.68 8.19 13.52
CA ASP D 148 1.17 8.45 12.17
C ASP D 148 2.14 9.62 12.14
N VAL D 149 1.89 10.66 12.94
CA VAL D 149 2.71 11.85 12.84
C VAL D 149 3.93 11.85 13.75
N ALA D 150 3.89 11.14 14.88
CA ALA D 150 5.00 11.16 15.81
C ALA D 150 6.33 10.72 15.21
N PRO D 151 6.42 9.66 14.41
CA PRO D 151 7.73 9.32 13.83
C PRO D 151 8.15 10.22 12.69
N ALA D 152 7.21 10.78 11.93
CA ALA D 152 7.57 11.82 10.96
C ALA D 152 8.13 13.05 11.66
N MET D 153 7.49 13.46 12.75
CA MET D 153 8.01 14.56 13.55
C MET D 153 9.34 14.21 14.19
N GLY D 154 9.53 12.96 14.58
CA GLY D 154 10.80 12.54 15.12
C GLY D 154 11.92 12.59 14.10
N MET D 155 11.62 12.21 12.86
CA MET D 155 12.62 12.30 11.81
C MET D 155 12.90 13.76 11.45
N ILE D 156 11.89 14.62 11.51
CA ILE D 156 12.12 16.06 11.32
C ILE D 156 13.04 16.60 12.41
N GLY D 157 12.77 16.23 13.66
CA GLY D 157 13.61 16.67 14.75
C GLY D 157 15.02 16.12 14.68
N THR D 158 15.17 14.89 14.20
CA THR D 158 16.50 14.32 14.00
C THR D 158 17.23 15.06 12.89
N LEU D 159 16.53 15.48 11.84
CA LEU D 159 17.14 16.32 10.82
C LEU D 159 17.60 17.65 11.41
N VAL D 160 16.78 18.25 12.27
CA VAL D 160 17.17 19.48 12.96
C VAL D 160 18.43 19.25 13.79
N GLY D 161 18.47 18.14 14.53
CA GLY D 161 19.63 17.84 15.35
C GLY D 161 20.88 17.56 14.54
N LEU D 162 20.73 16.90 13.41
CA LEU D 162 21.87 16.64 12.54
C LEU D 162 22.41 17.93 11.94
N VAL D 163 21.53 18.84 11.54
CA VAL D 163 21.99 20.13 11.05
C VAL D 163 22.73 20.88 12.15
N ALA D 164 22.20 20.82 13.39
CA ALA D 164 22.88 21.46 14.50
C ALA D 164 24.26 20.85 14.75
N MET D 165 24.35 19.53 14.70
CA MET D 165 25.62 18.84 14.95
C MET D 165 26.64 19.15 13.86
N LEU D 166 26.19 19.18 12.60
CA LEU D 166 27.11 19.41 11.50
C LEU D 166 27.57 20.86 11.44
N SER D 167 26.70 21.80 11.79
CA SER D 167 27.10 23.20 11.79
C SER D 167 28.20 23.47 12.80
N ASN D 168 28.24 22.72 13.89
CA ASN D 168 29.26 22.87 14.93
C ASN D 168 30.29 21.75 14.87
N MET D 169 30.57 21.24 13.68
CA MET D 169 31.46 20.11 13.50
C MET D 169 32.81 20.61 12.99
N ASP D 170 33.78 20.69 13.90
CA ASP D 170 35.18 20.89 13.55
C ASP D 170 35.95 19.71 14.13
N ASP D 171 36.68 19.00 13.26
CA ASP D 171 37.43 17.82 13.68
C ASP D 171 36.48 16.81 14.32
N PRO D 172 35.66 16.11 13.53
CA PRO D 172 34.51 15.41 14.08
C PRO D 172 35.14 14.33 14.95
N LYS D 173 35.23 14.58 16.25
CA LYS D 173 35.61 13.54 17.20
C LYS D 173 34.91 13.94 18.48
N ALA D 174 34.01 14.93 18.43
CA ALA D 174 33.17 15.31 19.56
C ALA D 174 31.69 15.32 19.19
N ILE D 175 31.32 14.79 18.02
CA ILE D 175 29.94 14.83 17.56
C ILE D 175 29.08 13.73 18.13
N GLY D 176 29.62 12.86 18.98
CA GLY D 176 28.89 11.77 19.56
C GLY D 176 27.65 12.20 20.33
N PRO D 177 27.83 13.01 21.38
CA PRO D 177 26.66 13.47 22.14
C PRO D 177 25.65 14.24 21.31
N ALA D 178 26.10 15.07 20.38
CA ALA D 178 25.16 15.81 19.53
C ALA D 178 24.37 14.87 18.64
N MET D 179 25.03 13.84 18.11
CA MET D 179 24.34 12.85 17.29
C MET D 179 23.35 12.05 18.14
N ALA D 180 23.70 11.75 19.40
CA ALA D 180 22.77 11.09 20.30
C ALA D 180 21.54 11.94 20.57
N VAL D 181 21.74 13.25 20.79
CA VAL D 181 20.61 14.15 20.98
C VAL D 181 19.75 14.20 19.73
N ALA D 182 20.38 14.20 18.55
CA ALA D 182 19.62 14.17 17.31
C ALA D 182 18.78 12.89 17.20
N LEU D 183 19.35 11.75 17.61
CA LEU D 183 18.64 10.48 17.57
C LEU D 183 17.52 10.40 18.61
N LEU D 184 17.62 11.17 19.69
CA LEU D 184 16.59 11.15 20.72
C LEU D 184 15.21 11.46 20.17
N THR D 185 15.12 12.32 19.15
CA THR D 185 13.83 12.69 18.61
C THR D 185 13.17 11.53 17.87
N THR D 186 13.96 10.76 17.10
CA THR D 186 13.42 9.56 16.48
C THR D 186 13.11 8.49 17.51
N LEU D 187 13.88 8.41 18.58
CA LEU D 187 13.56 7.48 19.66
C LEU D 187 12.21 7.83 20.28
N TYR D 188 11.97 9.12 20.54
CA TYR D 188 10.69 9.56 21.09
C TYR D 188 9.55 9.26 20.13
N GLY D 189 9.75 9.56 18.84
CA GLY D 189 8.71 9.27 17.86
C GLY D 189 8.38 7.80 17.78
N ALA D 190 9.41 6.95 17.78
CA ALA D 190 9.21 5.51 17.71
C ALA D 190 8.49 4.98 18.93
N ILE D 191 8.92 5.39 20.13
CA ILE D 191 8.27 4.91 21.34
C ILE D 191 6.83 5.40 21.42
N LEU D 192 6.61 6.68 21.11
CA LEU D 192 5.25 7.23 21.19
C LEU D 192 4.33 6.57 20.17
N SER D 193 4.83 6.34 18.96
CA SER D 193 4.00 5.73 17.92
C SER D 193 3.71 4.27 18.25
N ASN D 194 4.75 3.45 18.35
CA ASN D 194 4.57 2.01 18.44
C ASN D 194 4.10 1.56 19.82
N MET D 195 4.48 2.27 20.88
CA MET D 195 4.25 1.78 22.23
C MET D 195 3.19 2.56 22.98
N VAL D 196 2.73 3.71 22.47
CA VAL D 196 1.74 4.51 23.19
C VAL D 196 0.51 4.76 22.32
N PHE D 197 0.69 5.50 21.22
CA PHE D 197 -0.48 6.00 20.48
C PHE D 197 -1.20 4.89 19.74
N PHE D 198 -0.46 4.05 19.03
CA PHE D 198 -1.06 2.91 18.34
C PHE D 198 -1.64 1.90 19.33
N PRO D 199 -0.95 1.58 20.43
CA PRO D 199 -1.61 0.75 21.46
C PRO D 199 -2.89 1.35 22.02
N ILE D 200 -2.92 2.67 22.24
CA ILE D 200 -4.14 3.29 22.74
C ILE D 200 -5.25 3.19 21.71
N ALA D 201 -4.92 3.41 20.43
CA ALA D 201 -5.92 3.29 19.37
C ALA D 201 -6.44 1.86 19.27
N ASP D 202 -5.55 0.86 19.39
CA ASP D 202 -5.98 -0.53 19.31
C ASP D 202 -6.83 -0.93 20.51
N LYS D 203 -6.45 -0.49 21.70
CA LYS D 203 -7.27 -0.76 22.88
C LYS D 203 -8.61 -0.04 22.79
N LEU D 204 -8.64 1.13 22.15
CA LEU D 204 -9.91 1.81 21.93
C LEU D 204 -10.78 1.06 20.94
N SER D 205 -10.18 0.44 19.92
CA SER D 205 -10.96 -0.39 19.01
C SER D 205 -11.54 -1.61 19.73
N LEU D 206 -10.71 -2.26 20.55
CA LEU D 206 -11.19 -3.40 21.34
C LEU D 206 -12.29 -2.97 22.30
N ARG D 207 -12.13 -1.81 22.93
CA ARG D 207 -13.14 -1.29 23.84
C ARG D 207 -14.41 -0.89 23.10
N ARG D 208 -14.28 -0.40 21.87
CA ARG D 208 -15.45 -0.16 21.04
C ARG D 208 -16.22 -1.45 20.80
N ASP D 209 -15.51 -2.53 20.47
CA ASP D 209 -16.18 -3.82 20.28
C ASP D 209 -16.87 -4.28 21.56
N GLN D 210 -16.16 -4.18 22.69
CA GLN D 210 -16.74 -4.61 23.96
C GLN D 210 -17.97 -3.80 24.33
N GLU D 211 -17.90 -2.48 24.17
CA GLU D 211 -19.01 -1.62 24.55
C GLU D 211 -20.19 -1.79 23.61
N THR D 212 -19.92 -1.99 22.32
CA THR D 212 -21.01 -2.26 21.37
C THR D 212 -21.73 -3.55 21.75
N LEU D 213 -20.96 -4.60 22.05
CA LEU D 213 -21.58 -5.87 22.46
C LEU D 213 -22.40 -5.70 23.74
N ASN D 214 -21.81 -5.05 24.75
CA ASN D 214 -22.49 -4.90 26.02
C ASN D 214 -23.75 -4.07 25.88
N ARG D 215 -23.67 -2.95 25.17
CA ARG D 215 -24.82 -2.08 25.02
C ARG D 215 -25.90 -2.73 24.17
N ARG D 216 -25.52 -3.53 23.17
CA ARG D 216 -26.52 -4.22 22.37
C ARG D 216 -27.22 -5.31 23.19
N LEU D 217 -26.46 -6.03 24.03
CA LEU D 217 -27.09 -6.98 24.95
C LEU D 217 -28.05 -6.28 25.90
N ILE D 218 -27.63 -5.13 26.44
CA ILE D 218 -28.49 -4.40 27.36
C ILE D 218 -29.74 -3.90 26.66
N MET D 219 -29.60 -3.40 25.42
CA MET D 219 -30.77 -2.96 24.68
C MET D 219 -31.74 -4.11 24.42
N ASP D 220 -31.20 -5.28 24.03
CA ASP D 220 -32.06 -6.43 23.80
C ASP D 220 -32.77 -6.85 25.07
N GLY D 221 -32.07 -6.87 26.20
CA GLY D 221 -32.71 -7.21 27.46
C GLY D 221 -33.78 -6.22 27.86
N VAL D 222 -33.49 -4.93 27.70
CA VAL D 222 -34.46 -3.90 28.07
C VAL D 222 -35.70 -3.99 27.18
N LEU D 223 -35.50 -4.19 25.88
CA LEU D 223 -36.65 -4.34 24.98
C LEU D 223 -37.45 -5.60 25.29
N ALA D 224 -36.77 -6.68 25.67
CA ALA D 224 -37.47 -7.89 26.08
C ALA D 224 -38.31 -7.64 27.33
N ILE D 225 -37.76 -6.88 28.28
CA ILE D 225 -38.53 -6.52 29.48
C ILE D 225 -39.72 -5.64 29.09
N GLN D 226 -39.53 -4.78 28.09
CA GLN D 226 -40.61 -3.90 27.64
C GLN D 226 -41.81 -4.70 27.17
N ASP D 227 -41.57 -5.78 26.42
CA ASP D 227 -42.64 -6.66 25.97
C ASP D 227 -42.96 -7.74 26.99
N GLY D 228 -42.21 -7.84 28.08
CA GLY D 228 -42.51 -8.80 29.13
C GLY D 228 -42.37 -10.24 28.73
N GLN D 229 -41.32 -10.58 27.97
CA GLN D 229 -41.09 -11.96 27.60
C GLN D 229 -40.64 -12.76 28.81
N ASN D 230 -40.75 -14.09 28.69
CA ASN D 230 -40.38 -14.98 29.79
C ASN D 230 -38.88 -14.87 30.04
N PRO D 231 -38.44 -14.84 31.31
CA PRO D 231 -37.00 -14.69 31.59
C PRO D 231 -36.14 -15.79 30.98
N ARG D 232 -36.62 -17.03 30.95
CA ARG D 232 -35.82 -18.11 30.36
C ARG D 232 -35.60 -17.89 28.88
N VAL D 233 -36.64 -17.44 28.17
CA VAL D 233 -36.53 -17.23 26.73
C VAL D 233 -35.51 -16.14 26.43
N ILE D 234 -35.57 -15.04 27.16
CA ILE D 234 -34.63 -13.95 26.89
C ILE D 234 -33.24 -14.33 27.35
N ASP D 235 -33.12 -15.14 28.40
CA ASP D 235 -31.79 -15.65 28.79
C ASP D 235 -31.19 -16.47 27.67
N SER D 236 -31.98 -17.37 27.09
CA SER D 236 -31.48 -18.18 25.97
C SER D 236 -31.13 -17.29 24.77
N TYR D 237 -31.97 -16.29 24.48
CA TYR D 237 -31.71 -15.41 23.36
C TYR D 237 -30.41 -14.63 23.55
N LEU D 238 -30.21 -14.08 24.75
CA LEU D 238 -29.00 -13.32 25.04
C LEU D 238 -27.76 -14.21 24.99
N LYS D 239 -27.86 -15.42 25.56
CA LYS D 239 -26.72 -16.33 25.53
C LYS D 239 -26.37 -16.72 24.10
N ASN D 240 -27.38 -17.00 23.27
CA ASN D 240 -27.13 -17.33 21.87
C ASN D 240 -26.48 -16.15 21.15
N TYR D 241 -26.99 -14.93 21.38
CA TYR D 241 -26.45 -13.76 20.70
C TYR D 241 -25.01 -13.51 21.12
N LEU D 242 -24.70 -13.69 22.41
CA LEU D 242 -23.33 -13.55 22.88
C LEU D 242 -22.42 -14.61 22.27
N ASN D 243 -22.90 -15.85 22.16
CA ASN D 243 -22.07 -16.92 21.63
C ASN D 243 -21.79 -16.72 20.14
N GLU D 244 -22.82 -16.38 19.37
CA GLU D 244 -22.62 -16.21 17.93
C GLU D 244 -21.79 -14.97 17.63
N GLY D 245 -21.78 -13.99 18.53
CA GLY D 245 -20.94 -12.82 18.37
C GLY D 245 -19.49 -13.03 18.77
N LYS D 246 -19.16 -14.18 19.34
CA LYS D 246 -17.79 -14.46 19.72
C LYS D 246 -16.92 -14.65 18.48
N ARG D 247 -15.69 -14.13 18.54
CA ARG D 247 -14.77 -14.23 17.42
C ARG D 247 -14.34 -15.68 17.19
N ALA D 248 -14.01 -15.98 15.94
CA ALA D 248 -13.72 -17.36 15.56
C ALA D 248 -12.49 -17.90 16.29
N LEU D 249 -11.46 -17.05 16.46
CA LEU D 249 -10.24 -17.51 17.11
C LEU D 249 -10.46 -17.95 18.54
N GLU D 250 -11.48 -17.43 19.21
CA GLU D 250 -11.78 -17.81 20.58
C GLU D 250 -12.64 -19.05 20.69
N ILE D 251 -13.15 -19.57 19.57
CA ILE D 251 -14.02 -20.74 19.59
C ILE D 251 -13.20 -22.01 19.36
N MET E 18 21.75 -17.55 12.85
CA MET E 18 22.82 -16.95 13.62
C MET E 18 23.92 -17.96 13.93
N VAL E 19 24.38 -18.66 12.92
CA VAL E 19 25.37 -19.72 13.10
C VAL E 19 26.65 -19.34 12.35
N LEU E 20 26.50 -18.49 11.33
CA LEU E 20 27.60 -18.16 10.44
C LEU E 20 28.66 -17.31 11.15
N GLY E 21 28.33 -16.80 12.34
CA GLY E 21 29.30 -16.08 13.13
C GLY E 21 30.34 -17.00 13.73
N GLY E 22 29.99 -18.28 13.85
CA GLY E 22 30.88 -19.28 14.39
C GLY E 22 30.22 -20.16 15.45
N SER E 23 29.33 -19.57 16.24
CA SER E 23 28.55 -20.32 17.20
C SER E 23 27.28 -19.53 17.55
N ILE E 24 26.59 -19.94 18.62
CA ILE E 24 25.39 -19.24 19.06
C ILE E 24 25.62 -18.27 20.21
N GLY E 25 26.71 -18.42 20.98
CA GLY E 25 26.87 -17.61 22.18
C GLY E 25 27.09 -16.13 21.92
N MET E 26 27.40 -15.76 20.69
CA MET E 26 27.49 -14.33 20.35
C MET E 26 26.10 -13.71 20.25
N PHE E 27 25.16 -14.45 19.63
CA PHE E 27 23.86 -13.90 19.26
C PHE E 27 22.85 -14.17 20.37
N VAL E 28 23.21 -13.78 21.59
CA VAL E 28 22.31 -13.98 22.72
C VAL E 28 22.45 -12.86 23.74
N ASP E 29 21.36 -12.12 23.96
CA ASP E 29 21.28 -11.11 25.00
C ASP E 29 19.89 -11.12 25.59
N VAL E 30 19.82 -11.16 26.92
CA VAL E 30 18.53 -11.11 27.59
C VAL E 30 17.88 -9.75 27.38
N THR E 31 18.68 -8.69 27.36
CA THR E 31 18.16 -7.34 27.16
C THR E 31 17.51 -7.18 25.78
N SER E 32 18.21 -7.60 24.73
CA SER E 32 17.66 -7.49 23.38
C SER E 32 16.42 -8.34 23.21
N ILE E 33 16.47 -9.56 23.77
CA ILE E 33 15.32 -10.46 23.70
C ILE E 33 14.13 -9.85 24.40
N LEU E 34 14.35 -9.24 25.56
CA LEU E 34 13.25 -8.60 26.28
C LEU E 34 12.68 -7.45 25.46
N ILE E 35 13.54 -6.53 24.99
CA ILE E 35 13.06 -5.38 24.24
C ILE E 35 12.23 -5.82 23.04
N VAL E 36 12.71 -6.80 22.29
CA VAL E 36 11.99 -7.20 21.09
C VAL E 36 10.76 -8.03 21.40
N VAL E 37 10.91 -9.16 22.11
CA VAL E 37 9.81 -10.07 22.35
C VAL E 37 8.75 -9.44 23.23
N GLY E 38 9.15 -8.83 24.36
CA GLY E 38 8.15 -8.26 25.26
C GLY E 38 7.42 -7.09 24.65
N GLY E 39 8.15 -6.24 23.92
CA GLY E 39 7.50 -5.14 23.22
C GLY E 39 6.51 -5.63 22.18
N SER E 40 6.91 -6.65 21.41
CA SER E 40 6.01 -7.23 20.41
C SER E 40 4.78 -7.83 21.06
N ILE E 41 4.97 -8.56 22.16
CA ILE E 41 3.86 -9.18 22.86
C ILE E 41 2.91 -8.12 23.40
N PHE E 42 3.46 -7.04 23.97
CA PHE E 42 2.62 -5.96 24.46
C PHE E 42 1.79 -5.35 23.33
N VAL E 43 2.45 -5.02 22.22
CA VAL E 43 1.72 -4.38 21.11
C VAL E 43 0.63 -5.31 20.58
N VAL E 44 0.96 -6.59 20.41
CA VAL E 44 -0.01 -7.53 19.85
C VAL E 44 -1.16 -7.77 20.82
N LEU E 45 -0.89 -7.81 22.12
CA LEU E 45 -1.94 -7.97 23.10
C LEU E 45 -2.79 -6.72 23.25
N MET E 46 -2.27 -5.55 22.88
CA MET E 46 -3.12 -4.39 22.77
C MET E 46 -3.98 -4.45 21.52
N LYS E 47 -3.46 -5.04 20.44
CA LYS E 47 -4.26 -5.20 19.23
C LYS E 47 -5.28 -6.32 19.35
N PHE E 48 -4.92 -7.43 19.99
CA PHE E 48 -5.74 -8.62 20.03
C PHE E 48 -6.00 -9.03 21.46
N THR E 49 -7.12 -9.71 21.67
CA THR E 49 -7.44 -10.23 23.00
C THR E 49 -6.53 -11.41 23.31
N MET E 50 -6.55 -11.83 24.58
CA MET E 50 -5.79 -13.01 24.96
C MET E 50 -6.35 -14.27 24.30
N GLY E 51 -7.68 -14.37 24.20
CA GLY E 51 -8.28 -15.50 23.53
C GLY E 51 -7.92 -15.57 22.05
N GLN E 52 -7.91 -14.41 21.37
CA GLN E 52 -7.48 -14.38 19.97
C GLN E 52 -6.04 -14.84 19.82
N PHE E 53 -5.15 -14.34 20.69
CA PHE E 53 -3.74 -14.71 20.60
C PHE E 53 -3.54 -16.20 20.85
N PHE E 54 -4.22 -16.76 21.84
CA PHE E 54 -4.07 -18.18 22.13
C PHE E 54 -4.68 -19.04 21.02
N GLY E 55 -5.82 -18.61 20.47
CA GLY E 55 -6.38 -19.34 19.34
C GLY E 55 -5.47 -19.30 18.13
N ALA E 56 -4.81 -18.16 17.88
CA ALA E 56 -3.86 -18.07 16.80
C ALA E 56 -2.69 -19.00 17.02
N THR E 57 -2.20 -19.08 18.26
CA THR E 57 -1.13 -20.02 18.58
C THR E 57 -1.56 -21.46 18.33
N LYS E 58 -2.78 -21.81 18.75
CA LYS E 58 -3.26 -23.18 18.55
C LYS E 58 -3.38 -23.49 17.06
N ILE E 59 -3.93 -22.56 16.28
CA ILE E 59 -4.12 -22.81 14.85
C ILE E 59 -2.78 -22.88 14.13
N ALA E 60 -1.79 -22.07 14.55
CA ALA E 60 -0.47 -22.17 13.95
C ALA E 60 0.20 -23.50 14.27
N GLY E 61 0.10 -23.94 15.52
CA GLY E 61 0.63 -25.25 15.87
C GLY E 61 -0.03 -26.37 15.11
N LYS E 62 -1.35 -26.28 14.93
CA LYS E 62 -2.07 -27.29 14.16
C LYS E 62 -1.66 -27.28 12.70
N ALA E 63 -1.45 -26.09 12.12
CA ALA E 63 -1.05 -26.01 10.72
C ALA E 63 0.36 -26.54 10.52
N PHE E 64 1.25 -26.36 11.51
CA PHE E 64 2.63 -26.81 11.33
C PHE E 64 2.80 -28.29 11.65
N MET E 65 2.24 -28.75 12.76
CA MET E 65 2.45 -30.13 13.22
C MET E 65 1.57 -31.13 12.49
N PHE E 66 0.51 -30.69 11.81
CA PHE E 66 -0.40 -31.58 11.11
C PHE E 66 -0.38 -31.27 9.61
N LYS E 67 -1.16 -32.03 8.86
CA LYS E 67 -1.30 -31.86 7.43
C LYS E 67 -2.77 -31.97 7.07
N ALA E 68 -3.25 -31.05 6.25
CA ALA E 68 -4.62 -31.11 5.78
C ALA E 68 -4.86 -32.36 4.95
N ASP E 69 -6.07 -32.90 5.05
CA ASP E 69 -6.42 -34.09 4.30
C ASP E 69 -6.25 -33.85 2.79
N GLU E 70 -5.62 -34.80 2.12
CA GLU E 70 -5.36 -34.65 0.70
C GLU E 70 -6.67 -34.67 -0.08
N PRO E 71 -6.85 -33.76 -1.04
CA PRO E 71 -8.11 -33.76 -1.81
C PRO E 71 -8.38 -35.04 -2.56
N GLU E 72 -7.34 -35.73 -3.03
CA GLU E 72 -7.54 -37.00 -3.74
C GLU E 72 -8.31 -38.00 -2.87
N ASP E 73 -7.84 -38.18 -1.63
CA ASP E 73 -8.53 -39.09 -0.73
C ASP E 73 -9.94 -38.61 -0.42
N LEU E 74 -10.13 -37.28 -0.39
CA LEU E 74 -11.46 -36.74 -0.13
C LEU E 74 -12.43 -37.09 -1.25
N ILE E 75 -11.99 -36.94 -2.50
CA ILE E 75 -12.86 -37.29 -3.62
C ILE E 75 -13.10 -38.80 -3.65
N ALA E 76 -12.08 -39.59 -3.34
CA ALA E 76 -12.26 -41.03 -3.28
C ALA E 76 -13.32 -41.40 -2.24
N LYS E 77 -13.23 -40.82 -1.05
CA LYS E 77 -14.22 -41.10 -0.01
C LYS E 77 -15.60 -40.60 -0.44
N ILE E 78 -15.68 -39.44 -1.09
CA ILE E 78 -16.96 -38.90 -1.50
C ILE E 78 -17.64 -39.81 -2.49
N VAL E 79 -16.89 -40.33 -3.47
CA VAL E 79 -17.52 -41.26 -4.41
C VAL E 79 -17.83 -42.58 -3.72
N GLU E 80 -17.08 -42.94 -2.67
CA GLU E 80 -17.43 -44.14 -1.90
C GLU E 80 -18.80 -43.99 -1.26
N MET E 81 -19.05 -42.90 -0.52
CA MET E 81 -20.39 -42.74 0.02
C MET E 81 -21.41 -42.45 -1.07
N ALA E 82 -20.98 -41.94 -2.22
CA ALA E 82 -21.91 -41.73 -3.33
C ALA E 82 -22.49 -43.05 -3.82
N ASP E 83 -21.60 -44.01 -4.05
CA ASP E 83 -22.00 -45.36 -4.51
C ASP E 83 -22.78 -46.05 -3.39
N ALA E 84 -22.35 -45.84 -2.15
CA ALA E 84 -23.03 -46.45 -1.01
C ALA E 84 -24.46 -45.94 -0.89
N ALA E 85 -24.67 -44.64 -1.08
CA ALA E 85 -26.01 -44.08 -1.06
C ALA E 85 -26.82 -44.51 -2.28
N ARG E 86 -26.10 -44.79 -3.37
CA ARG E 86 -26.78 -45.18 -4.63
C ARG E 86 -27.29 -46.63 -4.48
N LYS E 87 -26.66 -47.40 -3.60
CA LYS E 87 -27.03 -48.82 -3.36
C LYS E 87 -27.97 -48.85 -2.16
N GLY E 88 -27.75 -47.98 -1.18
CA GLY E 88 -28.64 -47.85 -0.04
C GLY E 88 -28.89 -46.40 0.31
N GLY E 89 -30.14 -45.95 0.20
CA GLY E 89 -30.43 -44.53 0.29
C GLY E 89 -30.42 -43.92 1.68
N PHE E 90 -29.38 -43.16 1.96
CA PHE E 90 -29.21 -42.36 3.18
C PHE E 90 -29.18 -43.18 4.45
N LEU E 91 -29.21 -44.51 4.37
CA LEU E 91 -29.09 -45.38 5.53
C LEU E 91 -27.80 -46.18 5.56
N ALA E 92 -27.13 -46.33 4.41
CA ALA E 92 -25.85 -47.03 4.39
C ALA E 92 -24.72 -46.14 4.92
N LEU E 93 -24.90 -44.81 4.87
CA LEU E 93 -23.81 -43.90 5.21
C LEU E 93 -23.39 -44.02 6.67
N GLU E 94 -24.23 -44.61 7.51
CA GLU E 94 -23.89 -44.70 8.93
C GLU E 94 -22.80 -45.73 9.21
N GLU E 95 -22.67 -46.75 8.37
CA GLU E 95 -21.90 -47.93 8.71
C GLU E 95 -20.46 -47.92 8.22
N MET E 96 -19.97 -46.82 7.66
CA MET E 96 -18.53 -46.72 7.36
C MET E 96 -17.89 -45.60 8.17
N GLU E 97 -16.58 -45.70 8.36
CA GLU E 97 -15.82 -44.78 9.18
C GLU E 97 -15.35 -43.60 8.34
N ILE E 98 -15.47 -42.39 8.91
CA ILE E 98 -14.98 -41.17 8.28
C ILE E 98 -14.03 -40.49 9.26
N ASN E 99 -12.79 -40.27 8.82
CA ASN E 99 -11.76 -39.71 9.68
C ASN E 99 -11.75 -38.19 9.70
N ASN E 100 -12.61 -37.54 8.92
CA ASN E 100 -12.64 -36.08 8.82
C ASN E 100 -13.84 -35.54 9.57
N THR E 101 -13.60 -34.57 10.45
CA THR E 101 -14.69 -34.03 11.28
C THR E 101 -15.74 -33.33 10.44
N PHE E 102 -15.29 -32.53 9.46
CA PHE E 102 -16.25 -31.80 8.62
C PHE E 102 -17.07 -32.74 7.76
N MET E 103 -16.43 -33.77 7.19
CA MET E 103 -17.17 -34.74 6.40
C MET E 103 -18.14 -35.55 7.25
N GLN E 104 -17.72 -35.89 8.48
CA GLN E 104 -18.62 -36.59 9.40
C GLN E 104 -19.83 -35.72 9.74
N LYS E 105 -19.59 -34.43 9.98
CA LYS E 105 -20.70 -33.52 10.27
C LYS E 105 -21.63 -33.40 9.07
N GLY E 106 -21.06 -33.34 7.87
CA GLY E 106 -21.89 -33.27 6.68
C GLY E 106 -22.75 -34.51 6.49
N ILE E 107 -22.16 -35.69 6.65
CA ILE E 107 -22.95 -36.90 6.47
C ILE E 107 -23.99 -37.06 7.58
N ASP E 108 -23.68 -36.58 8.79
CA ASP E 108 -24.67 -36.63 9.86
C ASP E 108 -25.85 -35.71 9.56
N LEU E 109 -25.57 -34.49 9.09
CA LEU E 109 -26.64 -33.58 8.71
C LEU E 109 -27.39 -34.09 7.50
N LEU E 110 -26.77 -34.96 6.69
CA LEU E 110 -27.48 -35.59 5.59
C LEU E 110 -28.41 -36.69 6.09
N VAL E 111 -27.93 -37.52 7.02
CA VAL E 111 -28.70 -38.68 7.45
C VAL E 111 -29.75 -38.32 8.49
N ASP E 112 -29.68 -37.14 9.11
CA ASP E 112 -30.68 -36.75 10.11
C ASP E 112 -31.92 -36.13 9.48
N GLY E 113 -32.17 -36.39 8.20
CA GLY E 113 -33.44 -36.02 7.59
C GLY E 113 -33.68 -34.53 7.47
N HIS E 114 -32.68 -33.78 7.01
CA HIS E 114 -32.85 -32.36 6.74
C HIS E 114 -32.67 -32.07 5.25
N ASP E 115 -33.29 -30.97 4.80
CA ASP E 115 -33.24 -30.61 3.40
C ASP E 115 -31.87 -30.07 3.02
N ALA E 116 -31.65 -29.94 1.72
CA ALA E 116 -30.36 -29.49 1.21
C ALA E 116 -30.05 -28.05 1.61
N ASP E 117 -31.06 -27.19 1.66
CA ASP E 117 -30.83 -25.77 1.91
C ASP E 117 -30.24 -25.55 3.31
N VAL E 118 -30.83 -26.18 4.34
CA VAL E 118 -30.40 -25.92 5.70
C VAL E 118 -29.01 -26.51 5.94
N VAL E 119 -28.75 -27.71 5.43
CA VAL E 119 -27.43 -28.31 5.63
C VAL E 119 -26.37 -27.54 4.85
N ARG E 120 -26.71 -27.05 3.64
CA ARG E 120 -25.77 -26.22 2.90
C ARG E 120 -25.48 -24.93 3.65
N ALA E 121 -26.50 -24.31 4.25
CA ALA E 121 -26.28 -23.10 5.03
C ALA E 121 -25.38 -23.37 6.23
N ALA E 122 -25.62 -24.49 6.93
CA ALA E 122 -24.79 -24.82 8.08
C ALA E 122 -23.35 -25.08 7.67
N LEU E 123 -23.14 -25.79 6.57
CA LEU E 123 -21.78 -26.07 6.11
C LEU E 123 -21.09 -24.80 5.64
N LYS E 124 -21.83 -23.89 4.99
CA LYS E 124 -21.26 -22.61 4.60
C LYS E 124 -20.85 -21.80 5.83
N LYS E 125 -21.68 -21.84 6.88
CA LYS E 125 -21.35 -21.13 8.11
C LYS E 125 -20.07 -21.70 8.73
N ASP E 126 -19.95 -23.04 8.75
CA ASP E 126 -18.74 -23.65 9.29
C ASP E 126 -17.51 -23.30 8.44
N ILE E 127 -17.67 -23.29 7.12
CA ILE E 127 -16.56 -22.93 6.24
C ILE E 127 -16.12 -21.49 6.50
N ALA E 128 -17.09 -20.58 6.61
CA ALA E 128 -16.77 -19.19 6.89
C ALA E 128 -16.13 -19.02 8.26
N LEU E 129 -16.56 -19.82 9.23
CA LEU E 129 -15.94 -19.77 10.56
C LEU E 129 -14.48 -20.19 10.50
N THR E 130 -14.18 -21.28 9.79
CA THR E 130 -12.80 -21.71 9.65
C THR E 130 -11.97 -20.69 8.89
N ASP E 131 -12.55 -20.11 7.83
CA ASP E 131 -11.85 -19.09 7.06
C ASP E 131 -11.52 -17.88 7.92
N GLU E 132 -12.49 -17.41 8.72
CA GLU E 132 -12.26 -16.25 9.56
C GLU E 132 -11.25 -16.55 10.67
N ARG E 133 -11.30 -17.77 11.21
CA ARG E 133 -10.34 -18.15 12.25
C ARG E 133 -8.91 -18.12 11.70
N HIS E 134 -8.72 -18.69 10.51
CA HIS E 134 -7.40 -18.66 9.89
C HIS E 134 -6.98 -17.24 9.53
N THR E 135 -7.92 -16.42 9.05
CA THR E 135 -7.60 -15.04 8.70
C THR E 135 -7.17 -14.25 9.93
N GLN E 136 -7.84 -14.47 11.06
CA GLN E 136 -7.48 -13.76 12.28
C GLN E 136 -6.15 -14.25 12.84
N GLY E 137 -5.86 -15.54 12.73
CA GLY E 137 -4.53 -16.02 13.12
C GLY E 137 -3.44 -15.42 12.25
N THR E 138 -3.68 -15.35 10.94
CA THR E 138 -2.74 -14.69 10.05
C THR E 138 -2.55 -13.23 10.44
N GLY E 139 -3.64 -12.55 10.81
CA GLY E 139 -3.52 -11.17 11.25
C GLY E 139 -2.70 -11.03 12.52
N VAL E 140 -2.85 -11.96 13.45
CA VAL E 140 -2.08 -11.92 14.69
C VAL E 140 -0.59 -12.05 14.39
N PHE E 141 -0.22 -13.02 13.54
CA PHE E 141 1.19 -13.22 13.26
C PHE E 141 1.76 -12.14 12.35
N ARG E 142 0.93 -11.53 11.51
CA ARG E 142 1.39 -10.37 10.75
C ARG E 142 1.57 -9.15 11.64
N ALA E 143 0.74 -9.00 12.67
CA ALA E 143 0.97 -7.95 13.65
C ALA E 143 2.29 -8.17 14.38
N PHE E 144 2.58 -9.42 14.74
CA PHE E 144 3.87 -9.74 15.36
C PHE E 144 5.04 -9.40 14.42
N GLY E 145 4.92 -9.79 13.15
CA GLY E 145 5.97 -9.51 12.19
C GLY E 145 6.08 -8.04 11.81
N ASP E 146 5.04 -7.26 12.03
CA ASP E 146 5.13 -5.82 11.85
C ASP E 146 5.79 -5.14 13.04
N VAL E 147 5.48 -5.60 14.25
CA VAL E 147 6.01 -4.91 15.41
C VAL E 147 7.46 -5.29 15.69
N ALA E 148 7.88 -6.51 15.34
CA ALA E 148 9.24 -6.94 15.67
C ALA E 148 10.31 -6.02 15.09
N PRO E 149 10.28 -5.62 13.81
CA PRO E 149 11.28 -4.65 13.35
C PRO E 149 11.16 -3.29 14.01
N ALA E 150 9.95 -2.85 14.37
CA ALA E 150 9.80 -1.60 15.10
C ALA E 150 10.47 -1.68 16.46
N MET E 151 10.33 -2.81 17.15
CA MET E 151 11.06 -3.01 18.40
C MET E 151 12.56 -3.07 18.17
N GLY E 152 12.99 -3.68 17.08
CA GLY E 152 14.40 -3.67 16.75
C GLY E 152 14.95 -2.27 16.55
N MET E 153 14.18 -1.41 15.90
CA MET E 153 14.59 -0.02 15.71
C MET E 153 14.59 0.75 17.01
N ILE E 154 13.60 0.52 17.88
CA ILE E 154 13.61 1.14 19.21
C ILE E 154 14.85 0.73 19.98
N GLY E 155 15.19 -0.56 19.94
CA GLY E 155 16.39 -1.02 20.62
C GLY E 155 17.66 -0.45 20.02
N THR E 156 17.69 -0.31 18.70
CA THR E 156 18.83 0.32 18.04
C THR E 156 18.99 1.77 18.48
N LEU E 157 17.88 2.52 18.53
CA LEU E 157 17.94 3.92 18.93
C LEU E 157 18.40 4.04 20.38
N VAL E 158 17.88 3.18 21.27
CA VAL E 158 18.28 3.24 22.68
C VAL E 158 19.76 2.91 22.82
N GLY E 159 20.21 1.84 22.16
CA GLY E 159 21.60 1.47 22.24
C GLY E 159 22.54 2.49 21.62
N LEU E 160 22.12 3.13 20.55
CA LEU E 160 22.96 4.12 19.90
C LEU E 160 23.04 5.41 20.72
N VAL E 161 21.93 5.82 21.32
CA VAL E 161 22.01 6.95 22.25
C VAL E 161 22.95 6.61 23.40
N ALA E 162 22.83 5.41 23.96
CA ALA E 162 23.72 5.01 25.06
C ALA E 162 25.18 4.96 24.62
N MET E 163 25.46 4.47 23.41
CA MET E 163 26.84 4.36 22.95
C MET E 163 27.44 5.72 22.66
N LEU E 164 26.71 6.57 21.94
CA LEU E 164 27.23 7.88 21.58
C LEU E 164 27.34 8.81 22.78
N SER E 165 26.55 8.56 23.82
CA SER E 165 26.63 9.40 25.02
C SER E 165 27.85 9.08 25.89
N ASN E 166 28.23 7.80 25.98
CA ASN E 166 29.35 7.37 26.82
C ASN E 166 30.55 6.94 25.99
N MET E 167 30.87 7.72 24.96
CA MET E 167 32.00 7.40 24.10
C MET E 167 33.30 7.31 24.88
N ASP E 168 33.44 8.09 25.95
CA ASP E 168 34.65 8.07 26.77
C ASP E 168 34.66 6.90 27.75
N ASP E 169 33.62 6.08 27.77
CA ASP E 169 33.53 4.91 28.65
C ASP E 169 33.51 3.66 27.79
N PRO E 170 34.66 3.03 27.54
CA PRO E 170 34.66 1.85 26.66
C PRO E 170 33.79 0.71 27.16
N LYS E 171 33.76 0.45 28.47
CA LYS E 171 32.97 -0.67 28.98
C LYS E 171 31.47 -0.44 28.86
N ALA E 172 31.03 0.78 28.56
CA ALA E 172 29.63 1.04 28.26
C ALA E 172 29.33 1.02 26.77
N ILE E 173 30.36 1.19 25.92
CA ILE E 173 30.16 1.18 24.48
C ILE E 173 29.74 -0.20 23.99
N GLY E 174 30.40 -1.25 24.47
CA GLY E 174 30.16 -2.59 24.03
C GLY E 174 28.73 -3.06 24.20
N PRO E 175 28.26 -3.13 25.44
CA PRO E 175 26.87 -3.59 25.67
C PRO E 175 25.83 -2.76 24.95
N ALA E 176 26.01 -1.45 24.84
CA ALA E 176 25.02 -0.61 24.16
C ALA E 176 24.93 -0.95 22.68
N MET E 177 26.07 -1.05 22.00
CA MET E 177 26.05 -1.43 20.59
C MET E 177 25.56 -2.87 20.41
N ALA E 178 25.89 -3.76 21.35
CA ALA E 178 25.41 -5.13 21.26
C ALA E 178 23.88 -5.17 21.35
N VAL E 179 23.30 -4.41 22.28
CA VAL E 179 21.85 -4.34 22.37
C VAL E 179 21.25 -3.76 21.09
N ALA E 180 21.85 -2.66 20.60
CA ALA E 180 21.34 -2.03 19.37
C ALA E 180 21.35 -2.99 18.19
N LEU E 181 22.45 -3.74 18.03
CA LEU E 181 22.60 -4.64 16.89
C LEU E 181 21.73 -5.89 17.05
N LEU E 182 21.74 -6.50 18.23
CA LEU E 182 21.00 -7.74 18.42
C LEU E 182 19.49 -7.52 18.41
N THR E 183 19.01 -6.36 18.85
CA THR E 183 17.59 -6.06 18.73
C THR E 183 17.17 -6.06 17.28
N THR E 184 17.96 -5.43 16.41
CA THR E 184 17.65 -5.39 14.99
C THR E 184 17.75 -6.77 14.37
N LEU E 185 18.78 -7.54 14.73
CA LEU E 185 18.92 -8.90 14.21
C LEU E 185 17.74 -9.77 14.62
N TYR E 186 17.34 -9.71 15.90
CA TYR E 186 16.20 -10.49 16.36
C TYR E 186 14.91 -10.05 15.71
N GLY E 187 14.69 -8.74 15.59
CA GLY E 187 13.49 -8.27 14.93
C GLY E 187 13.41 -8.72 13.49
N ALA E 188 14.52 -8.64 12.77
CA ALA E 188 14.54 -9.08 11.38
C ALA E 188 14.31 -10.58 11.26
N ILE E 189 14.98 -11.37 12.10
CA ILE E 189 14.83 -12.82 12.02
C ILE E 189 13.42 -13.24 12.38
N LEU E 190 12.88 -12.67 13.46
CA LEU E 190 11.53 -13.02 13.88
C LEU E 190 10.49 -12.59 12.85
N SER E 191 10.66 -11.40 12.28
CA SER E 191 9.70 -10.90 11.31
C SER E 191 9.73 -11.73 10.03
N ASN E 192 10.92 -11.94 9.47
CA ASN E 192 11.02 -12.48 8.12
C ASN E 192 11.22 -13.99 8.07
N MET E 193 11.56 -14.63 9.17
CA MET E 193 11.82 -16.06 9.20
C MET E 193 10.94 -16.82 10.18
N VAL E 194 10.14 -16.12 10.99
CA VAL E 194 9.21 -16.79 11.89
C VAL E 194 7.79 -16.29 11.65
N PHE E 195 7.55 -15.01 11.93
CA PHE E 195 6.18 -14.52 12.05
C PHE E 195 5.49 -14.38 10.70
N PHE E 196 6.16 -13.76 9.73
CA PHE E 196 5.62 -13.66 8.39
C PHE E 196 5.53 -15.04 7.73
N PRO E 197 6.55 -15.90 7.86
CA PRO E 197 6.37 -17.28 7.39
C PRO E 197 5.23 -18.03 8.08
N ILE E 198 5.02 -17.83 9.37
CA ILE E 198 3.89 -18.49 10.04
C ILE E 198 2.58 -17.97 9.50
N ALA E 199 2.48 -16.66 9.27
CA ALA E 199 1.27 -16.09 8.68
C ALA E 199 1.03 -16.64 7.28
N ASP E 200 2.08 -16.77 6.48
CA ASP E 200 1.93 -17.32 5.13
C ASP E 200 1.50 -18.79 5.17
N LYS E 201 2.07 -19.56 6.10
CA LYS E 201 1.64 -20.95 6.26
C LYS E 201 0.19 -21.03 6.71
N LEU E 202 -0.25 -20.10 7.56
CA LEU E 202 -1.64 -20.05 7.97
C LEU E 202 -2.55 -19.73 6.78
N SER E 203 -2.13 -18.81 5.91
CA SER E 203 -2.91 -18.54 4.70
C SER E 203 -2.97 -19.74 3.77
N LEU E 204 -1.85 -20.46 3.64
CA LEU E 204 -1.82 -21.67 2.83
C LEU E 204 -2.78 -22.71 3.38
N ARG E 205 -2.75 -22.91 4.71
CA ARG E 205 -3.66 -23.85 5.33
C ARG E 205 -5.11 -23.39 5.22
N ARG E 206 -5.34 -22.07 5.24
CA ARG E 206 -6.68 -21.57 5.00
C ARG E 206 -7.18 -21.96 3.61
N ASP E 207 -6.35 -21.75 2.59
CA ASP E 207 -6.76 -22.12 1.24
C ASP E 207 -7.00 -23.62 1.12
N GLN E 208 -6.11 -24.42 1.71
CA GLN E 208 -6.30 -25.87 1.67
C GLN E 208 -7.58 -26.30 2.37
N GLU E 209 -7.84 -25.75 3.56
CA GLU E 209 -9.03 -26.11 4.31
C GLU E 209 -10.30 -25.67 3.61
N THR E 210 -10.30 -24.47 3.03
CA THR E 210 -11.47 -24.01 2.30
C THR E 210 -11.73 -24.87 1.07
N LEU E 211 -10.69 -25.24 0.34
CA LEU E 211 -10.87 -26.12 -0.81
C LEU E 211 -11.41 -27.48 -0.39
N ASN E 212 -10.84 -28.06 0.66
CA ASN E 212 -11.29 -29.37 1.12
C ASN E 212 -12.73 -29.31 1.60
N ARG E 213 -13.10 -28.26 2.33
CA ARG E 213 -14.46 -28.15 2.83
C ARG E 213 -15.45 -27.85 1.72
N ARG E 214 -15.05 -27.11 0.69
CA ARG E 214 -15.93 -26.95 -0.47
C ARG E 214 -16.12 -28.27 -1.21
N LEU E 215 -15.05 -29.08 -1.31
CA LEU E 215 -15.18 -30.41 -1.89
C LEU E 215 -16.16 -31.26 -1.09
N ILE E 216 -16.03 -31.25 0.23
CA ILE E 216 -16.93 -32.03 1.08
C ILE E 216 -18.36 -31.53 0.95
N MET E 217 -18.54 -30.21 0.91
CA MET E 217 -19.88 -29.65 0.76
C MET E 217 -20.51 -30.06 -0.57
N ASP E 218 -19.73 -30.01 -1.65
CA ASP E 218 -20.26 -30.43 -2.94
C ASP E 218 -20.59 -31.92 -2.95
N GLY E 219 -19.75 -32.75 -2.33
CA GLY E 219 -20.07 -34.16 -2.25
C GLY E 219 -21.33 -34.43 -1.45
N VAL E 220 -21.49 -33.74 -0.32
CA VAL E 220 -22.68 -33.90 0.51
C VAL E 220 -23.92 -33.44 -0.23
N LEU E 221 -23.83 -32.31 -0.94
CA LEU E 221 -24.98 -31.83 -1.70
C LEU E 221 -25.32 -32.74 -2.86
N ALA E 222 -24.32 -33.34 -3.49
CA ALA E 222 -24.57 -34.26 -4.60
C ALA E 222 -25.15 -35.58 -4.12
N ILE E 223 -24.76 -36.05 -2.93
CA ILE E 223 -25.40 -37.23 -2.37
C ILE E 223 -26.82 -36.90 -1.94
N GLN E 224 -27.03 -35.70 -1.40
CA GLN E 224 -28.36 -35.26 -0.99
C GLN E 224 -29.32 -35.23 -2.17
N ASP E 225 -28.91 -34.57 -3.26
CA ASP E 225 -29.66 -34.57 -4.51
C ASP E 225 -29.92 -36.00 -4.97
N GLY E 226 -28.84 -36.73 -5.22
CA GLY E 226 -28.87 -38.03 -5.87
C GLY E 226 -28.29 -38.00 -7.27
N GLN E 227 -27.01 -38.25 -7.40
CA GLN E 227 -26.25 -37.96 -8.61
C GLN E 227 -25.34 -39.15 -8.91
N ASN E 228 -24.98 -39.28 -10.18
CA ASN E 228 -24.12 -40.37 -10.62
C ASN E 228 -22.74 -40.22 -9.95
N PRO E 229 -22.19 -41.29 -9.40
CA PRO E 229 -20.84 -41.18 -8.81
C PRO E 229 -19.78 -40.70 -9.78
N ARG E 230 -19.94 -41.00 -11.08
CA ARG E 230 -18.86 -40.67 -12.05
C ARG E 230 -18.90 -39.20 -12.45
N VAL E 231 -20.06 -38.60 -12.58
CA VAL E 231 -20.13 -37.16 -12.81
C VAL E 231 -19.73 -36.41 -11.55
N ILE E 232 -20.07 -36.95 -10.38
CA ILE E 232 -19.61 -36.36 -9.12
C ILE E 232 -18.08 -36.35 -9.08
N ASP E 233 -17.47 -37.47 -9.46
CA ASP E 233 -16.02 -37.59 -9.45
C ASP E 233 -15.40 -36.57 -10.41
N SER E 234 -15.98 -36.42 -11.60
CA SER E 234 -15.44 -35.45 -12.56
C SER E 234 -15.57 -34.03 -12.03
N TYR E 235 -16.73 -33.69 -11.45
CA TYR E 235 -16.93 -32.36 -10.90
C TYR E 235 -15.96 -32.06 -9.77
N LEU E 236 -15.63 -33.08 -8.96
CA LEU E 236 -14.67 -32.87 -7.88
C LEU E 236 -13.24 -32.80 -8.39
N LYS E 237 -12.90 -33.60 -9.42
CA LYS E 237 -11.58 -33.51 -10.02
C LYS E 237 -11.35 -32.15 -10.65
N ASN E 238 -12.44 -31.49 -11.09
CA ASN E 238 -12.32 -30.15 -11.62
C ASN E 238 -11.70 -29.19 -10.61
N TYR E 239 -11.87 -29.46 -9.31
CA TYR E 239 -11.36 -28.58 -8.26
C TYR E 239 -9.88 -28.77 -7.99
N LEU E 240 -9.23 -29.78 -8.55
CA LEU E 240 -7.84 -30.08 -8.22
C LEU E 240 -6.85 -29.24 -9.02
N ASN E 241 -7.31 -28.39 -9.92
CA ASN E 241 -6.44 -27.58 -10.75
C ASN E 241 -6.59 -26.09 -10.50
N GLU E 242 -6.85 -25.67 -9.26
CA GLU E 242 -7.08 -24.27 -8.95
C GLU E 242 -6.07 -23.81 -7.89
N GLY E 243 -5.00 -23.15 -8.35
CA GLY E 243 -4.07 -22.50 -7.45
C GLY E 243 -2.68 -23.10 -7.53
N LYS E 244 -2.07 -23.31 -6.37
CA LYS E 244 -0.71 -23.81 -6.29
C LYS E 244 -0.59 -25.27 -6.71
N ARG E 245 -1.65 -26.05 -6.61
CA ARG E 245 -1.63 -27.38 -7.23
C ARG E 245 -1.67 -27.27 -8.75
N ALA E 246 -2.33 -26.25 -9.29
CA ALA E 246 -2.23 -25.97 -10.71
C ALA E 246 -0.80 -25.61 -11.08
N LEU E 247 -0.12 -24.88 -10.19
CA LEU E 247 1.31 -24.63 -10.38
C LEU E 247 2.10 -25.93 -10.40
N GLU E 248 1.81 -26.83 -9.47
CA GLU E 248 2.50 -28.12 -9.37
C GLU E 248 2.16 -29.06 -10.52
N ILE E 249 0.92 -29.04 -11.00
CA ILE E 249 0.49 -29.96 -12.05
C ILE E 249 1.11 -29.56 -13.38
N ASP E 250 1.71 -30.53 -14.07
CA ASP E 250 2.30 -30.29 -15.37
C ASP E 250 1.73 -31.24 -16.42
N PRO F 1 -3.25 -6.42 -0.17
CA PRO F 1 -1.81 -6.28 0.04
C PRO F 1 -1.48 -5.46 1.29
N PRO F 2 -0.34 -5.74 1.91
CA PRO F 2 0.08 -4.96 3.09
C PRO F 2 0.25 -3.49 2.72
N PRO F 3 -0.07 -2.59 3.65
CA PRO F 3 -0.01 -1.15 3.32
C PRO F 3 1.39 -0.66 3.00
N GLY F 4 2.44 -1.34 3.47
CA GLY F 4 3.79 -0.86 3.28
C GLY F 4 4.20 0.11 4.37
N LEU F 5 5.41 0.65 4.22
CA LEU F 5 5.97 1.56 5.20
C LEU F 5 5.88 3.01 4.73
N PRO F 6 5.76 3.96 5.65
CA PRO F 6 5.54 5.36 5.25
C PRO F 6 6.78 5.98 4.61
N LEU F 7 6.52 7.05 3.85
CA LEU F 7 7.57 7.70 3.06
C LEU F 7 8.68 8.28 3.93
N TRP F 8 8.35 8.70 5.15
CA TRP F 8 9.39 9.23 6.03
C TRP F 8 10.45 8.19 6.33
N MET F 9 10.07 6.90 6.33
CA MET F 9 11.06 5.85 6.55
C MET F 9 12.04 5.75 5.38
N GLY F 10 11.55 5.93 4.15
CA GLY F 10 12.45 6.00 3.03
C GLY F 10 13.37 7.20 3.09
N THR F 11 12.82 8.35 3.49
CA THR F 11 13.66 9.52 3.70
C THR F 11 14.73 9.25 4.77
N PHE F 12 14.33 8.58 5.84
CA PHE F 12 15.24 8.29 6.94
C PHE F 12 16.37 7.36 6.50
N ALA F 13 16.04 6.35 5.69
CA ALA F 13 17.08 5.44 5.20
C ALA F 13 18.00 6.12 4.20
N ASP F 14 17.45 6.97 3.32
CA ASP F 14 18.32 7.73 2.42
C ASP F 14 19.26 8.63 3.19
N LEU F 15 18.76 9.32 4.21
CA LEU F 15 19.60 10.18 5.03
C LEU F 15 20.65 9.37 5.79
N MET F 16 20.26 8.21 6.32
CA MET F 16 21.19 7.36 7.05
C MET F 16 22.30 6.84 6.15
N SER F 17 21.95 6.40 4.93
CA SER F 17 22.96 5.88 4.02
C SER F 17 23.86 6.99 3.50
N LEU F 18 23.30 8.17 3.27
CA LEU F 18 24.11 9.33 2.89
C LEU F 18 25.11 9.68 3.99
N LEU F 19 24.65 9.72 5.24
CA LEU F 19 25.55 10.02 6.35
C LEU F 19 26.58 8.91 6.54
N MET F 20 26.19 7.66 6.30
CA MET F 20 27.16 6.57 6.25
C MET F 20 28.26 6.85 5.24
N CYS F 21 27.88 7.22 4.01
CA CYS F 21 28.88 7.51 2.98
C CYS F 21 29.82 8.61 3.43
N PHE F 22 29.26 9.67 3.99
CA PHE F 22 30.10 10.81 4.36
C PHE F 22 30.93 10.55 5.62
N PHE F 23 30.47 9.69 6.53
CA PHE F 23 31.29 9.33 7.68
C PHE F 23 32.39 8.34 7.30
N VAL F 24 32.14 7.47 6.33
CA VAL F 24 33.20 6.67 5.74
C VAL F 24 34.24 7.58 5.10
N LEU F 25 33.79 8.63 4.41
CA LEU F 25 34.72 9.62 3.86
C LEU F 25 35.54 10.27 4.97
N LEU F 26 34.87 10.73 6.03
CA LEU F 26 35.59 11.41 7.11
C LEU F 26 36.59 10.49 7.78
N LEU F 27 36.26 9.20 7.92
CA LEU F 27 37.20 8.23 8.45
C LEU F 27 38.26 7.83 7.45
N SER F 28 38.08 8.17 6.17
CA SER F 28 39.11 7.86 5.17
C SER F 28 40.36 8.71 5.38
N PHE F 29 40.20 10.02 5.60
CA PHE F 29 41.33 10.88 5.92
C PHE F 29 41.51 11.07 7.41
N SER F 30 41.51 9.98 8.17
CA SER F 30 41.65 10.04 9.62
C SER F 30 42.50 8.87 10.08
N GLU F 31 43.06 9.02 11.28
CA GLU F 31 43.97 8.03 11.85
C GLU F 31 43.37 7.56 13.18
N MET F 32 42.77 6.37 13.17
CA MET F 32 42.21 5.81 14.39
C MET F 32 43.31 5.53 15.39
N ASP F 33 43.09 5.94 16.64
CA ASP F 33 44.01 5.63 17.72
C ASP F 33 43.97 4.12 17.97
N VAL F 34 45.09 3.44 17.70
CA VAL F 34 45.14 1.99 17.88
C VAL F 34 44.98 1.63 19.35
N LEU F 35 45.53 2.46 20.26
CA LEU F 35 45.37 2.20 21.68
C LEU F 35 43.90 2.28 22.10
N LYS F 36 43.18 3.29 21.61
CA LYS F 36 41.78 3.44 21.96
C LYS F 36 40.88 2.51 21.16
N PHE F 37 41.36 1.81 20.15
CA PHE F 37 40.57 0.90 19.32
C PHE F 37 40.60 -0.49 19.94
N LYS F 38 41.54 -0.78 20.79
CA LYS F 38 41.53 -2.08 21.47
C LYS F 38 40.72 -2.03 22.76
N GLN F 39 40.52 -0.90 23.43
CA GLN F 39 39.53 -0.92 24.51
C GLN F 39 38.13 -1.17 23.97
N ILE F 40 37.78 -0.51 22.87
CA ILE F 40 36.47 -0.73 22.28
C ILE F 40 36.34 -2.13 21.71
N ALA F 41 37.43 -2.65 21.19
CA ALA F 41 37.39 -3.98 20.64
C ALA F 41 37.22 -4.97 21.75
N GLY F 42 37.86 -4.81 22.89
CA GLY F 42 37.67 -5.68 24.04
C GLY F 42 36.27 -5.58 24.63
N SER F 43 35.71 -4.37 24.65
CA SER F 43 34.34 -4.21 25.16
C SER F 43 33.32 -4.88 24.26
N MET F 44 33.46 -4.75 22.94
CA MET F 44 32.56 -5.46 22.04
C MET F 44 32.72 -6.97 22.17
N LYS F 45 33.95 -7.45 22.38
CA LYS F 45 34.16 -8.87 22.62
C LYS F 45 33.47 -9.31 23.91
N PHE F 46 33.57 -8.51 24.96
CA PHE F 46 32.95 -8.86 26.23
C PHE F 46 31.43 -8.88 26.13
N ALA F 47 30.85 -7.98 25.35
CA ALA F 47 29.41 -7.82 25.30
C ALA F 47 28.74 -8.70 24.25
N PHE F 48 29.51 -9.48 23.50
CA PHE F 48 28.94 -10.31 22.44
C PHE F 48 29.10 -11.79 22.71
N GLY F 49 29.48 -12.17 23.93
CA GLY F 49 29.56 -13.56 24.34
C GLY F 49 30.92 -14.19 24.23
N VAL F 50 31.82 -13.63 23.42
CA VAL F 50 33.17 -14.18 23.31
C VAL F 50 33.91 -14.03 24.63
N GLN F 51 33.80 -12.87 25.25
CA GLN F 51 34.53 -12.59 26.48
C GLN F 51 33.60 -11.99 27.54
N PRO G 1 -5.76 0.92 -2.89
CA PRO G 1 -4.93 1.52 -1.82
C PRO G 1 -3.61 2.05 -2.34
N PRO G 2 -3.21 3.24 -1.86
CA PRO G 2 -1.91 3.80 -2.26
C PRO G 2 -0.77 2.96 -1.71
N PRO G 3 0.22 2.63 -2.54
CA PRO G 3 1.30 1.75 -2.08
C PRO G 3 2.23 2.45 -1.12
N GLY G 4 3.21 1.70 -0.64
CA GLY G 4 4.20 2.25 0.25
C GLY G 4 5.58 1.65 0.01
N LEU G 5 6.35 1.50 1.08
CA LEU G 5 7.70 0.96 1.02
C LEU G 5 7.70 -0.48 1.50
N PRO G 6 8.65 -1.29 1.06
CA PRO G 6 8.69 -2.71 1.48
C PRO G 6 8.86 -2.82 2.98
N LEU G 7 8.55 -3.94 3.50
CA LEU G 7 8.49 -4.06 4.94
C LEU G 7 9.89 -4.16 5.47
N TRP G 8 10.84 -4.54 4.68
CA TRP G 8 12.24 -4.60 5.11
C TRP G 8 12.89 -3.22 5.12
N MET G 9 12.20 -2.19 4.67
CA MET G 9 12.78 -0.86 4.57
C MET G 9 13.10 -0.30 5.96
N GLY G 10 12.28 -0.66 6.95
CA GLY G 10 12.60 -0.29 8.32
C GLY G 10 13.86 -0.94 8.83
N THR G 11 14.04 -2.22 8.54
CA THR G 11 15.30 -2.89 8.87
C THR G 11 16.47 -2.29 8.13
N PHE G 12 16.25 -1.81 6.90
CA PHE G 12 17.32 -1.17 6.16
C PHE G 12 17.73 0.15 6.80
N ALA G 13 16.75 0.97 7.20
CA ALA G 13 17.05 2.20 7.92
C ALA G 13 17.74 1.90 9.23
N ASP G 14 17.31 0.84 9.92
CA ASP G 14 17.96 0.32 11.11
C ASP G 14 19.44 0.02 10.89
N LEU G 15 19.72 -0.77 9.85
CA LEU G 15 21.09 -1.16 9.55
C LEU G 15 21.95 0.03 9.18
N MET G 16 21.39 0.95 8.40
CA MET G 16 22.11 2.16 8.03
C MET G 16 22.42 3.01 9.25
N SER G 17 21.47 3.14 10.18
CA SER G 17 21.71 3.86 11.43
C SER G 17 22.82 3.18 12.23
N LEU G 18 22.77 1.86 12.32
CA LEU G 18 23.78 1.12 13.07
C LEU G 18 25.17 1.34 12.49
N LEU G 19 25.30 1.22 11.18
CA LEU G 19 26.61 1.39 10.54
C LEU G 19 27.10 2.83 10.63
N MET G 20 26.18 3.79 10.44
CA MET G 20 26.51 5.20 10.57
C MET G 20 27.04 5.51 11.97
N CYS G 21 26.36 5.01 13.00
CA CYS G 21 26.79 5.31 14.37
C CYS G 21 28.04 4.53 14.73
N PHE G 22 28.27 3.38 14.11
CA PHE G 22 29.55 2.70 14.25
C PHE G 22 30.68 3.54 13.67
N PHE G 23 30.42 4.19 12.54
CA PHE G 23 31.44 5.07 11.97
C PHE G 23 31.64 6.32 12.81
N VAL G 24 30.57 6.81 13.45
CA VAL G 24 30.73 7.90 14.41
C VAL G 24 31.58 7.47 15.59
N LEU G 25 31.37 6.25 16.07
CA LEU G 25 32.22 5.70 17.14
C LEU G 25 33.67 5.63 16.70
N LEU G 26 33.92 5.16 15.47
CA LEU G 26 35.29 5.09 14.97
C LEU G 26 35.91 6.47 14.80
N LEU G 27 35.10 7.46 14.41
CA LEU G 27 35.59 8.82 14.26
C LEU G 27 35.79 9.52 15.60
N SER G 28 35.23 8.97 16.68
CA SER G 28 35.39 9.60 17.99
C SER G 28 36.83 9.53 18.47
N PHE G 29 37.54 8.45 18.15
CA PHE G 29 38.91 8.26 18.63
C PHE G 29 39.90 8.26 17.47
N SER G 30 39.59 8.99 16.40
CA SER G 30 40.40 9.03 15.20
C SER G 30 40.83 10.47 14.96
N GLU G 31 42.13 10.69 14.83
CA GLU G 31 42.67 12.01 14.55
C GLU G 31 42.83 12.20 13.04
N MET G 32 42.50 13.41 12.59
CA MET G 32 42.56 13.72 11.17
C MET G 32 43.99 13.82 10.67
N ASP G 33 44.23 13.29 9.48
CA ASP G 33 45.50 13.43 8.79
C ASP G 33 45.32 14.32 7.57
N VAL G 34 45.99 15.46 7.56
CA VAL G 34 45.75 16.46 6.52
C VAL G 34 46.29 16.03 5.15
N LEU G 35 47.37 15.24 5.11
CA LEU G 35 47.88 14.78 3.83
C LEU G 35 46.88 13.88 3.13
N LYS G 36 46.33 12.91 3.86
CA LYS G 36 45.26 12.08 3.33
C LYS G 36 44.06 12.93 2.92
N PHE G 37 43.78 14.01 3.64
CA PHE G 37 42.69 14.88 3.23
C PHE G 37 42.97 15.51 1.88
N LYS G 38 44.20 15.95 1.65
CA LYS G 38 44.53 16.54 0.36
C LYS G 38 44.42 15.51 -0.76
N GLN G 39 44.92 14.29 -0.54
CA GLN G 39 44.79 13.26 -1.56
C GLN G 39 43.33 12.94 -1.86
N ILE G 40 42.50 12.82 -0.83
CA ILE G 40 41.09 12.49 -1.03
C ILE G 40 40.36 13.64 -1.69
N ALA G 41 40.70 14.88 -1.35
CA ALA G 41 40.09 16.02 -2.01
C ALA G 41 40.45 16.06 -3.49
N GLY G 42 41.70 15.81 -3.83
CA GLY G 42 42.09 15.73 -5.23
C GLY G 42 41.36 14.62 -5.97
N SER G 43 41.27 13.45 -5.33
CA SER G 43 40.52 12.34 -5.93
C SER G 43 39.05 12.68 -6.10
N MET G 44 38.49 13.47 -5.19
CA MET G 44 37.09 13.87 -5.31
C MET G 44 36.89 14.81 -6.49
N LYS G 45 37.77 15.81 -6.63
CA LYS G 45 37.59 16.69 -7.79
C LYS G 45 37.95 16.00 -9.10
N PHE G 46 38.71 14.91 -9.06
CA PHE G 46 38.97 14.17 -10.29
C PHE G 46 37.81 13.25 -10.66
N ALA G 47 37.18 12.62 -9.65
CA ALA G 47 36.10 11.69 -9.94
C ALA G 47 34.80 12.42 -10.23
N PHE G 48 34.76 13.73 -10.00
CA PHE G 48 33.56 14.53 -10.23
C PHE G 48 33.69 15.44 -11.43
N GLY G 49 34.74 15.27 -12.22
CA GLY G 49 34.96 16.06 -13.42
C GLY G 49 35.21 17.53 -13.16
N VAL G 50 36.03 17.81 -12.14
CA VAL G 50 36.27 19.17 -11.69
C VAL G 50 37.77 19.44 -11.82
N GLN G 51 38.52 18.36 -12.07
CA GLN G 51 39.97 18.39 -12.30
C GLN G 51 40.72 19.32 -11.36
#